data_3D22
# 
_entry.id   3D22 
# 
_audit_conform.dict_name       mmcif_pdbx.dic 
_audit_conform.dict_version    5.397 
_audit_conform.dict_location   http://mmcif.pdb.org/dictionaries/ascii/mmcif_pdbx.dic 
# 
loop_
_database_2.database_id 
_database_2.database_code 
_database_2.pdbx_database_accession 
_database_2.pdbx_DOI 
PDB   3D22         pdb_00003d22 10.2210/pdb3d22/pdb 
RCSB  RCSB047493   ?            ?                   
WWPDB D_1000047493 ?            ?                   
# 
loop_
_pdbx_audit_revision_history.ordinal 
_pdbx_audit_revision_history.data_content_type 
_pdbx_audit_revision_history.major_revision 
_pdbx_audit_revision_history.minor_revision 
_pdbx_audit_revision_history.revision_date 
1 'Structure model' 1 0 2008-07-01 
2 'Structure model' 1 1 2011-07-13 
3 'Structure model' 1 2 2017-10-25 
4 'Structure model' 1 3 2021-10-20 
5 'Structure model' 1 4 2024-04-03 
6 'Structure model' 1 5 2024-10-16 
# 
_pdbx_audit_revision_details.ordinal             1 
_pdbx_audit_revision_details.revision_ordinal    1 
_pdbx_audit_revision_details.data_content_type   'Structure model' 
_pdbx_audit_revision_details.provider            repository 
_pdbx_audit_revision_details.type                'Initial release' 
_pdbx_audit_revision_details.description         ? 
_pdbx_audit_revision_details.details             ? 
# 
loop_
_pdbx_audit_revision_group.ordinal 
_pdbx_audit_revision_group.revision_ordinal 
_pdbx_audit_revision_group.data_content_type 
_pdbx_audit_revision_group.group 
1 2 'Structure model' 'Version format compliance' 
2 3 'Structure model' 'Refinement description'    
3 4 'Structure model' 'Data collection'           
4 4 'Structure model' 'Database references'       
5 4 'Structure model' 'Derived calculations'      
6 5 'Structure model' 'Data collection'           
7 5 'Structure model' 'Refinement description'    
8 6 'Structure model' 'Structure summary'         
# 
loop_
_pdbx_audit_revision_category.ordinal 
_pdbx_audit_revision_category.revision_ordinal 
_pdbx_audit_revision_category.data_content_type 
_pdbx_audit_revision_category.category 
1  3 'Structure model' software                      
2  4 'Structure model' database_2                    
3  4 'Structure model' diffrn_source                 
4  4 'Structure model' struct_ref_seq_dif            
5  4 'Structure model' struct_site                   
6  5 'Structure model' chem_comp_atom                
7  5 'Structure model' chem_comp_bond                
8  5 'Structure model' pdbx_initial_refinement_model 
9  6 'Structure model' pdbx_entry_details            
10 6 'Structure model' pdbx_modification_feature     
# 
loop_
_pdbx_audit_revision_item.ordinal 
_pdbx_audit_revision_item.revision_ordinal 
_pdbx_audit_revision_item.data_content_type 
_pdbx_audit_revision_item.item 
1 4 'Structure model' '_database_2.pdbx_DOI'                 
2 4 'Structure model' '_database_2.pdbx_database_accession'  
3 4 'Structure model' '_diffrn_source.pdbx_synchrotron_site' 
4 4 'Structure model' '_struct_ref_seq_dif.details'          
5 4 'Structure model' '_struct_site.pdbx_auth_asym_id'       
6 4 'Structure model' '_struct_site.pdbx_auth_comp_id'       
7 4 'Structure model' '_struct_site.pdbx_auth_seq_id'        
# 
_pdbx_database_status.entry_id                        3D22 
_pdbx_database_status.deposit_site                    RCSB 
_pdbx_database_status.process_site                    RCSB 
_pdbx_database_status.recvd_initial_deposition_date   2008-05-07 
_pdbx_database_status.status_code                     REL 
_pdbx_database_status.status_code_sf                  REL 
_pdbx_database_status.status_code_mr                  ? 
_pdbx_database_status.SG_entry                        ? 
_pdbx_database_status.pdb_format_compatible           Y 
_pdbx_database_status.status_code_cs                  ? 
_pdbx_database_status.methods_development_category    ? 
_pdbx_database_status.status_code_nmr_data            ? 
# 
_pdbx_database_related.db_name        PDB 
_pdbx_database_related.db_id          3D21 
_pdbx_database_related.details        'Same protein in wile type' 
_pdbx_database_related.content_type   unspecified 
# 
loop_
_audit_author.name 
_audit_author.pdbx_ordinal 
'Koh, C.S.'      1 
'Didierjean, C.' 2 
'Corbier, C.'    3 
'Rouhier, N.'    4 
'Jacquot, J.P.'  5 
'Gelhaye, E.'    6 
# 
_citation.id                        primary 
_citation.title                     'An Atypical Catalytic Mechanism Involving Three Cysteines of Thioredoxin.' 
_citation.journal_abbrev            J.Biol.Chem. 
_citation.journal_volume            283 
_citation.page_first                23062 
_citation.page_last                 23072 
_citation.year                      2008 
_citation.journal_id_ASTM           JBCHA3 
_citation.country                   US 
_citation.journal_id_ISSN           0021-9258 
_citation.journal_id_CSD            0071 
_citation.book_publisher            ? 
_citation.pdbx_database_id_PubMed   18552403 
_citation.pdbx_database_id_DOI      10.1074/jbc.M802093200 
# 
loop_
_citation_author.citation_id 
_citation_author.name 
_citation_author.ordinal 
_citation_author.identifier_ORCID 
primary 'Koh, C.S.'      1  ? 
primary 'Navrot, N.'     2  ? 
primary 'Didierjean, C.' 3  ? 
primary 'Rouhier, N.'    4  ? 
primary 'Hirasawa, M.'   5  ? 
primary 'Knaff, D.B.'    6  ? 
primary 'Wingsle, G.'    7  ? 
primary 'Samian, R.'     8  ? 
primary 'Jacquot, J.P.'  9  ? 
primary 'Corbier, C.'    10 ? 
primary 'Gelhaye, E.'    11 ? 
# 
loop_
_entity.id 
_entity.type 
_entity.src_method 
_entity.pdbx_description 
_entity.formula_weight 
_entity.pdbx_number_of_molecules 
_entity.pdbx_ec 
_entity.pdbx_mutation 
_entity.pdbx_fragment 
_entity.details 
1 polymer     man 'Thioredoxin H-type' 15678.719 1   ? 'C61S, K62R' ? ? 
2 non-polymer syn 'PHOSPHATE ION'      94.971    1   ? ?            ? ? 
3 water       nat water                18.015    115 ? ?            ? ? 
# 
_entity_name_com.entity_id   1 
_entity_name_com.name        Trxh4 
# 
_entity_poly.entity_id                      1 
_entity_poly.type                           'polypeptide(L)' 
_entity_poly.nstd_linkage                   no 
_entity_poly.nstd_monomer                   no 
_entity_poly.pdbx_seq_one_letter_code       
;MGLCLAKRNHDADDDEPHIELAGGNVHLITTKERWDQKLSEASRDGKIVLANFSARWCGPSRQIAPYYIELSENYPSLMF
LVIDVDELSDFSASWEIKATPTFFFLRDGQQVDKLVGANKPELHKKITAILDSLPPSDK
;
_entity_poly.pdbx_seq_one_letter_code_can   
;MGLCLAKRNHDADDDEPHIELAGGNVHLITTKERWDQKLSEASRDGKIVLANFSARWCGPSRQIAPYYIELSENYPSLMF
LVIDVDELSDFSASWEIKATPTFFFLRDGQQVDKLVGANKPELHKKITAILDSLPPSDK
;
_entity_poly.pdbx_strand_id                 A 
_entity_poly.pdbx_target_identifier         ? 
# 
loop_
_pdbx_entity_nonpoly.entity_id 
_pdbx_entity_nonpoly.name 
_pdbx_entity_nonpoly.comp_id 
2 'PHOSPHATE ION' PO4 
3 water           HOH 
# 
loop_
_entity_poly_seq.entity_id 
_entity_poly_seq.num 
_entity_poly_seq.mon_id 
_entity_poly_seq.hetero 
1 1   MET n 
1 2   GLY n 
1 3   LEU n 
1 4   CYS n 
1 5   LEU n 
1 6   ALA n 
1 7   LYS n 
1 8   ARG n 
1 9   ASN n 
1 10  HIS n 
1 11  ASP n 
1 12  ALA n 
1 13  ASP n 
1 14  ASP n 
1 15  ASP n 
1 16  GLU n 
1 17  PRO n 
1 18  HIS n 
1 19  ILE n 
1 20  GLU n 
1 21  LEU n 
1 22  ALA n 
1 23  GLY n 
1 24  GLY n 
1 25  ASN n 
1 26  VAL n 
1 27  HIS n 
1 28  LEU n 
1 29  ILE n 
1 30  THR n 
1 31  THR n 
1 32  LYS n 
1 33  GLU n 
1 34  ARG n 
1 35  TRP n 
1 36  ASP n 
1 37  GLN n 
1 38  LYS n 
1 39  LEU n 
1 40  SER n 
1 41  GLU n 
1 42  ALA n 
1 43  SER n 
1 44  ARG n 
1 45  ASP n 
1 46  GLY n 
1 47  LYS n 
1 48  ILE n 
1 49  VAL n 
1 50  LEU n 
1 51  ALA n 
1 52  ASN n 
1 53  PHE n 
1 54  SER n 
1 55  ALA n 
1 56  ARG n 
1 57  TRP n 
1 58  CYS n 
1 59  GLY n 
1 60  PRO n 
1 61  SER n 
1 62  ARG n 
1 63  GLN n 
1 64  ILE n 
1 65  ALA n 
1 66  PRO n 
1 67  TYR n 
1 68  TYR n 
1 69  ILE n 
1 70  GLU n 
1 71  LEU n 
1 72  SER n 
1 73  GLU n 
1 74  ASN n 
1 75  TYR n 
1 76  PRO n 
1 77  SER n 
1 78  LEU n 
1 79  MET n 
1 80  PHE n 
1 81  LEU n 
1 82  VAL n 
1 83  ILE n 
1 84  ASP n 
1 85  VAL n 
1 86  ASP n 
1 87  GLU n 
1 88  LEU n 
1 89  SER n 
1 90  ASP n 
1 91  PHE n 
1 92  SER n 
1 93  ALA n 
1 94  SER n 
1 95  TRP n 
1 96  GLU n 
1 97  ILE n 
1 98  LYS n 
1 99  ALA n 
1 100 THR n 
1 101 PRO n 
1 102 THR n 
1 103 PHE n 
1 104 PHE n 
1 105 PHE n 
1 106 LEU n 
1 107 ARG n 
1 108 ASP n 
1 109 GLY n 
1 110 GLN n 
1 111 GLN n 
1 112 VAL n 
1 113 ASP n 
1 114 LYS n 
1 115 LEU n 
1 116 VAL n 
1 117 GLY n 
1 118 ALA n 
1 119 ASN n 
1 120 LYS n 
1 121 PRO n 
1 122 GLU n 
1 123 LEU n 
1 124 HIS n 
1 125 LYS n 
1 126 LYS n 
1 127 ILE n 
1 128 THR n 
1 129 ALA n 
1 130 ILE n 
1 131 LEU n 
1 132 ASP n 
1 133 SER n 
1 134 LEU n 
1 135 PRO n 
1 136 PRO n 
1 137 SER n 
1 138 ASP n 
1 139 LYS n 
# 
_entity_src_gen.entity_id                          1 
_entity_src_gen.pdbx_src_id                        1 
_entity_src_gen.pdbx_alt_source_flag               sample 
_entity_src_gen.pdbx_seq_type                      ? 
_entity_src_gen.pdbx_beg_seq_num                   ? 
_entity_src_gen.pdbx_end_seq_num                   ? 
_entity_src_gen.gene_src_common_name               'Balm of Gilead' 
_entity_src_gen.gene_src_genus                     ? 
_entity_src_gen.pdbx_gene_src_gene                 ? 
_entity_src_gen.gene_src_species                   ? 
_entity_src_gen.gene_src_strain                    ? 
_entity_src_gen.gene_src_tissue                    ? 
_entity_src_gen.gene_src_tissue_fraction           ? 
_entity_src_gen.gene_src_details                   ? 
_entity_src_gen.pdbx_gene_src_fragment             ? 
_entity_src_gen.pdbx_gene_src_scientific_name      'Populus trichocarpa x Populus deltoides' 
_entity_src_gen.pdbx_gene_src_ncbi_taxonomy_id     3695 
_entity_src_gen.pdbx_gene_src_variant              ? 
_entity_src_gen.pdbx_gene_src_cell_line            ? 
_entity_src_gen.pdbx_gene_src_atcc                 ? 
_entity_src_gen.pdbx_gene_src_organ                ? 
_entity_src_gen.pdbx_gene_src_organelle            ? 
_entity_src_gen.pdbx_gene_src_cell                 ? 
_entity_src_gen.pdbx_gene_src_cellular_location    ? 
_entity_src_gen.host_org_common_name               ? 
_entity_src_gen.pdbx_host_org_scientific_name      'Escherichia coli' 
_entity_src_gen.pdbx_host_org_ncbi_taxonomy_id     ? 
_entity_src_gen.host_org_genus                     ? 
_entity_src_gen.pdbx_host_org_gene                 ? 
_entity_src_gen.pdbx_host_org_organ                ? 
_entity_src_gen.host_org_species                   ? 
_entity_src_gen.pdbx_host_org_tissue               ? 
_entity_src_gen.pdbx_host_org_tissue_fraction      ? 
_entity_src_gen.pdbx_host_org_strain               ? 
_entity_src_gen.pdbx_host_org_variant              ? 
_entity_src_gen.pdbx_host_org_cell_line            ? 
_entity_src_gen.pdbx_host_org_atcc                 ? 
_entity_src_gen.pdbx_host_org_culture_collection   ? 
_entity_src_gen.pdbx_host_org_cell                 ? 
_entity_src_gen.pdbx_host_org_organelle            ? 
_entity_src_gen.pdbx_host_org_cellular_location    ? 
_entity_src_gen.pdbx_host_org_vector_type          Plasmid 
_entity_src_gen.pdbx_host_org_vector               'BL21(DE3)' 
_entity_src_gen.host_org_details                   ? 
_entity_src_gen.expression_system_id               ? 
_entity_src_gen.plasmid_name                       pSBET 
_entity_src_gen.plasmid_details                    ? 
_entity_src_gen.pdbx_description                   ? 
# 
loop_
_chem_comp.id 
_chem_comp.type 
_chem_comp.mon_nstd_flag 
_chem_comp.name 
_chem_comp.pdbx_synonyms 
_chem_comp.formula 
_chem_comp.formula_weight 
ALA 'L-peptide linking' y ALANINE         ? 'C3 H7 N O2'     89.093  
ARG 'L-peptide linking' y ARGININE        ? 'C6 H15 N4 O2 1' 175.209 
ASN 'L-peptide linking' y ASPARAGINE      ? 'C4 H8 N2 O3'    132.118 
ASP 'L-peptide linking' y 'ASPARTIC ACID' ? 'C4 H7 N O4'     133.103 
CYS 'L-peptide linking' y CYSTEINE        ? 'C3 H7 N O2 S'   121.158 
GLN 'L-peptide linking' y GLUTAMINE       ? 'C5 H10 N2 O3'   146.144 
GLU 'L-peptide linking' y 'GLUTAMIC ACID' ? 'C5 H9 N O4'     147.129 
GLY 'peptide linking'   y GLYCINE         ? 'C2 H5 N O2'     75.067  
HIS 'L-peptide linking' y HISTIDINE       ? 'C6 H10 N3 O2 1' 156.162 
HOH non-polymer         . WATER           ? 'H2 O'           18.015  
ILE 'L-peptide linking' y ISOLEUCINE      ? 'C6 H13 N O2'    131.173 
LEU 'L-peptide linking' y LEUCINE         ? 'C6 H13 N O2'    131.173 
LYS 'L-peptide linking' y LYSINE          ? 'C6 H15 N2 O2 1' 147.195 
MET 'L-peptide linking' y METHIONINE      ? 'C5 H11 N O2 S'  149.211 
PHE 'L-peptide linking' y PHENYLALANINE   ? 'C9 H11 N O2'    165.189 
PO4 non-polymer         . 'PHOSPHATE ION' ? 'O4 P -3'        94.971  
PRO 'L-peptide linking' y PROLINE         ? 'C5 H9 N O2'     115.130 
SER 'L-peptide linking' y SERINE          ? 'C3 H7 N O3'     105.093 
THR 'L-peptide linking' y THREONINE       ? 'C4 H9 N O3'     119.119 
TRP 'L-peptide linking' y TRYPTOPHAN      ? 'C11 H12 N2 O2'  204.225 
TYR 'L-peptide linking' y TYROSINE        ? 'C9 H11 N O3'    181.189 
VAL 'L-peptide linking' y VALINE          ? 'C5 H11 N O2'    117.146 
# 
loop_
_pdbx_poly_seq_scheme.asym_id 
_pdbx_poly_seq_scheme.entity_id 
_pdbx_poly_seq_scheme.seq_id 
_pdbx_poly_seq_scheme.mon_id 
_pdbx_poly_seq_scheme.ndb_seq_num 
_pdbx_poly_seq_scheme.pdb_seq_num 
_pdbx_poly_seq_scheme.auth_seq_num 
_pdbx_poly_seq_scheme.pdb_mon_id 
_pdbx_poly_seq_scheme.auth_mon_id 
_pdbx_poly_seq_scheme.pdb_strand_id 
_pdbx_poly_seq_scheme.pdb_ins_code 
_pdbx_poly_seq_scheme.hetero 
A 1 1   MET 1   1   ?   ?   ?   A . n 
A 1 2   GLY 2   2   2   GLY GLY A . n 
A 1 3   LEU 3   3   3   LEU LEU A . n 
A 1 4   CYS 4   4   4   CYS CYS A . n 
A 1 5   LEU 5   5   5   LEU LEU A . n 
A 1 6   ALA 6   6   6   ALA ALA A . n 
A 1 7   LYS 7   7   ?   ?   ?   A . n 
A 1 8   ARG 8   8   ?   ?   ?   A . n 
A 1 9   ASN 9   9   ?   ?   ?   A . n 
A 1 10  HIS 10  10  ?   ?   ?   A . n 
A 1 11  ASP 11  11  ?   ?   ?   A . n 
A 1 12  ALA 12  12  ?   ?   ?   A . n 
A 1 13  ASP 13  13  ?   ?   ?   A . n 
A 1 14  ASP 14  14  ?   ?   ?   A . n 
A 1 15  ASP 15  15  ?   ?   ?   A . n 
A 1 16  GLU 16  16  16  GLU GLU A . n 
A 1 17  PRO 17  17  17  PRO PRO A . n 
A 1 18  HIS 18  18  18  HIS HIS A . n 
A 1 19  ILE 19  19  19  ILE ILE A . n 
A 1 20  GLU 20  20  20  GLU GLU A . n 
A 1 21  LEU 21  21  21  LEU LEU A . n 
A 1 22  ALA 22  22  22  ALA ALA A . n 
A 1 23  GLY 23  23  23  GLY GLY A . n 
A 1 24  GLY 24  24  24  GLY GLY A . n 
A 1 25  ASN 25  25  25  ASN ASN A . n 
A 1 26  VAL 26  26  26  VAL VAL A . n 
A 1 27  HIS 27  27  27  HIS HIS A . n 
A 1 28  LEU 28  28  28  LEU LEU A . n 
A 1 29  ILE 29  29  29  ILE ILE A . n 
A 1 30  THR 30  30  30  THR THR A . n 
A 1 31  THR 31  31  31  THR THR A . n 
A 1 32  LYS 32  32  32  LYS LYS A . n 
A 1 33  GLU 33  33  33  GLU GLU A . n 
A 1 34  ARG 34  34  34  ARG ARG A . n 
A 1 35  TRP 35  35  35  TRP TRP A . n 
A 1 36  ASP 36  36  36  ASP ASP A . n 
A 1 37  GLN 37  37  37  GLN GLN A . n 
A 1 38  LYS 38  38  38  LYS LYS A . n 
A 1 39  LEU 39  39  39  LEU LEU A . n 
A 1 40  SER 40  40  40  SER SER A . n 
A 1 41  GLU 41  41  41  GLU GLU A . n 
A 1 42  ALA 42  42  42  ALA ALA A . n 
A 1 43  SER 43  43  43  SER SER A . n 
A 1 44  ARG 44  44  44  ARG ARG A . n 
A 1 45  ASP 45  45  45  ASP ASP A . n 
A 1 46  GLY 46  46  46  GLY GLY A . n 
A 1 47  LYS 47  47  47  LYS LYS A . n 
A 1 48  ILE 48  48  48  ILE ILE A . n 
A 1 49  VAL 49  49  49  VAL VAL A . n 
A 1 50  LEU 50  50  50  LEU LEU A . n 
A 1 51  ALA 51  51  51  ALA ALA A . n 
A 1 52  ASN 52  52  52  ASN ASN A . n 
A 1 53  PHE 53  53  53  PHE PHE A . n 
A 1 54  SER 54  54  54  SER SER A . n 
A 1 55  ALA 55  55  55  ALA ALA A . n 
A 1 56  ARG 56  56  56  ARG ARG A . n 
A 1 57  TRP 57  57  57  TRP TRP A . n 
A 1 58  CYS 58  58  58  CYS CYS A . n 
A 1 59  GLY 59  59  59  GLY GLY A . n 
A 1 60  PRO 60  60  60  PRO PRO A . n 
A 1 61  SER 61  61  61  SER SER A . n 
A 1 62  ARG 62  62  62  ARG ARG A . n 
A 1 63  GLN 63  63  63  GLN GLN A . n 
A 1 64  ILE 64  64  64  ILE ILE A . n 
A 1 65  ALA 65  65  65  ALA ALA A . n 
A 1 66  PRO 66  66  66  PRO PRO A . n 
A 1 67  TYR 67  67  67  TYR TYR A . n 
A 1 68  TYR 68  68  68  TYR TYR A . n 
A 1 69  ILE 69  69  69  ILE ILE A . n 
A 1 70  GLU 70  70  70  GLU GLU A . n 
A 1 71  LEU 71  71  71  LEU LEU A . n 
A 1 72  SER 72  72  72  SER SER A . n 
A 1 73  GLU 73  73  73  GLU GLU A . n 
A 1 74  ASN 74  74  74  ASN ASN A . n 
A 1 75  TYR 75  75  75  TYR TYR A . n 
A 1 76  PRO 76  76  76  PRO PRO A . n 
A 1 77  SER 77  77  77  SER SER A . n 
A 1 78  LEU 78  78  78  LEU LEU A . n 
A 1 79  MET 79  79  79  MET MET A . n 
A 1 80  PHE 80  80  80  PHE PHE A . n 
A 1 81  LEU 81  81  81  LEU LEU A . n 
A 1 82  VAL 82  82  82  VAL VAL A . n 
A 1 83  ILE 83  83  83  ILE ILE A . n 
A 1 84  ASP 84  84  84  ASP ASP A . n 
A 1 85  VAL 85  85  85  VAL VAL A . n 
A 1 86  ASP 86  86  86  ASP ASP A . n 
A 1 87  GLU 87  87  87  GLU GLU A . n 
A 1 88  LEU 88  88  88  LEU LEU A . n 
A 1 89  SER 89  89  89  SER SER A . n 
A 1 90  ASP 90  90  90  ASP ASP A . n 
A 1 91  PHE 91  91  91  PHE PHE A . n 
A 1 92  SER 92  92  92  SER SER A . n 
A 1 93  ALA 93  93  93  ALA ALA A . n 
A 1 94  SER 94  94  94  SER SER A . n 
A 1 95  TRP 95  95  95  TRP TRP A . n 
A 1 96  GLU 96  96  96  GLU GLU A . n 
A 1 97  ILE 97  97  97  ILE ILE A . n 
A 1 98  LYS 98  98  98  LYS LYS A . n 
A 1 99  ALA 99  99  99  ALA ALA A . n 
A 1 100 THR 100 100 100 THR THR A . n 
A 1 101 PRO 101 101 101 PRO PRO A . n 
A 1 102 THR 102 102 102 THR THR A . n 
A 1 103 PHE 103 103 103 PHE PHE A . n 
A 1 104 PHE 104 104 104 PHE PHE A . n 
A 1 105 PHE 105 105 105 PHE PHE A . n 
A 1 106 LEU 106 106 106 LEU LEU A . n 
A 1 107 ARG 107 107 107 ARG ARG A . n 
A 1 108 ASP 108 108 108 ASP ASP A . n 
A 1 109 GLY 109 109 109 GLY GLY A . n 
A 1 110 GLN 110 110 110 GLN GLN A . n 
A 1 111 GLN 111 111 111 GLN GLN A . n 
A 1 112 VAL 112 112 112 VAL VAL A . n 
A 1 113 ASP 113 113 113 ASP ASP A . n 
A 1 114 LYS 114 114 114 LYS LYS A . n 
A 1 115 LEU 115 115 115 LEU LEU A . n 
A 1 116 VAL 116 116 116 VAL VAL A . n 
A 1 117 GLY 117 117 117 GLY GLY A . n 
A 1 118 ALA 118 118 118 ALA ALA A . n 
A 1 119 ASN 119 119 119 ASN ASN A . n 
A 1 120 LYS 120 120 120 LYS LYS A . n 
A 1 121 PRO 121 121 121 PRO PRO A . n 
A 1 122 GLU 122 122 122 GLU GLU A . n 
A 1 123 LEU 123 123 123 LEU LEU A . n 
A 1 124 HIS 124 124 124 HIS HIS A . n 
A 1 125 LYS 125 125 125 LYS LYS A . n 
A 1 126 LYS 126 126 126 LYS LYS A . n 
A 1 127 ILE 127 127 127 ILE ILE A . n 
A 1 128 THR 128 128 128 THR THR A . n 
A 1 129 ALA 129 129 129 ALA ALA A . n 
A 1 130 ILE 130 130 130 ILE ILE A . n 
A 1 131 LEU 131 131 131 LEU LEU A . n 
A 1 132 ASP 132 132 132 ASP ASP A . n 
A 1 133 SER 133 133 133 SER SER A . n 
A 1 134 LEU 134 134 134 LEU LEU A . n 
A 1 135 PRO 135 135 135 PRO PRO A . n 
A 1 136 PRO 136 136 136 PRO PRO A . n 
A 1 137 SER 137 137 137 SER SER A . n 
A 1 138 ASP 138 138 138 ASP ASP A . n 
A 1 139 LYS 139 139 139 LYS LYS A . n 
# 
loop_
_pdbx_nonpoly_scheme.asym_id 
_pdbx_nonpoly_scheme.entity_id 
_pdbx_nonpoly_scheme.mon_id 
_pdbx_nonpoly_scheme.ndb_seq_num 
_pdbx_nonpoly_scheme.pdb_seq_num 
_pdbx_nonpoly_scheme.auth_seq_num 
_pdbx_nonpoly_scheme.pdb_mon_id 
_pdbx_nonpoly_scheme.auth_mon_id 
_pdbx_nonpoly_scheme.pdb_strand_id 
_pdbx_nonpoly_scheme.pdb_ins_code 
B 2 PO4 1   140 1   PO4 PO4 A . 
C 3 HOH 1   141 1   HOH HOH A . 
C 3 HOH 2   142 2   HOH HOH A . 
C 3 HOH 3   143 3   HOH HOH A . 
C 3 HOH 4   144 4   HOH HOH A . 
C 3 HOH 5   145 5   HOH HOH A . 
C 3 HOH 6   146 6   HOH HOH A . 
C 3 HOH 7   147 7   HOH HOH A . 
C 3 HOH 8   148 8   HOH HOH A . 
C 3 HOH 9   149 9   HOH HOH A . 
C 3 HOH 10  150 10  HOH HOH A . 
C 3 HOH 11  151 11  HOH HOH A . 
C 3 HOH 12  152 12  HOH HOH A . 
C 3 HOH 13  153 13  HOH HOH A . 
C 3 HOH 14  154 14  HOH HOH A . 
C 3 HOH 15  155 15  HOH HOH A . 
C 3 HOH 16  156 16  HOH HOH A . 
C 3 HOH 17  157 17  HOH HOH A . 
C 3 HOH 18  158 18  HOH HOH A . 
C 3 HOH 19  159 19  HOH HOH A . 
C 3 HOH 20  160 20  HOH HOH A . 
C 3 HOH 21  161 21  HOH HOH A . 
C 3 HOH 22  162 22  HOH HOH A . 
C 3 HOH 23  163 23  HOH HOH A . 
C 3 HOH 24  164 24  HOH HOH A . 
C 3 HOH 25  165 25  HOH HOH A . 
C 3 HOH 26  166 26  HOH HOH A . 
C 3 HOH 27  167 27  HOH HOH A . 
C 3 HOH 28  168 28  HOH HOH A . 
C 3 HOH 29  169 29  HOH HOH A . 
C 3 HOH 30  170 30  HOH HOH A . 
C 3 HOH 31  171 31  HOH HOH A . 
C 3 HOH 32  172 32  HOH HOH A . 
C 3 HOH 33  173 33  HOH HOH A . 
C 3 HOH 34  174 34  HOH HOH A . 
C 3 HOH 35  175 35  HOH HOH A . 
C 3 HOH 36  176 36  HOH HOH A . 
C 3 HOH 37  177 37  HOH HOH A . 
C 3 HOH 38  178 38  HOH HOH A . 
C 3 HOH 39  179 39  HOH HOH A . 
C 3 HOH 40  180 40  HOH HOH A . 
C 3 HOH 41  181 41  HOH HOH A . 
C 3 HOH 42  182 42  HOH HOH A . 
C 3 HOH 43  183 43  HOH HOH A . 
C 3 HOH 44  184 44  HOH HOH A . 
C 3 HOH 45  185 45  HOH HOH A . 
C 3 HOH 46  186 46  HOH HOH A . 
C 3 HOH 47  187 47  HOH HOH A . 
C 3 HOH 48  188 48  HOH HOH A . 
C 3 HOH 49  189 49  HOH HOH A . 
C 3 HOH 50  190 50  HOH HOH A . 
C 3 HOH 51  191 51  HOH HOH A . 
C 3 HOH 52  192 52  HOH HOH A . 
C 3 HOH 53  193 53  HOH HOH A . 
C 3 HOH 54  194 54  HOH HOH A . 
C 3 HOH 55  195 55  HOH HOH A . 
C 3 HOH 56  196 56  HOH HOH A . 
C 3 HOH 57  197 57  HOH HOH A . 
C 3 HOH 58  198 58  HOH HOH A . 
C 3 HOH 59  199 59  HOH HOH A . 
C 3 HOH 60  200 60  HOH HOH A . 
C 3 HOH 61  201 61  HOH HOH A . 
C 3 HOH 62  202 62  HOH HOH A . 
C 3 HOH 63  203 63  HOH HOH A . 
C 3 HOH 64  204 64  HOH HOH A . 
C 3 HOH 65  205 65  HOH HOH A . 
C 3 HOH 66  206 66  HOH HOH A . 
C 3 HOH 67  207 67  HOH HOH A . 
C 3 HOH 68  208 68  HOH HOH A . 
C 3 HOH 69  209 69  HOH HOH A . 
C 3 HOH 70  210 70  HOH HOH A . 
C 3 HOH 71  211 71  HOH HOH A . 
C 3 HOH 72  212 72  HOH HOH A . 
C 3 HOH 73  213 73  HOH HOH A . 
C 3 HOH 74  214 74  HOH HOH A . 
C 3 HOH 75  215 75  HOH HOH A . 
C 3 HOH 76  216 76  HOH HOH A . 
C 3 HOH 77  217 77  HOH HOH A . 
C 3 HOH 78  218 78  HOH HOH A . 
C 3 HOH 79  219 79  HOH HOH A . 
C 3 HOH 80  220 80  HOH HOH A . 
C 3 HOH 81  221 81  HOH HOH A . 
C 3 HOH 82  222 82  HOH HOH A . 
C 3 HOH 83  223 83  HOH HOH A . 
C 3 HOH 84  224 84  HOH HOH A . 
C 3 HOH 85  225 85  HOH HOH A . 
C 3 HOH 86  226 86  HOH HOH A . 
C 3 HOH 87  227 87  HOH HOH A . 
C 3 HOH 88  228 88  HOH HOH A . 
C 3 HOH 89  229 89  HOH HOH A . 
C 3 HOH 90  230 90  HOH HOH A . 
C 3 HOH 91  231 91  HOH HOH A . 
C 3 HOH 92  232 92  HOH HOH A . 
C 3 HOH 93  233 93  HOH HOH A . 
C 3 HOH 94  234 94  HOH HOH A . 
C 3 HOH 95  235 95  HOH HOH A . 
C 3 HOH 96  236 96  HOH HOH A . 
C 3 HOH 97  237 97  HOH HOH A . 
C 3 HOH 98  238 98  HOH HOH A . 
C 3 HOH 99  239 99  HOH HOH A . 
C 3 HOH 100 240 100 HOH HOH A . 
C 3 HOH 101 241 101 HOH HOH A . 
C 3 HOH 102 242 102 HOH HOH A . 
C 3 HOH 103 243 103 HOH HOH A . 
C 3 HOH 104 244 104 HOH HOH A . 
C 3 HOH 105 245 105 HOH HOH A . 
C 3 HOH 106 246 106 HOH HOH A . 
C 3 HOH 107 247 107 HOH HOH A . 
C 3 HOH 108 248 108 HOH HOH A . 
C 3 HOH 109 249 109 HOH HOH A . 
C 3 HOH 110 250 110 HOH HOH A . 
C 3 HOH 111 251 111 HOH HOH A . 
C 3 HOH 112 252 112 HOH HOH A . 
C 3 HOH 113 253 113 HOH HOH A . 
C 3 HOH 114 254 114 HOH HOH A . 
C 3 HOH 115 255 115 HOH HOH A . 
# 
loop_
_software.name 
_software.version 
_software.date 
_software.type 
_software.contact_author 
_software.contact_author_email 
_software.classification 
_software.location 
_software.language 
_software.citation_id 
_software.pdbx_ordinal 
DENZO       .        ?                    package 'Zbyszek Otwinowski' zbyszek@mix.swmed.edu    'data reduction'  
http://www.lnls.br/infra/linhasluz/denzo-hkl.htm ?          ? 1 
SCALEPACK   .        ?                    package 'Zbyszek Otwinowski' zbyszek@mix.swmed.edu    'data scaling'    
http://www.lnls.br/infra/linhasluz/denzo-hkl.htm ?          ? 2 
REFMAC      5.2.0019 ?                    program 'Murshudov, G.N.'    ccp4@dl.ac.uk            refinement        
http://www.ccp4.ac.uk/main.html                  Fortran_77 ? 3 
PDB_EXTRACT 3.005    'September 10, 2007' package PDB                  sw-help@rcsb.rutgers.edu 'data extraction' 
http://pdb.rutgers.edu/software/                 C++        ? 4 
HKL-2000    .        ?                    ?       ?                    ?                        'data collection' ? ?          ? 5 
MOLREP      .        ?                    ?       ?                    ?                        phasing           ? ?          ? 6 
# 
_cell.length_a           31.776 
_cell.length_b           44.103 
_cell.length_c           85.678 
_cell.angle_alpha        90.000 
_cell.angle_beta         90.000 
_cell.angle_gamma        90.000 
_cell.entry_id           3D22 
_cell.pdbx_unique_axis   ? 
_cell.Z_PDB              4 
_cell.length_a_esd       ? 
_cell.length_b_esd       ? 
_cell.length_c_esd       ? 
_cell.angle_alpha_esd    ? 
_cell.angle_beta_esd     ? 
_cell.angle_gamma_esd    ? 
# 
_symmetry.space_group_name_H-M             'P 21 21 21' 
_symmetry.entry_id                         3D22 
_symmetry.pdbx_full_space_group_name_H-M   ? 
_symmetry.Int_Tables_number                19 
_symmetry.cell_setting                     ? 
_symmetry.space_group_name_Hall            ? 
# 
_exptl.crystals_number   1 
_exptl.entry_id          3D22 
_exptl.method            'X-RAY DIFFRACTION' 
# 
_exptl_crystal.id                    1 
_exptl_crystal.density_Matthews      1.91 
_exptl_crystal.density_meas          ? 
_exptl_crystal.density_percent_sol   35.75 
_exptl_crystal.description           ? 
_exptl_crystal.F_000                 ? 
_exptl_crystal.preparation           ? 
# 
_exptl_crystal_grow.crystal_id      1 
_exptl_crystal_grow.method          'microbatch under oil' 
_exptl_crystal_grow.pH              8.2 
_exptl_crystal_grow.temp            293 
_exptl_crystal_grow.temp_details    ? 
_exptl_crystal_grow.pdbx_details    '1.0 M sodium / potassium phosphate , pH 8.2, microbatch under oil, temperature 293K' 
_exptl_crystal_grow.pdbx_pH_range   . 
# 
_diffrn.id                     1 
_diffrn.ambient_temp           100.0 
_diffrn.ambient_temp_details   ? 
_diffrn.crystal_id             1 
# 
_diffrn_detector.diffrn_id              1 
_diffrn_detector.detector               CCD 
_diffrn_detector.type                   'MAR CCD 165 mm' 
_diffrn_detector.pdbx_collection_date   2005-03-15 
_diffrn_detector.details                mirrors 
# 
_diffrn_radiation.diffrn_id                        1 
_diffrn_radiation.wavelength_id                    1 
_diffrn_radiation.pdbx_diffrn_protocol             'SINGLE WAVELENGTH' 
_diffrn_radiation.monochromator                    'Fixed exit double crystal Si [111], horizontally focussing' 
_diffrn_radiation.pdbx_monochromatic_or_laue_m_l   M 
_diffrn_radiation.pdbx_scattering_type             x-ray 
# 
_diffrn_radiation_wavelength.id           1 
_diffrn_radiation_wavelength.wavelength   1.24 
_diffrn_radiation_wavelength.wt           1.0 
# 
_diffrn_source.diffrn_id                   1 
_diffrn_source.source                      SYNCHROTRON 
_diffrn_source.type                        'EMBL/DESY, HAMBURG BEAMLINE BW7A' 
_diffrn_source.pdbx_wavelength             ? 
_diffrn_source.pdbx_wavelength_list        1.24 
_diffrn_source.pdbx_synchrotron_site       'EMBL/DESY, HAMBURG' 
_diffrn_source.pdbx_synchrotron_beamline   BW7A 
# 
_reflns.entry_id                     3D22 
_reflns.observed_criterion_sigma_F   0.0 
_reflns.observed_criterion_sigma_I   0.0 
_reflns.d_resolution_high            1.60 
_reflns.d_resolution_low             30.0 
_reflns.number_all                   16333 
_reflns.number_obs                   16333 
_reflns.percent_possible_obs         98.5 
_reflns.pdbx_Rmerge_I_obs            ? 
_reflns.pdbx_Rsym_value              ? 
_reflns.pdbx_netI_over_sigmaI        ? 
_reflns.B_iso_Wilson_estimate        ? 
_reflns.pdbx_redundancy              ? 
_reflns.R_free_details               ? 
_reflns.limit_h_max                  ? 
_reflns.limit_h_min                  ? 
_reflns.limit_k_max                  ? 
_reflns.limit_k_min                  ? 
_reflns.limit_l_max                  ? 
_reflns.limit_l_min                  ? 
_reflns.observed_criterion_F_max     ? 
_reflns.observed_criterion_F_min     ? 
_reflns.pdbx_chi_squared             ? 
_reflns.pdbx_scaling_rejects         ? 
_reflns.pdbx_diffrn_id               1 
_reflns.pdbx_ordinal                 1 
# 
_reflns_shell.d_res_high             1.60 
_reflns_shell.d_res_low              1.66 
_reflns_shell.percent_possible_obs   ? 
_reflns_shell.percent_possible_all   98.4 
_reflns_shell.Rmerge_I_obs           ? 
_reflns_shell.meanI_over_sigI_obs    ? 
_reflns_shell.pdbx_Rsym_value        ? 
_reflns_shell.pdbx_redundancy        ? 
_reflns_shell.number_unique_all      ? 
_reflns_shell.number_measured_all    ? 
_reflns_shell.number_measured_obs    ? 
_reflns_shell.number_unique_obs      ? 
_reflns_shell.pdbx_chi_squared       ? 
_reflns_shell.pdbx_diffrn_id         ? 
_reflns_shell.pdbx_ordinal           1 
# 
_refine.entry_id                                 3D22 
_refine.ls_d_res_high                            1.600 
_refine.ls_d_res_low                             30.000 
_refine.pdbx_ls_sigma_F                          0.00 
_refine.ls_percent_reflns_obs                    98.610 
_refine.ls_number_reflns_obs                     16295 
_refine.pdbx_ls_cross_valid_method               THROUGHOUT 
_refine.pdbx_R_Free_selection_details            RANDOM 
_refine.ls_R_factor_obs                          0.191 
_refine.ls_R_factor_R_work                       0.191 
_refine.ls_R_factor_R_free                       0.196 
_refine.ls_percent_reflns_R_free                 5.100 
_refine.ls_number_reflns_R_free                  825 
_refine.B_iso_mean                               21.691 
_refine.aniso_B[1][1]                            -0.250 
_refine.aniso_B[2][2]                            0.110 
_refine.aniso_B[3][3]                            0.150 
_refine.aniso_B[1][2]                            0.000 
_refine.aniso_B[1][3]                            0.000 
_refine.aniso_B[2][3]                            0.000 
_refine.correlation_coeff_Fo_to_Fc               0.958 
_refine.correlation_coeff_Fo_to_Fc_free          0.960 
_refine.pdbx_overall_ESU_R                       0.101 
_refine.pdbx_overall_ESU_R_Free                  0.087 
_refine.overall_SU_ML                            0.052 
_refine.overall_SU_B                             1.426 
_refine.solvent_model_details                    MASK 
_refine.pdbx_solvent_vdw_probe_radii             1.200 
_refine.pdbx_solvent_ion_probe_radii             0.800 
_refine.pdbx_solvent_shrinkage_radii             0.800 
_refine.pdbx_method_to_determine_struct          'MOLECULAR REPLACEMENT' 
_refine.pdbx_stereochemistry_target_values       'MAXIMUM LIKELIHOOD' 
_refine.pdbx_ls_sigma_I                          ? 
_refine.ls_number_reflns_all                     ? 
_refine.ls_R_factor_all                          0.191 
_refine.ls_redundancy_reflns_obs                 ? 
_refine.pdbx_data_cutoff_high_absF               ? 
_refine.pdbx_data_cutoff_low_absF                ? 
_refine.ls_number_parameters                     ? 
_refine.ls_number_restraints                     ? 
_refine.ls_R_factor_R_free_error                 ? 
_refine.ls_R_factor_R_free_error_details         ? 
_refine.pdbx_starting_model                      'wild-type PtTrxh4' 
_refine.pdbx_stereochem_target_val_spec_case     ? 
_refine.solvent_model_param_bsol                 ? 
_refine.solvent_model_param_ksol                 ? 
_refine.occupancy_max                            ? 
_refine.occupancy_min                            ? 
_refine.pdbx_isotropic_thermal_model             isotropic 
_refine.details                                  ? 
_refine.B_iso_min                                ? 
_refine.B_iso_max                                ? 
_refine.overall_SU_R_Cruickshank_DPI             ? 
_refine.overall_SU_R_free                        ? 
_refine.pdbx_data_cutoff_high_rms_absF           ? 
_refine.ls_wR_factor_R_free                      ? 
_refine.ls_wR_factor_R_work                      ? 
_refine.overall_FOM_free_R_set                   ? 
_refine.overall_FOM_work_R_set                   ? 
_refine.pdbx_overall_phase_error                 ? 
_refine.pdbx_refine_id                           'X-RAY DIFFRACTION' 
_refine.pdbx_diffrn_id                           1 
_refine.pdbx_TLS_residual_ADP_flag               ? 
_refine.pdbx_overall_SU_R_free_Cruickshank_DPI   ? 
_refine.pdbx_overall_SU_R_Blow_DPI               ? 
_refine.pdbx_overall_SU_R_free_Blow_DPI          ? 
# 
_refine_analyze.entry_id                        3D22 
_refine_analyze.Luzzati_coordinate_error_obs    0.32 
_refine_analyze.Luzzati_sigma_a_obs             0.07 
_refine_analyze.Luzzati_d_res_low_obs           5.00 
_refine_analyze.Luzzati_coordinate_error_free   ? 
_refine_analyze.Luzzati_sigma_a_free            ? 
_refine_analyze.Luzzati_d_res_low_free          ? 
_refine_analyze.number_disordered_residues      ? 
_refine_analyze.occupancy_sum_non_hydrogen      ? 
_refine_analyze.occupancy_sum_hydrogen          ? 
_refine_analyze.pdbx_Luzzati_d_res_high_obs     ? 
_refine_analyze.pdbx_refine_id                  'X-RAY DIFFRACTION' 
# 
_refine_hist.pdbx_refine_id                   'X-RAY DIFFRACTION' 
_refine_hist.cycle_id                         LAST 
_refine_hist.pdbx_number_atoms_protein        1021 
_refine_hist.pdbx_number_atoms_nucleic_acid   0 
_refine_hist.pdbx_number_atoms_ligand         5 
_refine_hist.number_atoms_solvent             115 
_refine_hist.number_atoms_total               1141 
_refine_hist.d_res_high                       1.600 
_refine_hist.d_res_low                        30.000 
# 
loop_
_refine_ls_restr.type 
_refine_ls_restr.number 
_refine_ls_restr.dev_ideal 
_refine_ls_restr.dev_ideal_target 
_refine_ls_restr.weight 
_refine_ls_restr.pdbx_refine_id 
_refine_ls_restr.pdbx_restraint_function 
r_bond_refined_d         1050 0.010  0.022  ? 'X-RAY DIFFRACTION' ? 
r_angle_refined_deg      1425 1.239  1.976  ? 'X-RAY DIFFRACTION' ? 
r_dihedral_angle_1_deg   127  5.604  5.000  ? 'X-RAY DIFFRACTION' ? 
r_dihedral_angle_2_deg   46   38.575 24.565 ? 'X-RAY DIFFRACTION' ? 
r_dihedral_angle_3_deg   180  12.381 15.000 ? 'X-RAY DIFFRACTION' ? 
r_dihedral_angle_4_deg   5    10.510 15.000 ? 'X-RAY DIFFRACTION' ? 
r_chiral_restr           157  0.087  0.200  ? 'X-RAY DIFFRACTION' ? 
r_gen_planes_refined     787  0.005  0.020  ? 'X-RAY DIFFRACTION' ? 
r_nbd_refined            448  0.206  0.200  ? 'X-RAY DIFFRACTION' ? 
r_nbtor_refined          707  0.306  0.200  ? 'X-RAY DIFFRACTION' ? 
r_xyhbond_nbd_refined    70   0.135  0.200  ? 'X-RAY DIFFRACTION' ? 
r_symmetry_vdw_refined   56   0.174  0.200  ? 'X-RAY DIFFRACTION' ? 
r_symmetry_hbond_refined 41   0.126  0.200  ? 'X-RAY DIFFRACTION' ? 
r_mcbond_it              658  0.797  1.500  ? 'X-RAY DIFFRACTION' ? 
r_mcangle_it             1041 1.364  2.000  ? 'X-RAY DIFFRACTION' ? 
r_scbond_it              443  2.107  3.000  ? 'X-RAY DIFFRACTION' ? 
r_scangle_it             384  3.249  4.500  ? 'X-RAY DIFFRACTION' ? 
# 
_refine_ls_shell.d_res_high                       1.600 
_refine_ls_shell.d_res_low                        1.641 
_refine_ls_shell.pdbx_total_number_of_bins_used   20 
_refine_ls_shell.percent_reflns_obs               98.740 
_refine_ls_shell.number_reflns_R_work             1133 
_refine_ls_shell.R_factor_all                     ? 
_refine_ls_shell.R_factor_R_work                  0.235 
_refine_ls_shell.R_factor_R_free                  0.339 
_refine_ls_shell.percent_reflns_R_free            ? 
_refine_ls_shell.number_reflns_R_free             45 
_refine_ls_shell.R_factor_R_free_error            ? 
_refine_ls_shell.number_reflns_all                1178 
_refine_ls_shell.number_reflns_obs                1133 
_refine_ls_shell.redundancy_reflns_obs            ? 
_refine_ls_shell.pdbx_refine_id                   'X-RAY DIFFRACTION' 
# 
_struct.entry_id                  3D22 
_struct.title                     'Crystal structure of a poplar thioredoxin h mutant, PtTrxh4C61S' 
_struct.pdbx_model_details        ? 
_struct.pdbx_CASP_flag            ? 
_struct.pdbx_model_type_details   ? 
# 
_struct_keywords.entry_id        3D22 
_struct_keywords.pdbx_keywords   OXIDOREDUCTASE 
_struct_keywords.text            'thioredoxin h, Electron transport, Cytoplasm, Redox-active center, Transport, OXIDOREDUCTASE' 
# 
loop_
_struct_asym.id 
_struct_asym.pdbx_blank_PDB_chainid_flag 
_struct_asym.pdbx_modified 
_struct_asym.entity_id 
_struct_asym.details 
A N N 1 ? 
B N N 2 ? 
C N N 3 ? 
# 
_struct_ref.id                         1 
_struct_ref.db_name                    UNP 
_struct_ref.db_code                    TRXH_POPJC 
_struct_ref.pdbx_db_accession          P85801 
_struct_ref.entity_id                  1 
_struct_ref.pdbx_seq_one_letter_code   
;MGLCLAKRNHDADDDEPHIELAGGNVHLITTKERWDQKLSEASRDGKIVLANFSARWCGPCKQIAPYYIELSENYPSLMF
LVIDVDELSDFSASWEIKATPTFFFLRDGQQVDKLVGANKPELHKKITAILDSLPPSDK
;
_struct_ref.pdbx_align_begin           1 
_struct_ref.pdbx_db_isoform            ? 
# 
_struct_ref_seq.align_id                      1 
_struct_ref_seq.ref_id                        1 
_struct_ref_seq.pdbx_PDB_id_code              3D22 
_struct_ref_seq.pdbx_strand_id                A 
_struct_ref_seq.seq_align_beg                 1 
_struct_ref_seq.pdbx_seq_align_beg_ins_code   ? 
_struct_ref_seq.seq_align_end                 139 
_struct_ref_seq.pdbx_seq_align_end_ins_code   ? 
_struct_ref_seq.pdbx_db_accession             P85801 
_struct_ref_seq.db_align_beg                  1 
_struct_ref_seq.pdbx_db_align_beg_ins_code    ? 
_struct_ref_seq.db_align_end                  139 
_struct_ref_seq.pdbx_db_align_end_ins_code    ? 
_struct_ref_seq.pdbx_auth_seq_align_beg       1 
_struct_ref_seq.pdbx_auth_seq_align_end       139 
# 
loop_
_struct_ref_seq_dif.align_id 
_struct_ref_seq_dif.pdbx_pdb_id_code 
_struct_ref_seq_dif.mon_id 
_struct_ref_seq_dif.pdbx_pdb_strand_id 
_struct_ref_seq_dif.seq_num 
_struct_ref_seq_dif.pdbx_pdb_ins_code 
_struct_ref_seq_dif.pdbx_seq_db_name 
_struct_ref_seq_dif.pdbx_seq_db_accession_code 
_struct_ref_seq_dif.db_mon_id 
_struct_ref_seq_dif.pdbx_seq_db_seq_num 
_struct_ref_seq_dif.details 
_struct_ref_seq_dif.pdbx_auth_seq_num 
_struct_ref_seq_dif.pdbx_ordinal 
1 3D22 SER A 61 ? UNP P85801 CYS 61 'engineered mutation' 61 1 
1 3D22 ARG A 62 ? UNP P85801 LYS 62 'engineered mutation' 62 2 
# 
_pdbx_struct_assembly.id                   1 
_pdbx_struct_assembly.details              software_defined_assembly 
_pdbx_struct_assembly.method_details       PISA 
_pdbx_struct_assembly.oligomeric_details   monomeric 
_pdbx_struct_assembly.oligomeric_count     1 
# 
_pdbx_struct_assembly_gen.assembly_id       1 
_pdbx_struct_assembly_gen.oper_expression   1 
_pdbx_struct_assembly_gen.asym_id_list      A,B,C 
# 
_pdbx_struct_oper_list.id                   1 
_pdbx_struct_oper_list.type                 'identity operation' 
_pdbx_struct_oper_list.name                 1_555 
_pdbx_struct_oper_list.symmetry_operation   x,y,z 
_pdbx_struct_oper_list.matrix[1][1]         1.0000000000 
_pdbx_struct_oper_list.matrix[1][2]         0.0000000000 
_pdbx_struct_oper_list.matrix[1][3]         0.0000000000 
_pdbx_struct_oper_list.vector[1]            0.0000000000 
_pdbx_struct_oper_list.matrix[2][1]         0.0000000000 
_pdbx_struct_oper_list.matrix[2][2]         1.0000000000 
_pdbx_struct_oper_list.matrix[2][3]         0.0000000000 
_pdbx_struct_oper_list.vector[2]            0.0000000000 
_pdbx_struct_oper_list.matrix[3][1]         0.0000000000 
_pdbx_struct_oper_list.matrix[3][2]         0.0000000000 
_pdbx_struct_oper_list.matrix[3][3]         1.0000000000 
_pdbx_struct_oper_list.vector[3]            0.0000000000 
# 
_struct_biol.id        1 
_struct_biol.details   ? 
# 
loop_
_struct_conf.conf_type_id 
_struct_conf.id 
_struct_conf.pdbx_PDB_helix_id 
_struct_conf.beg_label_comp_id 
_struct_conf.beg_label_asym_id 
_struct_conf.beg_label_seq_id 
_struct_conf.pdbx_beg_PDB_ins_code 
_struct_conf.end_label_comp_id 
_struct_conf.end_label_asym_id 
_struct_conf.end_label_seq_id 
_struct_conf.pdbx_end_PDB_ins_code 
_struct_conf.beg_auth_comp_id 
_struct_conf.beg_auth_asym_id 
_struct_conf.beg_auth_seq_id 
_struct_conf.end_auth_comp_id 
_struct_conf.end_auth_asym_id 
_struct_conf.end_auth_seq_id 
_struct_conf.pdbx_PDB_helix_class 
_struct_conf.details 
_struct_conf.pdbx_PDB_helix_length 
HELX_P HELX_P1 1 THR A 31  ? GLY A 46  ? THR A 31  GLY A 46  1 ? 16 
HELX_P HELX_P2 2 CYS A 58  ? TYR A 75  ? CYS A 58  TYR A 75  1 ? 18 
HELX_P HELX_P3 3 LEU A 88  ? TRP A 95  ? LEU A 88  TRP A 95  1 ? 8  
HELX_P HELX_P4 4 ASN A 119 ? SER A 133 ? ASN A 119 SER A 133 1 ? 15 
# 
_struct_conf_type.id          HELX_P 
_struct_conf_type.criteria    ? 
_struct_conf_type.reference   ? 
# 
_struct_conn.id                            disulf1 
_struct_conn.conn_type_id                  disulf 
_struct_conn.pdbx_leaving_atom_flag        ? 
_struct_conn.pdbx_PDB_id                   ? 
_struct_conn.ptnr1_label_asym_id           A 
_struct_conn.ptnr1_label_comp_id           CYS 
_struct_conn.ptnr1_label_seq_id            4 
_struct_conn.ptnr1_label_atom_id           SG 
_struct_conn.pdbx_ptnr1_label_alt_id       ? 
_struct_conn.pdbx_ptnr1_PDB_ins_code       ? 
_struct_conn.pdbx_ptnr1_standard_comp_id   ? 
_struct_conn.ptnr1_symmetry                1_555 
_struct_conn.ptnr2_label_asym_id           A 
_struct_conn.ptnr2_label_comp_id           CYS 
_struct_conn.ptnr2_label_seq_id            58 
_struct_conn.ptnr2_label_atom_id           SG 
_struct_conn.pdbx_ptnr2_label_alt_id       ? 
_struct_conn.pdbx_ptnr2_PDB_ins_code       ? 
_struct_conn.ptnr1_auth_asym_id            A 
_struct_conn.ptnr1_auth_comp_id            CYS 
_struct_conn.ptnr1_auth_seq_id             4 
_struct_conn.ptnr2_auth_asym_id            A 
_struct_conn.ptnr2_auth_comp_id            CYS 
_struct_conn.ptnr2_auth_seq_id             58 
_struct_conn.ptnr2_symmetry                1_555 
_struct_conn.pdbx_ptnr3_label_atom_id      ? 
_struct_conn.pdbx_ptnr3_label_seq_id       ? 
_struct_conn.pdbx_ptnr3_label_comp_id      ? 
_struct_conn.pdbx_ptnr3_label_asym_id      ? 
_struct_conn.pdbx_ptnr3_label_alt_id       ? 
_struct_conn.pdbx_ptnr3_PDB_ins_code       ? 
_struct_conn.details                       ? 
_struct_conn.pdbx_dist_value               2.087 
_struct_conn.pdbx_value_order              ? 
_struct_conn.pdbx_role                     ? 
# 
_struct_conn_type.id          disulf 
_struct_conn_type.criteria    ? 
_struct_conn_type.reference   ? 
# 
_pdbx_modification_feature.ordinal                            1 
_pdbx_modification_feature.label_comp_id                      CYS 
_pdbx_modification_feature.label_asym_id                      A 
_pdbx_modification_feature.label_seq_id                       4 
_pdbx_modification_feature.label_alt_id                       ? 
_pdbx_modification_feature.modified_residue_label_comp_id     CYS 
_pdbx_modification_feature.modified_residue_label_asym_id     A 
_pdbx_modification_feature.modified_residue_label_seq_id      58 
_pdbx_modification_feature.modified_residue_label_alt_id      ? 
_pdbx_modification_feature.auth_comp_id                       CYS 
_pdbx_modification_feature.auth_asym_id                       A 
_pdbx_modification_feature.auth_seq_id                        4 
_pdbx_modification_feature.PDB_ins_code                       ? 
_pdbx_modification_feature.symmetry                           1_555 
_pdbx_modification_feature.modified_residue_auth_comp_id      CYS 
_pdbx_modification_feature.modified_residue_auth_asym_id      A 
_pdbx_modification_feature.modified_residue_auth_seq_id       58 
_pdbx_modification_feature.modified_residue_PDB_ins_code      ? 
_pdbx_modification_feature.modified_residue_symmetry          1_555 
_pdbx_modification_feature.comp_id_linking_atom               SG 
_pdbx_modification_feature.modified_residue_id_linking_atom   SG 
_pdbx_modification_feature.modified_residue_id                . 
_pdbx_modification_feature.ref_pcm_id                         . 
_pdbx_modification_feature.ref_comp_id                        . 
_pdbx_modification_feature.type                               None 
_pdbx_modification_feature.category                           'Disulfide bridge' 
# 
_struct_mon_prot_cis.pdbx_id                1 
_struct_mon_prot_cis.label_comp_id          THR 
_struct_mon_prot_cis.label_seq_id           100 
_struct_mon_prot_cis.label_asym_id          A 
_struct_mon_prot_cis.label_alt_id           . 
_struct_mon_prot_cis.pdbx_PDB_ins_code      ? 
_struct_mon_prot_cis.auth_comp_id           THR 
_struct_mon_prot_cis.auth_seq_id            100 
_struct_mon_prot_cis.auth_asym_id           A 
_struct_mon_prot_cis.pdbx_label_comp_id_2   PRO 
_struct_mon_prot_cis.pdbx_label_seq_id_2    101 
_struct_mon_prot_cis.pdbx_label_asym_id_2   A 
_struct_mon_prot_cis.pdbx_PDB_ins_code_2    ? 
_struct_mon_prot_cis.pdbx_auth_comp_id_2    PRO 
_struct_mon_prot_cis.pdbx_auth_seq_id_2     101 
_struct_mon_prot_cis.pdbx_auth_asym_id_2    A 
_struct_mon_prot_cis.pdbx_PDB_model_num     1 
_struct_mon_prot_cis.pdbx_omega_angle       -4.61 
# 
loop_
_struct_sheet.id 
_struct_sheet.type 
_struct_sheet.number_strands 
_struct_sheet.details 
A ? 2 ? 
B ? 5 ? 
# 
loop_
_struct_sheet_order.sheet_id 
_struct_sheet_order.range_id_1 
_struct_sheet_order.range_id_2 
_struct_sheet_order.offset 
_struct_sheet_order.sense 
A 1 2 ? anti-parallel 
B 1 2 ? parallel      
B 2 3 ? parallel      
B 3 4 ? anti-parallel 
B 4 5 ? anti-parallel 
# 
loop_
_struct_sheet_range.sheet_id 
_struct_sheet_range.id 
_struct_sheet_range.beg_label_comp_id 
_struct_sheet_range.beg_label_asym_id 
_struct_sheet_range.beg_label_seq_id 
_struct_sheet_range.pdbx_beg_PDB_ins_code 
_struct_sheet_range.end_label_comp_id 
_struct_sheet_range.end_label_asym_id 
_struct_sheet_range.end_label_seq_id 
_struct_sheet_range.pdbx_end_PDB_ins_code 
_struct_sheet_range.beg_auth_comp_id 
_struct_sheet_range.beg_auth_asym_id 
_struct_sheet_range.beg_auth_seq_id 
_struct_sheet_range.end_auth_comp_id 
_struct_sheet_range.end_auth_asym_id 
_struct_sheet_range.end_auth_seq_id 
A 1 CYS A 4   ? LEU A 5   ? CYS A 4   LEU A 5   
A 2 ALA A 99  ? THR A 100 ? ALA A 99  THR A 100 
B 1 HIS A 27  ? ILE A 29  ? HIS A 27  ILE A 29  
B 2 MET A 79  ? ASP A 84  ? MET A 79  ASP A 84  
B 3 VAL A 49  ? SER A 54  ? VAL A 49  SER A 54  
B 4 THR A 102 ? ARG A 107 ? THR A 102 ARG A 107 
B 5 GLN A 110 ? VAL A 116 ? GLN A 110 VAL A 116 
# 
loop_
_pdbx_struct_sheet_hbond.sheet_id 
_pdbx_struct_sheet_hbond.range_id_1 
_pdbx_struct_sheet_hbond.range_id_2 
_pdbx_struct_sheet_hbond.range_1_label_atom_id 
_pdbx_struct_sheet_hbond.range_1_label_comp_id 
_pdbx_struct_sheet_hbond.range_1_label_asym_id 
_pdbx_struct_sheet_hbond.range_1_label_seq_id 
_pdbx_struct_sheet_hbond.range_1_PDB_ins_code 
_pdbx_struct_sheet_hbond.range_1_auth_atom_id 
_pdbx_struct_sheet_hbond.range_1_auth_comp_id 
_pdbx_struct_sheet_hbond.range_1_auth_asym_id 
_pdbx_struct_sheet_hbond.range_1_auth_seq_id 
_pdbx_struct_sheet_hbond.range_2_label_atom_id 
_pdbx_struct_sheet_hbond.range_2_label_comp_id 
_pdbx_struct_sheet_hbond.range_2_label_asym_id 
_pdbx_struct_sheet_hbond.range_2_label_seq_id 
_pdbx_struct_sheet_hbond.range_2_PDB_ins_code 
_pdbx_struct_sheet_hbond.range_2_auth_atom_id 
_pdbx_struct_sheet_hbond.range_2_auth_comp_id 
_pdbx_struct_sheet_hbond.range_2_auth_asym_id 
_pdbx_struct_sheet_hbond.range_2_auth_seq_id 
A 1 2 N CYS A 4   ? N CYS A 4   O THR A 100 ? O THR A 100 
B 1 2 N ILE A 29  ? N ILE A 29  O VAL A 82  ? O VAL A 82  
B 2 3 O MET A 79  ? O MET A 79  N LEU A 50  ? N LEU A 50  
B 3 4 N PHE A 53  ? N PHE A 53  O THR A 102 ? O THR A 102 
B 4 5 N PHE A 103 ? N PHE A 103 O LEU A 115 ? O LEU A 115 
# 
_struct_site.id                   AC1 
_struct_site.pdbx_evidence_code   Software 
_struct_site.pdbx_auth_asym_id    A 
_struct_site.pdbx_auth_comp_id    PO4 
_struct_site.pdbx_auth_seq_id     140 
_struct_site.pdbx_auth_ins_code   ? 
_struct_site.pdbx_num_residues    4 
_struct_site.details              'BINDING SITE FOR RESIDUE PO4 A 140' 
# 
loop_
_struct_site_gen.id 
_struct_site_gen.site_id 
_struct_site_gen.pdbx_num_res 
_struct_site_gen.label_comp_id 
_struct_site_gen.label_asym_id 
_struct_site_gen.label_seq_id 
_struct_site_gen.pdbx_auth_ins_code 
_struct_site_gen.auth_comp_id 
_struct_site_gen.auth_asym_id 
_struct_site_gen.auth_seq_id 
_struct_site_gen.label_atom_id 
_struct_site_gen.label_alt_id 
_struct_site_gen.symmetry 
_struct_site_gen.details 
1 AC1 4 HIS A 18 ? HIS A 18  . ? 4_545 ? 
2 AC1 4 HIS A 27 ? HIS A 27  . ? 1_555 ? 
3 AC1 4 ARG A 34 ? ARG A 34  . ? 1_555 ? 
4 AC1 4 HOH C .  ? HOH A 184 . ? 1_555 ? 
# 
_pdbx_entry_details.entry_id                   3D22 
_pdbx_entry_details.compound_details           ? 
_pdbx_entry_details.source_details             ? 
_pdbx_entry_details.nonpolymer_details         ? 
_pdbx_entry_details.sequence_details           ? 
_pdbx_entry_details.has_ligand_of_interest     ? 
_pdbx_entry_details.has_protein_modification   Y 
# 
_pdbx_validate_torsion.id              1 
_pdbx_validate_torsion.PDB_model_num   1 
_pdbx_validate_torsion.auth_comp_id    LEU 
_pdbx_validate_torsion.auth_asym_id    A 
_pdbx_validate_torsion.auth_seq_id     88 
_pdbx_validate_torsion.PDB_ins_code    ? 
_pdbx_validate_torsion.label_alt_id    ? 
_pdbx_validate_torsion.phi             -108.75 
_pdbx_validate_torsion.psi             64.96 
# 
loop_
_pdbx_unobs_or_zero_occ_residues.id 
_pdbx_unobs_or_zero_occ_residues.PDB_model_num 
_pdbx_unobs_or_zero_occ_residues.polymer_flag 
_pdbx_unobs_or_zero_occ_residues.occupancy_flag 
_pdbx_unobs_or_zero_occ_residues.auth_asym_id 
_pdbx_unobs_or_zero_occ_residues.auth_comp_id 
_pdbx_unobs_or_zero_occ_residues.auth_seq_id 
_pdbx_unobs_or_zero_occ_residues.PDB_ins_code 
_pdbx_unobs_or_zero_occ_residues.label_asym_id 
_pdbx_unobs_or_zero_occ_residues.label_comp_id 
_pdbx_unobs_or_zero_occ_residues.label_seq_id 
1  1 Y 1 A MET 1  ? A MET 1  
2  1 Y 1 A LYS 7  ? A LYS 7  
3  1 Y 1 A ARG 8  ? A ARG 8  
4  1 Y 1 A ASN 9  ? A ASN 9  
5  1 Y 1 A HIS 10 ? A HIS 10 
6  1 Y 1 A ASP 11 ? A ASP 11 
7  1 Y 1 A ALA 12 ? A ALA 12 
8  1 Y 1 A ASP 13 ? A ASP 13 
9  1 Y 1 A ASP 14 ? A ASP 14 
10 1 Y 1 A ASP 15 ? A ASP 15 
# 
loop_
_chem_comp_atom.comp_id 
_chem_comp_atom.atom_id 
_chem_comp_atom.type_symbol 
_chem_comp_atom.pdbx_aromatic_flag 
_chem_comp_atom.pdbx_stereo_config 
_chem_comp_atom.pdbx_ordinal 
ALA N    N N N 1   
ALA CA   C N S 2   
ALA C    C N N 3   
ALA O    O N N 4   
ALA CB   C N N 5   
ALA OXT  O N N 6   
ALA H    H N N 7   
ALA H2   H N N 8   
ALA HA   H N N 9   
ALA HB1  H N N 10  
ALA HB2  H N N 11  
ALA HB3  H N N 12  
ALA HXT  H N N 13  
ARG N    N N N 14  
ARG CA   C N S 15  
ARG C    C N N 16  
ARG O    O N N 17  
ARG CB   C N N 18  
ARG CG   C N N 19  
ARG CD   C N N 20  
ARG NE   N N N 21  
ARG CZ   C N N 22  
ARG NH1  N N N 23  
ARG NH2  N N N 24  
ARG OXT  O N N 25  
ARG H    H N N 26  
ARG H2   H N N 27  
ARG HA   H N N 28  
ARG HB2  H N N 29  
ARG HB3  H N N 30  
ARG HG2  H N N 31  
ARG HG3  H N N 32  
ARG HD2  H N N 33  
ARG HD3  H N N 34  
ARG HE   H N N 35  
ARG HH11 H N N 36  
ARG HH12 H N N 37  
ARG HH21 H N N 38  
ARG HH22 H N N 39  
ARG HXT  H N N 40  
ASN N    N N N 41  
ASN CA   C N S 42  
ASN C    C N N 43  
ASN O    O N N 44  
ASN CB   C N N 45  
ASN CG   C N N 46  
ASN OD1  O N N 47  
ASN ND2  N N N 48  
ASN OXT  O N N 49  
ASN H    H N N 50  
ASN H2   H N N 51  
ASN HA   H N N 52  
ASN HB2  H N N 53  
ASN HB3  H N N 54  
ASN HD21 H N N 55  
ASN HD22 H N N 56  
ASN HXT  H N N 57  
ASP N    N N N 58  
ASP CA   C N S 59  
ASP C    C N N 60  
ASP O    O N N 61  
ASP CB   C N N 62  
ASP CG   C N N 63  
ASP OD1  O N N 64  
ASP OD2  O N N 65  
ASP OXT  O N N 66  
ASP H    H N N 67  
ASP H2   H N N 68  
ASP HA   H N N 69  
ASP HB2  H N N 70  
ASP HB3  H N N 71  
ASP HD2  H N N 72  
ASP HXT  H N N 73  
CYS N    N N N 74  
CYS CA   C N R 75  
CYS C    C N N 76  
CYS O    O N N 77  
CYS CB   C N N 78  
CYS SG   S N N 79  
CYS OXT  O N N 80  
CYS H    H N N 81  
CYS H2   H N N 82  
CYS HA   H N N 83  
CYS HB2  H N N 84  
CYS HB3  H N N 85  
CYS HG   H N N 86  
CYS HXT  H N N 87  
GLN N    N N N 88  
GLN CA   C N S 89  
GLN C    C N N 90  
GLN O    O N N 91  
GLN CB   C N N 92  
GLN CG   C N N 93  
GLN CD   C N N 94  
GLN OE1  O N N 95  
GLN NE2  N N N 96  
GLN OXT  O N N 97  
GLN H    H N N 98  
GLN H2   H N N 99  
GLN HA   H N N 100 
GLN HB2  H N N 101 
GLN HB3  H N N 102 
GLN HG2  H N N 103 
GLN HG3  H N N 104 
GLN HE21 H N N 105 
GLN HE22 H N N 106 
GLN HXT  H N N 107 
GLU N    N N N 108 
GLU CA   C N S 109 
GLU C    C N N 110 
GLU O    O N N 111 
GLU CB   C N N 112 
GLU CG   C N N 113 
GLU CD   C N N 114 
GLU OE1  O N N 115 
GLU OE2  O N N 116 
GLU OXT  O N N 117 
GLU H    H N N 118 
GLU H2   H N N 119 
GLU HA   H N N 120 
GLU HB2  H N N 121 
GLU HB3  H N N 122 
GLU HG2  H N N 123 
GLU HG3  H N N 124 
GLU HE2  H N N 125 
GLU HXT  H N N 126 
GLY N    N N N 127 
GLY CA   C N N 128 
GLY C    C N N 129 
GLY O    O N N 130 
GLY OXT  O N N 131 
GLY H    H N N 132 
GLY H2   H N N 133 
GLY HA2  H N N 134 
GLY HA3  H N N 135 
GLY HXT  H N N 136 
HIS N    N N N 137 
HIS CA   C N S 138 
HIS C    C N N 139 
HIS O    O N N 140 
HIS CB   C N N 141 
HIS CG   C Y N 142 
HIS ND1  N Y N 143 
HIS CD2  C Y N 144 
HIS CE1  C Y N 145 
HIS NE2  N Y N 146 
HIS OXT  O N N 147 
HIS H    H N N 148 
HIS H2   H N N 149 
HIS HA   H N N 150 
HIS HB2  H N N 151 
HIS HB3  H N N 152 
HIS HD1  H N N 153 
HIS HD2  H N N 154 
HIS HE1  H N N 155 
HIS HE2  H N N 156 
HIS HXT  H N N 157 
HOH O    O N N 158 
HOH H1   H N N 159 
HOH H2   H N N 160 
ILE N    N N N 161 
ILE CA   C N S 162 
ILE C    C N N 163 
ILE O    O N N 164 
ILE CB   C N S 165 
ILE CG1  C N N 166 
ILE CG2  C N N 167 
ILE CD1  C N N 168 
ILE OXT  O N N 169 
ILE H    H N N 170 
ILE H2   H N N 171 
ILE HA   H N N 172 
ILE HB   H N N 173 
ILE HG12 H N N 174 
ILE HG13 H N N 175 
ILE HG21 H N N 176 
ILE HG22 H N N 177 
ILE HG23 H N N 178 
ILE HD11 H N N 179 
ILE HD12 H N N 180 
ILE HD13 H N N 181 
ILE HXT  H N N 182 
LEU N    N N N 183 
LEU CA   C N S 184 
LEU C    C N N 185 
LEU O    O N N 186 
LEU CB   C N N 187 
LEU CG   C N N 188 
LEU CD1  C N N 189 
LEU CD2  C N N 190 
LEU OXT  O N N 191 
LEU H    H N N 192 
LEU H2   H N N 193 
LEU HA   H N N 194 
LEU HB2  H N N 195 
LEU HB3  H N N 196 
LEU HG   H N N 197 
LEU HD11 H N N 198 
LEU HD12 H N N 199 
LEU HD13 H N N 200 
LEU HD21 H N N 201 
LEU HD22 H N N 202 
LEU HD23 H N N 203 
LEU HXT  H N N 204 
LYS N    N N N 205 
LYS CA   C N S 206 
LYS C    C N N 207 
LYS O    O N N 208 
LYS CB   C N N 209 
LYS CG   C N N 210 
LYS CD   C N N 211 
LYS CE   C N N 212 
LYS NZ   N N N 213 
LYS OXT  O N N 214 
LYS H    H N N 215 
LYS H2   H N N 216 
LYS HA   H N N 217 
LYS HB2  H N N 218 
LYS HB3  H N N 219 
LYS HG2  H N N 220 
LYS HG3  H N N 221 
LYS HD2  H N N 222 
LYS HD3  H N N 223 
LYS HE2  H N N 224 
LYS HE3  H N N 225 
LYS HZ1  H N N 226 
LYS HZ2  H N N 227 
LYS HZ3  H N N 228 
LYS HXT  H N N 229 
MET N    N N N 230 
MET CA   C N S 231 
MET C    C N N 232 
MET O    O N N 233 
MET CB   C N N 234 
MET CG   C N N 235 
MET SD   S N N 236 
MET CE   C N N 237 
MET OXT  O N N 238 
MET H    H N N 239 
MET H2   H N N 240 
MET HA   H N N 241 
MET HB2  H N N 242 
MET HB3  H N N 243 
MET HG2  H N N 244 
MET HG3  H N N 245 
MET HE1  H N N 246 
MET HE2  H N N 247 
MET HE3  H N N 248 
MET HXT  H N N 249 
PHE N    N N N 250 
PHE CA   C N S 251 
PHE C    C N N 252 
PHE O    O N N 253 
PHE CB   C N N 254 
PHE CG   C Y N 255 
PHE CD1  C Y N 256 
PHE CD2  C Y N 257 
PHE CE1  C Y N 258 
PHE CE2  C Y N 259 
PHE CZ   C Y N 260 
PHE OXT  O N N 261 
PHE H    H N N 262 
PHE H2   H N N 263 
PHE HA   H N N 264 
PHE HB2  H N N 265 
PHE HB3  H N N 266 
PHE HD1  H N N 267 
PHE HD2  H N N 268 
PHE HE1  H N N 269 
PHE HE2  H N N 270 
PHE HZ   H N N 271 
PHE HXT  H N N 272 
PO4 P    P N N 273 
PO4 O1   O N N 274 
PO4 O2   O N N 275 
PO4 O3   O N N 276 
PO4 O4   O N N 277 
PRO N    N N N 278 
PRO CA   C N S 279 
PRO C    C N N 280 
PRO O    O N N 281 
PRO CB   C N N 282 
PRO CG   C N N 283 
PRO CD   C N N 284 
PRO OXT  O N N 285 
PRO H    H N N 286 
PRO HA   H N N 287 
PRO HB2  H N N 288 
PRO HB3  H N N 289 
PRO HG2  H N N 290 
PRO HG3  H N N 291 
PRO HD2  H N N 292 
PRO HD3  H N N 293 
PRO HXT  H N N 294 
SER N    N N N 295 
SER CA   C N S 296 
SER C    C N N 297 
SER O    O N N 298 
SER CB   C N N 299 
SER OG   O N N 300 
SER OXT  O N N 301 
SER H    H N N 302 
SER H2   H N N 303 
SER HA   H N N 304 
SER HB2  H N N 305 
SER HB3  H N N 306 
SER HG   H N N 307 
SER HXT  H N N 308 
THR N    N N N 309 
THR CA   C N S 310 
THR C    C N N 311 
THR O    O N N 312 
THR CB   C N R 313 
THR OG1  O N N 314 
THR CG2  C N N 315 
THR OXT  O N N 316 
THR H    H N N 317 
THR H2   H N N 318 
THR HA   H N N 319 
THR HB   H N N 320 
THR HG1  H N N 321 
THR HG21 H N N 322 
THR HG22 H N N 323 
THR HG23 H N N 324 
THR HXT  H N N 325 
TRP N    N N N 326 
TRP CA   C N S 327 
TRP C    C N N 328 
TRP O    O N N 329 
TRP CB   C N N 330 
TRP CG   C Y N 331 
TRP CD1  C Y N 332 
TRP CD2  C Y N 333 
TRP NE1  N Y N 334 
TRP CE2  C Y N 335 
TRP CE3  C Y N 336 
TRP CZ2  C Y N 337 
TRP CZ3  C Y N 338 
TRP CH2  C Y N 339 
TRP OXT  O N N 340 
TRP H    H N N 341 
TRP H2   H N N 342 
TRP HA   H N N 343 
TRP HB2  H N N 344 
TRP HB3  H N N 345 
TRP HD1  H N N 346 
TRP HE1  H N N 347 
TRP HE3  H N N 348 
TRP HZ2  H N N 349 
TRP HZ3  H N N 350 
TRP HH2  H N N 351 
TRP HXT  H N N 352 
TYR N    N N N 353 
TYR CA   C N S 354 
TYR C    C N N 355 
TYR O    O N N 356 
TYR CB   C N N 357 
TYR CG   C Y N 358 
TYR CD1  C Y N 359 
TYR CD2  C Y N 360 
TYR CE1  C Y N 361 
TYR CE2  C Y N 362 
TYR CZ   C Y N 363 
TYR OH   O N N 364 
TYR OXT  O N N 365 
TYR H    H N N 366 
TYR H2   H N N 367 
TYR HA   H N N 368 
TYR HB2  H N N 369 
TYR HB3  H N N 370 
TYR HD1  H N N 371 
TYR HD2  H N N 372 
TYR HE1  H N N 373 
TYR HE2  H N N 374 
TYR HH   H N N 375 
TYR HXT  H N N 376 
VAL N    N N N 377 
VAL CA   C N S 378 
VAL C    C N N 379 
VAL O    O N N 380 
VAL CB   C N N 381 
VAL CG1  C N N 382 
VAL CG2  C N N 383 
VAL OXT  O N N 384 
VAL H    H N N 385 
VAL H2   H N N 386 
VAL HA   H N N 387 
VAL HB   H N N 388 
VAL HG11 H N N 389 
VAL HG12 H N N 390 
VAL HG13 H N N 391 
VAL HG21 H N N 392 
VAL HG22 H N N 393 
VAL HG23 H N N 394 
VAL HXT  H N N 395 
# 
loop_
_chem_comp_bond.comp_id 
_chem_comp_bond.atom_id_1 
_chem_comp_bond.atom_id_2 
_chem_comp_bond.value_order 
_chem_comp_bond.pdbx_aromatic_flag 
_chem_comp_bond.pdbx_stereo_config 
_chem_comp_bond.pdbx_ordinal 
ALA N   CA   sing N N 1   
ALA N   H    sing N N 2   
ALA N   H2   sing N N 3   
ALA CA  C    sing N N 4   
ALA CA  CB   sing N N 5   
ALA CA  HA   sing N N 6   
ALA C   O    doub N N 7   
ALA C   OXT  sing N N 8   
ALA CB  HB1  sing N N 9   
ALA CB  HB2  sing N N 10  
ALA CB  HB3  sing N N 11  
ALA OXT HXT  sing N N 12  
ARG N   CA   sing N N 13  
ARG N   H    sing N N 14  
ARG N   H2   sing N N 15  
ARG CA  C    sing N N 16  
ARG CA  CB   sing N N 17  
ARG CA  HA   sing N N 18  
ARG C   O    doub N N 19  
ARG C   OXT  sing N N 20  
ARG CB  CG   sing N N 21  
ARG CB  HB2  sing N N 22  
ARG CB  HB3  sing N N 23  
ARG CG  CD   sing N N 24  
ARG CG  HG2  sing N N 25  
ARG CG  HG3  sing N N 26  
ARG CD  NE   sing N N 27  
ARG CD  HD2  sing N N 28  
ARG CD  HD3  sing N N 29  
ARG NE  CZ   sing N N 30  
ARG NE  HE   sing N N 31  
ARG CZ  NH1  sing N N 32  
ARG CZ  NH2  doub N N 33  
ARG NH1 HH11 sing N N 34  
ARG NH1 HH12 sing N N 35  
ARG NH2 HH21 sing N N 36  
ARG NH2 HH22 sing N N 37  
ARG OXT HXT  sing N N 38  
ASN N   CA   sing N N 39  
ASN N   H    sing N N 40  
ASN N   H2   sing N N 41  
ASN CA  C    sing N N 42  
ASN CA  CB   sing N N 43  
ASN CA  HA   sing N N 44  
ASN C   O    doub N N 45  
ASN C   OXT  sing N N 46  
ASN CB  CG   sing N N 47  
ASN CB  HB2  sing N N 48  
ASN CB  HB3  sing N N 49  
ASN CG  OD1  doub N N 50  
ASN CG  ND2  sing N N 51  
ASN ND2 HD21 sing N N 52  
ASN ND2 HD22 sing N N 53  
ASN OXT HXT  sing N N 54  
ASP N   CA   sing N N 55  
ASP N   H    sing N N 56  
ASP N   H2   sing N N 57  
ASP CA  C    sing N N 58  
ASP CA  CB   sing N N 59  
ASP CA  HA   sing N N 60  
ASP C   O    doub N N 61  
ASP C   OXT  sing N N 62  
ASP CB  CG   sing N N 63  
ASP CB  HB2  sing N N 64  
ASP CB  HB3  sing N N 65  
ASP CG  OD1  doub N N 66  
ASP CG  OD2  sing N N 67  
ASP OD2 HD2  sing N N 68  
ASP OXT HXT  sing N N 69  
CYS N   CA   sing N N 70  
CYS N   H    sing N N 71  
CYS N   H2   sing N N 72  
CYS CA  C    sing N N 73  
CYS CA  CB   sing N N 74  
CYS CA  HA   sing N N 75  
CYS C   O    doub N N 76  
CYS C   OXT  sing N N 77  
CYS CB  SG   sing N N 78  
CYS CB  HB2  sing N N 79  
CYS CB  HB3  sing N N 80  
CYS SG  HG   sing N N 81  
CYS OXT HXT  sing N N 82  
GLN N   CA   sing N N 83  
GLN N   H    sing N N 84  
GLN N   H2   sing N N 85  
GLN CA  C    sing N N 86  
GLN CA  CB   sing N N 87  
GLN CA  HA   sing N N 88  
GLN C   O    doub N N 89  
GLN C   OXT  sing N N 90  
GLN CB  CG   sing N N 91  
GLN CB  HB2  sing N N 92  
GLN CB  HB3  sing N N 93  
GLN CG  CD   sing N N 94  
GLN CG  HG2  sing N N 95  
GLN CG  HG3  sing N N 96  
GLN CD  OE1  doub N N 97  
GLN CD  NE2  sing N N 98  
GLN NE2 HE21 sing N N 99  
GLN NE2 HE22 sing N N 100 
GLN OXT HXT  sing N N 101 
GLU N   CA   sing N N 102 
GLU N   H    sing N N 103 
GLU N   H2   sing N N 104 
GLU CA  C    sing N N 105 
GLU CA  CB   sing N N 106 
GLU CA  HA   sing N N 107 
GLU C   O    doub N N 108 
GLU C   OXT  sing N N 109 
GLU CB  CG   sing N N 110 
GLU CB  HB2  sing N N 111 
GLU CB  HB3  sing N N 112 
GLU CG  CD   sing N N 113 
GLU CG  HG2  sing N N 114 
GLU CG  HG3  sing N N 115 
GLU CD  OE1  doub N N 116 
GLU CD  OE2  sing N N 117 
GLU OE2 HE2  sing N N 118 
GLU OXT HXT  sing N N 119 
GLY N   CA   sing N N 120 
GLY N   H    sing N N 121 
GLY N   H2   sing N N 122 
GLY CA  C    sing N N 123 
GLY CA  HA2  sing N N 124 
GLY CA  HA3  sing N N 125 
GLY C   O    doub N N 126 
GLY C   OXT  sing N N 127 
GLY OXT HXT  sing N N 128 
HIS N   CA   sing N N 129 
HIS N   H    sing N N 130 
HIS N   H2   sing N N 131 
HIS CA  C    sing N N 132 
HIS CA  CB   sing N N 133 
HIS CA  HA   sing N N 134 
HIS C   O    doub N N 135 
HIS C   OXT  sing N N 136 
HIS CB  CG   sing N N 137 
HIS CB  HB2  sing N N 138 
HIS CB  HB3  sing N N 139 
HIS CG  ND1  sing Y N 140 
HIS CG  CD2  doub Y N 141 
HIS ND1 CE1  doub Y N 142 
HIS ND1 HD1  sing N N 143 
HIS CD2 NE2  sing Y N 144 
HIS CD2 HD2  sing N N 145 
HIS CE1 NE2  sing Y N 146 
HIS CE1 HE1  sing N N 147 
HIS NE2 HE2  sing N N 148 
HIS OXT HXT  sing N N 149 
HOH O   H1   sing N N 150 
HOH O   H2   sing N N 151 
ILE N   CA   sing N N 152 
ILE N   H    sing N N 153 
ILE N   H2   sing N N 154 
ILE CA  C    sing N N 155 
ILE CA  CB   sing N N 156 
ILE CA  HA   sing N N 157 
ILE C   O    doub N N 158 
ILE C   OXT  sing N N 159 
ILE CB  CG1  sing N N 160 
ILE CB  CG2  sing N N 161 
ILE CB  HB   sing N N 162 
ILE CG1 CD1  sing N N 163 
ILE CG1 HG12 sing N N 164 
ILE CG1 HG13 sing N N 165 
ILE CG2 HG21 sing N N 166 
ILE CG2 HG22 sing N N 167 
ILE CG2 HG23 sing N N 168 
ILE CD1 HD11 sing N N 169 
ILE CD1 HD12 sing N N 170 
ILE CD1 HD13 sing N N 171 
ILE OXT HXT  sing N N 172 
LEU N   CA   sing N N 173 
LEU N   H    sing N N 174 
LEU N   H2   sing N N 175 
LEU CA  C    sing N N 176 
LEU CA  CB   sing N N 177 
LEU CA  HA   sing N N 178 
LEU C   O    doub N N 179 
LEU C   OXT  sing N N 180 
LEU CB  CG   sing N N 181 
LEU CB  HB2  sing N N 182 
LEU CB  HB3  sing N N 183 
LEU CG  CD1  sing N N 184 
LEU CG  CD2  sing N N 185 
LEU CG  HG   sing N N 186 
LEU CD1 HD11 sing N N 187 
LEU CD1 HD12 sing N N 188 
LEU CD1 HD13 sing N N 189 
LEU CD2 HD21 sing N N 190 
LEU CD2 HD22 sing N N 191 
LEU CD2 HD23 sing N N 192 
LEU OXT HXT  sing N N 193 
LYS N   CA   sing N N 194 
LYS N   H    sing N N 195 
LYS N   H2   sing N N 196 
LYS CA  C    sing N N 197 
LYS CA  CB   sing N N 198 
LYS CA  HA   sing N N 199 
LYS C   O    doub N N 200 
LYS C   OXT  sing N N 201 
LYS CB  CG   sing N N 202 
LYS CB  HB2  sing N N 203 
LYS CB  HB3  sing N N 204 
LYS CG  CD   sing N N 205 
LYS CG  HG2  sing N N 206 
LYS CG  HG3  sing N N 207 
LYS CD  CE   sing N N 208 
LYS CD  HD2  sing N N 209 
LYS CD  HD3  sing N N 210 
LYS CE  NZ   sing N N 211 
LYS CE  HE2  sing N N 212 
LYS CE  HE3  sing N N 213 
LYS NZ  HZ1  sing N N 214 
LYS NZ  HZ2  sing N N 215 
LYS NZ  HZ3  sing N N 216 
LYS OXT HXT  sing N N 217 
MET N   CA   sing N N 218 
MET N   H    sing N N 219 
MET N   H2   sing N N 220 
MET CA  C    sing N N 221 
MET CA  CB   sing N N 222 
MET CA  HA   sing N N 223 
MET C   O    doub N N 224 
MET C   OXT  sing N N 225 
MET CB  CG   sing N N 226 
MET CB  HB2  sing N N 227 
MET CB  HB3  sing N N 228 
MET CG  SD   sing N N 229 
MET CG  HG2  sing N N 230 
MET CG  HG3  sing N N 231 
MET SD  CE   sing N N 232 
MET CE  HE1  sing N N 233 
MET CE  HE2  sing N N 234 
MET CE  HE3  sing N N 235 
MET OXT HXT  sing N N 236 
PHE N   CA   sing N N 237 
PHE N   H    sing N N 238 
PHE N   H2   sing N N 239 
PHE CA  C    sing N N 240 
PHE CA  CB   sing N N 241 
PHE CA  HA   sing N N 242 
PHE C   O    doub N N 243 
PHE C   OXT  sing N N 244 
PHE CB  CG   sing N N 245 
PHE CB  HB2  sing N N 246 
PHE CB  HB3  sing N N 247 
PHE CG  CD1  doub Y N 248 
PHE CG  CD2  sing Y N 249 
PHE CD1 CE1  sing Y N 250 
PHE CD1 HD1  sing N N 251 
PHE CD2 CE2  doub Y N 252 
PHE CD2 HD2  sing N N 253 
PHE CE1 CZ   doub Y N 254 
PHE CE1 HE1  sing N N 255 
PHE CE2 CZ   sing Y N 256 
PHE CE2 HE2  sing N N 257 
PHE CZ  HZ   sing N N 258 
PHE OXT HXT  sing N N 259 
PO4 P   O1   doub N N 260 
PO4 P   O2   sing N N 261 
PO4 P   O3   sing N N 262 
PO4 P   O4   sing N N 263 
PRO N   CA   sing N N 264 
PRO N   CD   sing N N 265 
PRO N   H    sing N N 266 
PRO CA  C    sing N N 267 
PRO CA  CB   sing N N 268 
PRO CA  HA   sing N N 269 
PRO C   O    doub N N 270 
PRO C   OXT  sing N N 271 
PRO CB  CG   sing N N 272 
PRO CB  HB2  sing N N 273 
PRO CB  HB3  sing N N 274 
PRO CG  CD   sing N N 275 
PRO CG  HG2  sing N N 276 
PRO CG  HG3  sing N N 277 
PRO CD  HD2  sing N N 278 
PRO CD  HD3  sing N N 279 
PRO OXT HXT  sing N N 280 
SER N   CA   sing N N 281 
SER N   H    sing N N 282 
SER N   H2   sing N N 283 
SER CA  C    sing N N 284 
SER CA  CB   sing N N 285 
SER CA  HA   sing N N 286 
SER C   O    doub N N 287 
SER C   OXT  sing N N 288 
SER CB  OG   sing N N 289 
SER CB  HB2  sing N N 290 
SER CB  HB3  sing N N 291 
SER OG  HG   sing N N 292 
SER OXT HXT  sing N N 293 
THR N   CA   sing N N 294 
THR N   H    sing N N 295 
THR N   H2   sing N N 296 
THR CA  C    sing N N 297 
THR CA  CB   sing N N 298 
THR CA  HA   sing N N 299 
THR C   O    doub N N 300 
THR C   OXT  sing N N 301 
THR CB  OG1  sing N N 302 
THR CB  CG2  sing N N 303 
THR CB  HB   sing N N 304 
THR OG1 HG1  sing N N 305 
THR CG2 HG21 sing N N 306 
THR CG2 HG22 sing N N 307 
THR CG2 HG23 sing N N 308 
THR OXT HXT  sing N N 309 
TRP N   CA   sing N N 310 
TRP N   H    sing N N 311 
TRP N   H2   sing N N 312 
TRP CA  C    sing N N 313 
TRP CA  CB   sing N N 314 
TRP CA  HA   sing N N 315 
TRP C   O    doub N N 316 
TRP C   OXT  sing N N 317 
TRP CB  CG   sing N N 318 
TRP CB  HB2  sing N N 319 
TRP CB  HB3  sing N N 320 
TRP CG  CD1  doub Y N 321 
TRP CG  CD2  sing Y N 322 
TRP CD1 NE1  sing Y N 323 
TRP CD1 HD1  sing N N 324 
TRP CD2 CE2  doub Y N 325 
TRP CD2 CE3  sing Y N 326 
TRP NE1 CE2  sing Y N 327 
TRP NE1 HE1  sing N N 328 
TRP CE2 CZ2  sing Y N 329 
TRP CE3 CZ3  doub Y N 330 
TRP CE3 HE3  sing N N 331 
TRP CZ2 CH2  doub Y N 332 
TRP CZ2 HZ2  sing N N 333 
TRP CZ3 CH2  sing Y N 334 
TRP CZ3 HZ3  sing N N 335 
TRP CH2 HH2  sing N N 336 
TRP OXT HXT  sing N N 337 
TYR N   CA   sing N N 338 
TYR N   H    sing N N 339 
TYR N   H2   sing N N 340 
TYR CA  C    sing N N 341 
TYR CA  CB   sing N N 342 
TYR CA  HA   sing N N 343 
TYR C   O    doub N N 344 
TYR C   OXT  sing N N 345 
TYR CB  CG   sing N N 346 
TYR CB  HB2  sing N N 347 
TYR CB  HB3  sing N N 348 
TYR CG  CD1  doub Y N 349 
TYR CG  CD2  sing Y N 350 
TYR CD1 CE1  sing Y N 351 
TYR CD1 HD1  sing N N 352 
TYR CD2 CE2  doub Y N 353 
TYR CD2 HD2  sing N N 354 
TYR CE1 CZ   doub Y N 355 
TYR CE1 HE1  sing N N 356 
TYR CE2 CZ   sing Y N 357 
TYR CE2 HE2  sing N N 358 
TYR CZ  OH   sing N N 359 
TYR OH  HH   sing N N 360 
TYR OXT HXT  sing N N 361 
VAL N   CA   sing N N 362 
VAL N   H    sing N N 363 
VAL N   H2   sing N N 364 
VAL CA  C    sing N N 365 
VAL CA  CB   sing N N 366 
VAL CA  HA   sing N N 367 
VAL C   O    doub N N 368 
VAL C   OXT  sing N N 369 
VAL CB  CG1  sing N N 370 
VAL CB  CG2  sing N N 371 
VAL CB  HB   sing N N 372 
VAL CG1 HG11 sing N N 373 
VAL CG1 HG12 sing N N 374 
VAL CG1 HG13 sing N N 375 
VAL CG2 HG21 sing N N 376 
VAL CG2 HG22 sing N N 377 
VAL CG2 HG23 sing N N 378 
VAL OXT HXT  sing N N 379 
# 
_pdbx_initial_refinement_model.accession_code   ? 
_pdbx_initial_refinement_model.id               1 
_pdbx_initial_refinement_model.entity_id_list   ? 
_pdbx_initial_refinement_model.type             'experimental model' 
_pdbx_initial_refinement_model.source_name      Other 
_pdbx_initial_refinement_model.details          'wild-type PtTrxh4' 
# 
_atom_sites.entry_id                    3D22 
_atom_sites.fract_transf_matrix[1][1]   0.01690824 
_atom_sites.fract_transf_matrix[1][2]   -0.02560645 
_atom_sites.fract_transf_matrix[1][3]   0.00698441 
_atom_sites.fract_transf_matrix[2][1]   0.01898264 
_atom_sites.fract_transf_matrix[2][2]   0.01238890 
_atom_sites.fract_transf_matrix[2][3]   -0.00053364 
_atom_sites.fract_transf_matrix[3][1]   -0.00119189 
_atom_sites.fract_transf_matrix[3][2]   0.00231633 
_atom_sites.fract_transf_matrix[3][3]   0.01137759 
_atom_sites.fract_transf_vector[1]      0.037750 
_atom_sites.fract_transf_vector[2]      -0.138066 
_atom_sites.fract_transf_vector[3]      -0.147572 
# 
loop_
_atom_type.symbol 
C 
N 
O 
P 
S 
# 
loop_
_atom_site.group_PDB 
_atom_site.id 
_atom_site.type_symbol 
_atom_site.label_atom_id 
_atom_site.label_alt_id 
_atom_site.label_comp_id 
_atom_site.label_asym_id 
_atom_site.label_entity_id 
_atom_site.label_seq_id 
_atom_site.pdbx_PDB_ins_code 
_atom_site.Cartn_x 
_atom_site.Cartn_y 
_atom_site.Cartn_z 
_atom_site.occupancy 
_atom_site.B_iso_or_equiv 
_atom_site.pdbx_formal_charge 
_atom_site.auth_seq_id 
_atom_site.auth_comp_id 
_atom_site.auth_asym_id 
_atom_site.auth_atom_id 
_atom_site.pdbx_PDB_model_num 
ATOM   1    N N   . GLY A 1 2   ? 3.152   12.687  -9.431  1.00 21.52 ? 2   GLY A N   1 
ATOM   2    C CA  . GLY A 1 2   ? 3.997   13.431  -8.458  1.00 19.49 ? 2   GLY A CA  1 
ATOM   3    C C   . GLY A 1 2   ? 3.961   12.878  -7.039  1.00 18.34 ? 2   GLY A C   1 
ATOM   4    O O   . GLY A 1 2   ? 3.378   11.827  -6.772  1.00 18.40 ? 2   GLY A O   1 
ATOM   5    N N   . LEU A 1 3   ? 4.590   13.606  -6.136  1.00 17.90 ? 3   LEU A N   1 
ATOM   6    C CA  . LEU A 1 3   ? 4.730   13.195  -4.752  1.00 17.51 ? 3   LEU A CA  1 
ATOM   7    C C   . LEU A 1 3   ? 4.915   14.426  -3.875  1.00 17.99 ? 3   LEU A C   1 
ATOM   8    O O   . LEU A 1 3   ? 5.062   15.547  -4.396  1.00 17.78 ? 3   LEU A O   1 
ATOM   9    C CB  . LEU A 1 3   ? 5.929   12.242  -4.608  1.00 17.57 ? 3   LEU A CB  1 
ATOM   10   C CG  . LEU A 1 3   ? 7.310   12.734  -5.105  1.00 17.48 ? 3   LEU A CG  1 
ATOM   11   C CD1 . LEU A 1 3   ? 7.966   13.707  -4.121  1.00 18.51 ? 3   LEU A CD1 1 
ATOM   12   C CD2 . LEU A 1 3   ? 8.255   11.526  -5.346  1.00 17.72 ? 3   LEU A CD2 1 
ATOM   13   N N   . CYS A 1 4   ? 4.885   14.215  -2.563  1.00 18.00 ? 4   CYS A N   1 
ATOM   14   C CA  . CYS A 1 4   ? 5.334   15.214  -1.596  1.00 19.18 ? 4   CYS A CA  1 
ATOM   15   C C   . CYS A 1 4   ? 6.499   14.662  -0.795  1.00 19.99 ? 4   CYS A C   1 
ATOM   16   O O   . CYS A 1 4   ? 6.474   13.511  -0.361  1.00 19.81 ? 4   CYS A O   1 
ATOM   17   C CB  . CYS A 1 4   ? 4.230   15.609  -0.608  1.00 19.19 ? 4   CYS A CB  1 
ATOM   18   S SG  . CYS A 1 4   ? 2.648   15.951  -1.345  1.00 18.93 ? 4   CYS A SG  1 
ATOM   19   N N   . LEU A 1 5   ? 7.520   15.491  -0.570  1.00 21.01 ? 5   LEU A N   1 
ATOM   20   C CA  . LEU A 1 5   ? 8.556   15.116  0.378   1.00 22.90 ? 5   LEU A CA  1 
ATOM   21   C C   . LEU A 1 5   ? 7.962   14.929  1.766   1.00 24.45 ? 5   LEU A C   1 
ATOM   22   O O   . LEU A 1 5   ? 7.083   15.689  2.182   1.00 24.93 ? 5   LEU A O   1 
ATOM   23   C CB  . LEU A 1 5   ? 9.675   16.160  0.407   1.00 22.85 ? 5   LEU A CB  1 
ATOM   24   C CG  . LEU A 1 5   ? 10.601  16.139  -0.801  1.00 23.77 ? 5   LEU A CG  1 
ATOM   25   C CD1 . LEU A 1 5   ? 11.511  17.365  -0.796  1.00 25.22 ? 5   LEU A CD1 1 
ATOM   26   C CD2 . LEU A 1 5   ? 11.427  14.850  -0.815  1.00 25.42 ? 5   LEU A CD2 1 
ATOM   27   N N   . ALA A 1 6   ? 8.439   13.910  2.470   1.00 26.44 ? 6   ALA A N   1 
ATOM   28   C CA  . ALA A 1 6   ? 7.924   13.577  3.800   1.00 28.57 ? 6   ALA A CA  1 
ATOM   29   C C   . ALA A 1 6   ? 8.616   14.393  4.896   1.00 29.63 ? 6   ALA A C   1 
ATOM   30   O O   . ALA A 1 6   ? 9.534   15.180  4.616   1.00 31.24 ? 6   ALA A O   1 
ATOM   31   C CB  . ALA A 1 6   ? 8.075   12.087  4.062   1.00 29.14 ? 6   ALA A CB  1 
ATOM   32   N N   . GLU A 1 16  ? -5.562  19.032  5.657   1.00 32.56 ? 16  GLU A N   1 
ATOM   33   C CA  . GLU A 1 16  ? -6.010  17.644  5.669   1.00 32.69 ? 16  GLU A CA  1 
ATOM   34   C C   . GLU A 1 16  ? -7.530  17.612  5.485   1.00 30.75 ? 16  GLU A C   1 
ATOM   35   O O   . GLU A 1 16  ? -8.273  17.650  6.474   1.00 31.28 ? 16  GLU A O   1 
ATOM   36   C CB  . GLU A 1 16  ? -5.554  16.949  6.971   1.00 32.54 ? 16  GLU A CB  1 
ATOM   37   C CG  . GLU A 1 16  ? -6.214  15.598  7.317   1.00 35.69 ? 16  GLU A CG  1 
ATOM   38   C CD  . GLU A 1 16  ? -5.426  14.784  8.355   1.00 35.90 ? 16  GLU A CD  1 
ATOM   39   O OE1 . GLU A 1 16  ? -4.182  14.676  8.206   1.00 41.11 ? 16  GLU A OE1 1 
ATOM   40   O OE2 . GLU A 1 16  ? -6.047  14.234  9.307   1.00 40.06 ? 16  GLU A OE2 1 
ATOM   41   N N   . PRO A 1 17  ? -7.997  17.590  4.215   1.00 29.10 ? 17  PRO A N   1 
ATOM   42   C CA  . PRO A 1 17  ? -9.428  17.416  3.981   1.00 27.67 ? 17  PRO A CA  1 
ATOM   43   C C   . PRO A 1 17  ? -9.895  16.013  4.347   1.00 25.89 ? 17  PRO A C   1 
ATOM   44   O O   . PRO A 1 17  ? -9.103  15.067  4.376   1.00 26.21 ? 17  PRO A O   1 
ATOM   45   C CB  . PRO A 1 17  ? -9.577  17.649  2.474   1.00 27.83 ? 17  PRO A CB  1 
ATOM   46   C CG  . PRO A 1 17  ? -8.265  17.278  1.917   1.00 28.39 ? 17  PRO A CG  1 
ATOM   47   C CD  . PRO A 1 17  ? -7.255  17.731  2.946   1.00 28.98 ? 17  PRO A CD  1 
ATOM   48   N N   . HIS A 1 18  ? -11.183 15.900  4.639   1.00 23.11 ? 18  HIS A N   1 
ATOM   49   C CA  . HIS A 1 18  ? -11.779 14.644  5.043   1.00 21.51 ? 18  HIS A CA  1 
ATOM   50   C C   . HIS A 1 18  ? -12.141 13.881  3.785   1.00 21.08 ? 18  HIS A C   1 
ATOM   51   O O   . HIS A 1 18  ? -13.181 14.129  3.163   1.00 21.86 ? 18  HIS A O   1 
ATOM   52   C CB  . HIS A 1 18  ? -13.010 14.907  5.912   1.00 21.15 ? 18  HIS A CB  1 
ATOM   53   C CG  . HIS A 1 18  ? -12.692 15.580  7.215   1.00 21.33 ? 18  HIS A CG  1 
ATOM   54   N ND1 . HIS A 1 18  ? -13.582 15.620  8.266   1.00 20.46 ? 18  HIS A ND1 1 
ATOM   55   C CD2 . HIS A 1 18  ? -11.568 16.202  7.652   1.00 22.95 ? 18  HIS A CD2 1 
ATOM   56   C CE1 . HIS A 1 18  ? -13.034 16.268  9.281   1.00 21.44 ? 18  HIS A CE1 1 
ATOM   57   N NE2 . HIS A 1 18  ? -11.811 16.630  8.936   1.00 21.21 ? 18  HIS A NE2 1 
ATOM   58   N N   . ILE A 1 19  ? -11.241 12.997  3.378   1.00 18.77 ? 19  ILE A N   1 
ATOM   59   C CA  . ILE A 1 19  ? -11.473 12.175  2.202   1.00 18.54 ? 19  ILE A CA  1 
ATOM   60   C C   . ILE A 1 19  ? -11.060 10.745  2.522   1.00 17.21 ? 19  ILE A C   1 
ATOM   61   O O   . ILE A 1 19  ? -10.328 10.511  3.498   1.00 16.52 ? 19  ILE A O   1 
ATOM   62   C CB  . ILE A 1 19  ? -10.744 12.744  0.950   1.00 19.41 ? 19  ILE A CB  1 
ATOM   63   C CG1 . ILE A 1 19  ? -9.234  12.790  1.163   1.00 21.42 ? 19  ILE A CG1 1 
ATOM   64   C CG2 . ILE A 1 19  ? -11.295 14.155  0.591   1.00 21.00 ? 19  ILE A CG2 1 
ATOM   65   C CD1 . ILE A 1 19  ? -8.527  11.523  0.807   1.00 22.60 ? 19  ILE A CD1 1 
ATOM   66   N N   . GLU A 1 20  ? -11.568 9.795   1.741   1.00 15.93 ? 20  GLU A N   1 
ATOM   67   C CA  . GLU A 1 20  ? -11.267 8.385   1.994   1.00 16.49 ? 20  GLU A CA  1 
ATOM   68   C C   . GLU A 1 20  ? -9.959  7.912   1.373   1.00 16.56 ? 20  GLU A C   1 
ATOM   69   O O   . GLU A 1 20  ? -9.808  7.929   0.151   1.00 16.31 ? 20  GLU A O   1 
ATOM   70   C CB  . GLU A 1 20  ? -12.417 7.495   1.516   1.00 17.60 ? 20  GLU A CB  1 
ATOM   71   C CG  . GLU A 1 20  ? -13.680 7.694   2.326   1.00 19.18 ? 20  GLU A CG  1 
ATOM   72   C CD  . GLU A 1 20  ? -14.681 6.547   2.151   1.00 23.05 ? 20  GLU A CD  1 
ATOM   73   O OE1 . GLU A 1 20  ? -15.065 5.940   3.170   1.00 25.94 ? 20  GLU A OE1 1 
ATOM   74   O OE2 . GLU A 1 20  ? -15.089 6.250   1.010   1.00 22.71 ? 20  GLU A OE2 1 
ATOM   75   N N   . LEU A 1 21  ? -9.031  7.475   2.226   1.00 15.82 ? 21  LEU A N   1 
ATOM   76   C CA  . LEU A 1 21  ? -7.856  6.729   1.764   1.00 15.62 ? 21  LEU A CA  1 
ATOM   77   C C   . LEU A 1 21  ? -8.107  5.233   1.865   1.00 15.67 ? 21  LEU A C   1 
ATOM   78   O O   . LEU A 1 21  ? -7.402  4.455   1.243   1.00 16.10 ? 21  LEU A O   1 
ATOM   79   C CB  . LEU A 1 21  ? -6.609  7.063   2.586   1.00 15.55 ? 21  LEU A CB  1 
ATOM   80   C CG  . LEU A 1 21  ? -6.114  8.511   2.584   1.00 15.63 ? 21  LEU A CG  1 
ATOM   81   C CD1 . LEU A 1 21  ? -4.798  8.585   3.352   1.00 17.11 ? 21  LEU A CD1 1 
ATOM   82   C CD2 . LEU A 1 21  ? -5.920  9.055   1.188   1.00 16.64 ? 21  LEU A CD2 1 
ATOM   83   N N   . ALA A 1 22  ? -9.114  4.840   2.654   1.00 15.28 ? 22  ALA A N   1 
ATOM   84   C CA  . ALA A 1 22  ? -9.291  3.436   3.012   1.00 15.38 ? 22  ALA A CA  1 
ATOM   85   C C   . ALA A 1 22  ? -10.697 2.919   2.722   1.00 15.59 ? 22  ALA A C   1 
ATOM   86   O O   . ALA A 1 22  ? -11.268 2.155   3.527   1.00 16.33 ? 22  ALA A O   1 
ATOM   87   C CB  . ALA A 1 22  ? -8.950  3.221   4.489   1.00 15.02 ? 22  ALA A CB  1 
ATOM   88   N N   . GLY A 1 23  ? -11.239 3.329   1.576   1.00 15.80 ? 23  GLY A N   1 
ATOM   89   C CA  . GLY A 1 23  ? -12.488 2.770   1.059   1.00 16.41 ? 23  GLY A CA  1 
ATOM   90   C C   . GLY A 1 23  ? -12.248 1.390   0.474   1.00 16.66 ? 23  GLY A C   1 
ATOM   91   O O   . GLY A 1 23  ? -11.141 0.855   0.558   1.00 16.62 ? 23  GLY A O   1 
ATOM   92   N N   . GLY A 1 24  ? -13.283 0.809   -0.145  1.00 15.98 ? 24  GLY A N   1 
ATOM   93   C CA  . GLY A 1 24  ? -13.123 -0.481  -0.813  1.00 15.89 ? 24  GLY A CA  1 
ATOM   94   C C   . GLY A 1 24  ? -12.563 -1.553  0.105   1.00 15.39 ? 24  GLY A C   1 
ATOM   95   O O   . GLY A 1 24  ? -13.004 -1.684  1.262   1.00 16.52 ? 24  GLY A O   1 
ATOM   96   N N   . ASN A 1 25  ? -11.604 -2.323  -0.420  1.00 15.02 ? 25  ASN A N   1 
ATOM   97   C CA  . ASN A 1 25  ? -10.927 -3.364  0.359   1.00 14.90 ? 25  ASN A CA  1 
ATOM   98   C C   . ASN A 1 25  ? -9.616  -2.892  0.996   1.00 15.39 ? 25  ASN A C   1 
ATOM   99   O O   . ASN A 1 25  ? -8.841  -3.710  1.504   1.00 16.64 ? 25  ASN A O   1 
ATOM   100  C CB  . ASN A 1 25  ? -10.679 -4.630  -0.474  1.00 15.56 ? 25  ASN A CB  1 
ATOM   101  C CG  . ASN A 1 25  ? -11.962 -5.318  -0.875  1.00 16.66 ? 25  ASN A CG  1 
ATOM   102  O OD1 . ASN A 1 25  ? -12.950 -5.273  -0.142  1.00 18.59 ? 25  ASN A OD1 1 
ATOM   103  N ND2 . ASN A 1 25  ? -11.957 -5.942  -2.044  1.00 17.51 ? 25  ASN A ND2 1 
ATOM   104  N N   . VAL A 1 26  ? -9.374  -1.580  0.992   1.00 14.52 ? 26  VAL A N   1 
ATOM   105  C CA  . VAL A 1 26  ? -8.133  -1.044  1.612   1.00 14.41 ? 26  VAL A CA  1 
ATOM   106  C C   . VAL A 1 26  ? -8.247  -1.072  3.130   1.00 14.90 ? 26  VAL A C   1 
ATOM   107  O O   . VAL A 1 26  ? -9.268  -0.663  3.676   1.00 16.78 ? 26  VAL A O   1 
ATOM   108  C CB  . VAL A 1 26  ? -7.851  0.385   1.136   1.00 14.48 ? 26  VAL A CB  1 
ATOM   109  C CG1 . VAL A 1 26  ? -6.549  0.930   1.757   1.00 14.49 ? 26  VAL A CG1 1 
ATOM   110  C CG2 . VAL A 1 26  ? -7.693  0.420   -0.363  1.00 14.68 ? 26  VAL A CG2 1 
ATOM   111  N N   . HIS A 1 27  ? -7.208  -1.555  3.801   1.00 14.18 ? 27  HIS A N   1 
ATOM   112  C CA  . HIS A 1 27  ? -7.161  -1.594  5.267   1.00 14.08 ? 27  HIS A CA  1 
ATOM   113  C C   . HIS A 1 27  ? -6.317  -0.436  5.802   1.00 14.49 ? 27  HIS A C   1 
ATOM   114  O O   . HIS A 1 27  ? -5.172  -0.269  5.393   1.00 14.38 ? 27  HIS A O   1 
ATOM   115  C CB  . HIS A 1 27  ? -6.572  -2.925  5.751   1.00 14.12 ? 27  HIS A CB  1 
ATOM   116  C CG  . HIS A 1 27  ? -7.336  -4.123  5.264   1.00 15.69 ? 27  HIS A CG  1 
ATOM   117  N ND1 . HIS A 1 27  ? -8.462  -4.586  5.913   1.00 17.64 ? 27  HIS A ND1 1 
ATOM   118  C CD2 . HIS A 1 27  ? -7.167  -4.918  4.182   1.00 19.03 ? 27  HIS A CD2 1 
ATOM   119  C CE1 . HIS A 1 27  ? -8.948  -5.626  5.257   1.00 18.59 ? 27  HIS A CE1 1 
ATOM   120  N NE2 . HIS A 1 27  ? -8.174  -5.858  4.208   1.00 20.36 ? 27  HIS A NE2 1 
ATOM   121  N N   . LEU A 1 28  ? -6.903  0.372   6.681   1.00 14.51 ? 28  LEU A N   1 
ATOM   122  C CA  . LEU A 1 28  ? -6.182  1.469   7.336   1.00 14.62 ? 28  LEU A CA  1 
ATOM   123  C C   . LEU A 1 28  ? -5.267  0.905   8.406   1.00 15.30 ? 28  LEU A C   1 
ATOM   124  O O   . LEU A 1 28  ? -5.716  0.128   9.244   1.00 15.25 ? 28  LEU A O   1 
ATOM   125  C CB  . LEU A 1 28  ? -7.186  2.423   7.988   1.00 15.12 ? 28  LEU A CB  1 
ATOM   126  C CG  . LEU A 1 28  ? -6.585  3.625   8.690   1.00 16.44 ? 28  LEU A CG  1 
ATOM   127  C CD1 . LEU A 1 28  ? -5.932  4.619   7.718   1.00 17.07 ? 28  LEU A CD1 1 
ATOM   128  C CD2 . LEU A 1 28  ? -7.679  4.278   9.511   1.00 18.58 ? 28  LEU A CD2 1 
ATOM   129  N N   . ILE A 1 29  ? -4.003  1.328   8.381   1.00 15.59 ? 29  ILE A N   1 
ATOM   130  C CA  . ILE A 1 29  ? -3.004  0.940   9.383   1.00 17.16 ? 29  ILE A CA  1 
ATOM   131  C C   . ILE A 1 29  ? -2.588  2.176   10.186  1.00 18.64 ? 29  ILE A C   1 
ATOM   132  O O   . ILE A 1 29  ? -1.898  3.055   9.669   1.00 18.71 ? 29  ILE A O   1 
ATOM   133  C CB  . ILE A 1 29  ? -1.745  0.316   8.711   1.00 16.81 ? 29  ILE A CB  1 
ATOM   134  C CG1 . ILE A 1 29  ? -2.122  -0.867  7.799   1.00 16.81 ? 29  ILE A CG1 1 
ATOM   135  C CG2 . ILE A 1 29  ? -0.700  -0.069  9.757   1.00 17.43 ? 29  ILE A CG2 1 
ATOM   136  C CD1 . ILE A 1 29  ? -2.766  -2.090  8.508   1.00 16.09 ? 29  ILE A CD1 1 
ATOM   137  N N   . THR A 1 30  ? -3.079  2.251   11.419  1.00 21.11 ? 30  THR A N   1 
ATOM   138  C CA  . THR A 1 30  ? -2.676  3.318   12.350  1.00 23.05 ? 30  THR A CA  1 
ATOM   139  C C   . THR A 1 30  ? -2.367  2.761   13.741  1.00 23.50 ? 30  THR A C   1 
ATOM   140  O O   . THR A 1 30  ? -2.347  3.529   14.714  1.00 24.48 ? 30  THR A O   1 
ATOM   141  C CB  . THR A 1 30  ? -3.767  4.405   12.536  1.00 23.37 ? 30  THR A CB  1 
ATOM   142  O OG1 . THR A 1 30  ? -4.933  3.799   13.107  1.00 26.28 ? 30  THR A OG1 1 
ATOM   143  C CG2 . THR A 1 30  ? -4.132  5.090   11.216  1.00 23.92 ? 30  THR A CG2 1 
ATOM   144  N N   . THR A 1 31  ? -2.192  1.439   13.845  1.00 23.18 ? 31  THR A N   1 
ATOM   145  C CA  . THR A 1 31  ? -1.517  0.832   15.009  1.00 22.45 ? 31  THR A CA  1 
ATOM   146  C C   . THR A 1 31  ? -0.404  -0.080  14.493  1.00 22.54 ? 31  THR A C   1 
ATOM   147  O O   . THR A 1 31  ? -0.543  -0.674  13.407  1.00 22.48 ? 31  THR A O   1 
ATOM   148  C CB  . THR A 1 31  ? -2.462  0.016   15.914  1.00 21.99 ? 31  THR A CB  1 
ATOM   149  O OG1 . THR A 1 31  ? -2.967  -1.109  15.190  1.00 21.88 ? 31  THR A OG1 1 
ATOM   150  C CG2 . THR A 1 31  ? -3.641  0.868   16.439  1.00 23.03 ? 31  THR A CG2 1 
ATOM   151  N N   . LYS A 1 32  ? 0.705   -0.158  15.242  1.00 22.17 ? 32  LYS A N   1 
ATOM   152  C CA  . LYS A 1 32  ? 1.804   -1.056  14.885  1.00 22.34 ? 32  LYS A CA  1 
ATOM   153  C C   . LYS A 1 32  ? 1.289   -2.481  14.860  1.00 20.81 ? 32  LYS A C   1 
ATOM   154  O O   . LYS A 1 32  ? 1.636   -3.250  13.959  1.00 20.36 ? 32  LYS A O   1 
ATOM   155  C CB  . LYS A 1 32  ? 3.001   -0.928  15.834  1.00 22.82 ? 32  LYS A CB  1 
ATOM   156  C CG  . LYS A 1 32  ? 3.900   0.237   15.478  1.00 27.32 ? 32  LYS A CG  1 
ATOM   157  C CD  . LYS A 1 32  ? 5.179   0.276   16.297  1.00 31.04 ? 32  LYS A CD  1 
ATOM   158  C CE  . LYS A 1 32  ? 5.805   1.660   16.223  1.00 34.81 ? 32  LYS A CE  1 
ATOM   159  N NZ  . LYS A 1 32  ? 7.295   1.610   16.268  1.00 37.42 ? 32  LYS A NZ  1 
ATOM   160  N N   . GLU A 1 33  ? 0.425   -2.839  15.817  1.00 19.57 ? 33  GLU A N   1 
ATOM   161  C CA  . GLU A 1 33  ? -0.111  -4.197  15.816  1.00 18.72 ? 33  GLU A CA  1 
ATOM   162  C C   . GLU A 1 33  ? -0.922  -4.542  14.577  1.00 17.88 ? 33  GLU A C   1 
ATOM   163  O O   . GLU A 1 33  ? -0.825  -5.669  14.138  1.00 18.57 ? 33  GLU A O   1 
ATOM   164  C CB  . GLU A 1 33  ? -0.853  -4.575  17.115  1.00 19.18 ? 33  GLU A CB  1 
ATOM   165  C CG  . GLU A 1 33  ? -2.194  -3.943  17.297  1.00 18.64 ? 33  GLU A CG  1 
ATOM   166  C CD  . GLU A 1 33  ? -2.631  -4.005  18.735  1.00 17.36 ? 33  GLU A CD  1 
ATOM   167  O OE1 . GLU A 1 33  ? -1.944  -3.382  19.578  1.00 16.01 ? 33  GLU A OE1 1 
ATOM   168  O OE2 . GLU A 1 33  ? -3.644  -4.690  19.018  1.00 16.83 ? 33  GLU A OE2 1 
ATOM   169  N N   . ARG A 1 34  ? -1.686  -3.597  14.016  1.00 17.98 ? 34  ARG A N   1 
ATOM   170  C CA  . ARG A 1 34  ? -2.412  -3.870  12.763  1.00 17.08 ? 34  ARG A CA  1 
ATOM   171  C C   . ARG A 1 34  ? -1.502  -4.153  11.613  1.00 16.88 ? 34  ARG A C   1 
ATOM   172  O O   . ARG A 1 34  ? -1.827  -5.000  10.801  1.00 17.18 ? 34  ARG A O   1 
ATOM   173  C CB  . ARG A 1 34  ? -3.443  -2.801  12.383  1.00 17.92 ? 34  ARG A CB  1 
ATOM   174  C CG  . ARG A 1 34  ? -4.800  -3.107  13.062  1.00 17.58 ? 34  ARG A CG  1 
ATOM   175  C CD  . ARG A 1 34  ? -5.769  -1.997  12.831  1.00 16.99 ? 34  ARG A CD  1 
ATOM   176  N NE  . ARG A 1 34  ? -6.082  -1.822  11.416  1.00 18.64 ? 34  ARG A NE  1 
ATOM   177  C CZ  . ARG A 1 34  ? -6.888  -2.625  10.720  1.00 19.80 ? 34  ARG A CZ  1 
ATOM   178  N NH1 . ARG A 1 34  ? -7.446  -3.687  11.300  1.00 19.88 ? 34  ARG A NH1 1 
ATOM   179  N NH2 . ARG A 1 34  ? -7.122  -2.378  9.436   1.00 19.03 ? 34  ARG A NH2 1 
ATOM   180  N N   . TRP A 1 35  ? -0.365  -3.464  11.580  1.00 15.99 ? 35  TRP A N   1 
ATOM   181  C CA  . TRP A 1 35  ? 0.671   -3.799  10.600  1.00 16.00 ? 35  TRP A CA  1 
ATOM   182  C C   . TRP A 1 35  ? 1.077   -5.265  10.755  1.00 16.29 ? 35  TRP A C   1 
ATOM   183  O O   . TRP A 1 35  ? 1.057   -6.035  9.784   1.00 16.18 ? 35  TRP A O   1 
ATOM   184  C CB  . TRP A 1 35  ? 1.887   -2.889  10.772  1.00 16.05 ? 35  TRP A CB  1 
ATOM   185  C CG  . TRP A 1 35  ? 3.037   -3.233  9.867   1.00 16.83 ? 35  TRP A CG  1 
ATOM   186  C CD1 . TRP A 1 35  ? 4.168   -3.936  10.207  1.00 17.86 ? 35  TRP A CD1 1 
ATOM   187  C CD2 . TRP A 1 35  ? 3.192   -2.882  8.471   1.00 15.29 ? 35  TRP A CD2 1 
ATOM   188  N NE1 . TRP A 1 35  ? 5.016   -4.029  9.122   1.00 17.48 ? 35  TRP A NE1 1 
ATOM   189  C CE2 . TRP A 1 35  ? 4.435   -3.411  8.044   1.00 15.89 ? 35  TRP A CE2 1 
ATOM   190  C CE3 . TRP A 1 35  ? 2.400   -2.180  7.543   1.00 17.30 ? 35  TRP A CE3 1 
ATOM   191  C CZ2 . TRP A 1 35  ? 4.918   -3.241  6.746   1.00 15.93 ? 35  TRP A CZ2 1 
ATOM   192  C CZ3 . TRP A 1 35  ? 2.881   -2.021  6.236   1.00 17.43 ? 35  TRP A CZ3 1 
ATOM   193  C CH2 . TRP A 1 35  ? 4.133   -2.548  5.855   1.00 16.94 ? 35  TRP A CH2 1 
ATOM   194  N N   . ASP A 1 36  ? 1.421   -5.666  11.984  1.00 16.01 ? 36  ASP A N   1 
ATOM   195  C CA  . ASP A 1 36  ? 1.818   -7.062  12.208  1.00 17.25 ? 36  ASP A CA  1 
ATOM   196  C C   . ASP A 1 36  ? 0.668   -8.063  11.989  1.00 16.27 ? 36  ASP A C   1 
ATOM   197  O O   . ASP A 1 36  ? 0.879   -9.154  11.441  1.00 16.11 ? 36  ASP A O   1 
ATOM   198  C CB  . ASP A 1 36  ? 2.434   -7.241  13.602  1.00 17.99 ? 36  ASP A CB  1 
ATOM   199  C CG  . ASP A 1 36  ? 3.891   -6.844  13.640  1.00 23.04 ? 36  ASP A CG  1 
ATOM   200  O OD1 . ASP A 1 36  ? 4.644   -7.193  12.688  1.00 26.97 ? 36  ASP A OD1 1 
ATOM   201  O OD2 . ASP A 1 36  ? 4.276   -6.205  14.643  1.00 25.93 ? 36  ASP A OD2 1 
ATOM   202  N N   . GLN A 1 37  ? -0.541  -7.679  12.399  1.00 17.38 ? 37  GLN A N   1 
ATOM   203  C CA  . GLN A 1 37  ? -1.723  -8.507  12.164  1.00 17.88 ? 37  GLN A CA  1 
ATOM   204  C C   . GLN A 1 37  ? -1.932  -8.784  10.674  1.00 16.61 ? 37  GLN A C   1 
ATOM   205  O O   . GLN A 1 37  ? -2.114  -9.931  10.261  1.00 17.00 ? 37  GLN A O   1 
ATOM   206  C CB  . GLN A 1 37  ? -2.971  -7.828  12.721  1.00 18.46 ? 37  GLN A CB  1 
ATOM   207  C CG  . GLN A 1 37  ? -4.268  -8.578  12.422  1.00 19.77 ? 37  GLN A CG  1 
ATOM   208  C CD  . GLN A 1 37  ? -5.510  -7.754  12.754  1.00 21.04 ? 37  GLN A CD  1 
ATOM   209  O OE1 . GLN A 1 37  ? -5.556  -7.053  13.772  1.00 24.56 ? 37  GLN A OE1 1 
ATOM   210  N NE2 . GLN A 1 37  ? -6.523  -7.831  11.888  1.00 24.00 ? 37  GLN A NE2 1 
ATOM   211  N N   . LYS A 1 38  ? -1.900  -7.725  9.869   1.00 16.55 ? 38  LYS A N   1 
ATOM   212  C CA  . LYS A 1 38  ? -2.139  -7.869  8.435   1.00 16.28 ? 38  LYS A CA  1 
ATOM   213  C C   . LYS A 1 38  ? -1.004  -8.583  7.701   1.00 15.59 ? 38  LYS A C   1 
ATOM   214  O O   . LYS A 1 38  ? -1.264  -9.432  6.857   1.00 16.10 ? 38  LYS A O   1 
ATOM   215  C CB  . LYS A 1 38  ? -2.436  -6.511  7.793   1.00 16.66 ? 38  LYS A CB  1 
ATOM   216  C CG  . LYS A 1 38  ? -3.707  -5.826  8.347   1.00 17.81 ? 38  LYS A CG  1 
ATOM   217  C CD  . LYS A 1 38  ? -4.957  -6.731  8.267   1.00 20.81 ? 38  LYS A CD  1 
ATOM   218  C CE  . LYS A 1 38  ? -5.498  -6.891  6.851   1.00 24.86 ? 38  LYS A CE  1 
ATOM   219  N NZ  . LYS A 1 38  ? -6.763  -7.732  6.833   1.00 25.65 ? 38  LYS A NZ  1 
ATOM   220  N N   . LEU A 1 39  ? 0.248   -8.227  8.008   1.00 15.59 ? 39  LEU A N   1 
ATOM   221  C CA  . LEU A 1 39  ? 1.386   -8.950  7.425   1.00 15.62 ? 39  LEU A CA  1 
ATOM   222  C C   . LEU A 1 39  ? 1.367   -10.448 7.802   1.00 15.54 ? 39  LEU A C   1 
ATOM   223  O O   . LEU A 1 39  ? 1.639   -11.305 6.964   1.00 15.85 ? 39  LEU A O   1 
ATOM   224  C CB  . LEU A 1 39  ? 2.723   -8.286  7.771   1.00 15.63 ? 39  LEU A CB  1 
ATOM   225  C CG  . LEU A 1 39  ? 3.220   -7.327  6.679   1.00 17.75 ? 39  LEU A CG  1 
ATOM   226  C CD1 . LEU A 1 39  ? 2.311   -6.124  6.468   1.00 19.13 ? 39  LEU A CD1 1 
ATOM   227  C CD2 . LEU A 1 39  ? 4.648   -6.871  6.997   1.00 18.08 ? 39  LEU A CD2 1 
ATOM   228  N N   . SER A 1 40  ? 0.988   -10.744 9.044   1.00 15.60 ? 40  SER A N   1 
ATOM   229  C CA  . SER A 1 40  ? 0.924   -12.142 9.490   1.00 16.43 ? 40  SER A CA  1 
ATOM   230  C C   . SER A 1 40  ? -0.177  -12.910 8.758   1.00 15.78 ? 40  SER A C   1 
ATOM   231  O O   . SER A 1 40  ? 0.030   -14.045 8.314   1.00 16.62 ? 40  SER A O   1 
ATOM   232  C CB  . SER A 1 40  ? 0.819   -12.265 11.017  1.00 16.34 ? 40  SER A CB  1 
ATOM   233  O OG  . SER A 1 40  ? -0.368  -11.687 11.525  1.00 19.84 ? 40  SER A OG  1 
ATOM   234  N N   . GLU A 1 41  ? -1.343  -12.281 8.611   1.00 16.11 ? 41  GLU A N   1 
ATOM   235  C CA  . GLU A 1 41  ? -2.427  -12.866 7.820   1.00 16.57 ? 41  GLU A CA  1 
ATOM   236  C C   . GLU A 1 41  ? -1.965  -13.135 6.391   1.00 16.30 ? 41  GLU A C   1 
ATOM   237  O O   . GLU A 1 41  ? -2.167  -14.218 5.859   1.00 16.30 ? 41  GLU A O   1 
ATOM   238  C CB  . GLU A 1 41  ? -3.622  -11.911 7.793   1.00 16.82 ? 41  GLU A CB  1 
ATOM   239  C CG  . GLU A 1 41  ? -4.786  -12.382 6.920   1.00 17.19 ? 41  GLU A CG  1 
ATOM   240  C CD  . GLU A 1 41  ? -5.860  -11.310 6.736   1.00 19.26 ? 41  GLU A CD  1 
ATOM   241  O OE1 . GLU A 1 41  ? -5.861  -10.297 7.475   1.00 22.75 ? 41  GLU A OE1 1 
ATOM   242  O OE2 . GLU A 1 41  ? -6.704  -11.481 5.828   1.00 24.42 ? 41  GLU A OE2 1 
ATOM   243  N N   . ALA A 1 42  ? -1.351  -12.140 5.757   1.00 16.35 ? 42  ALA A N   1 
ATOM   244  C CA  . ALA A 1 42  ? -0.880  -12.326 4.387   1.00 16.23 ? 42  ALA A CA  1 
ATOM   245  C C   . ALA A 1 42  ? 0.155   -13.444 4.283   1.00 16.17 ? 42  ALA A C   1 
ATOM   246  O O   . ALA A 1 42  ? 0.175   -14.204 3.303   1.00 16.99 ? 42  ALA A O   1 
ATOM   247  C CB  . ALA A 1 42  ? -0.317  -11.024 3.833   1.00 16.65 ? 42  ALA A CB  1 
ATOM   248  N N   . SER A 1 43  ? 1.024   -13.541 5.287   1.00 16.09 ? 43  SER A N   1 
ATOM   249  C CA  . SER A 1 43  ? 2.029   -14.594 5.305   1.00 16.75 ? 43  SER A CA  1 
ATOM   250  C C   . SER A 1 43  ? 1.371   -15.967 5.425   1.00 17.86 ? 43  SER A C   1 
ATOM   251  O O   . SER A 1 43  ? 1.692   -16.864 4.637   1.00 18.87 ? 43  SER A O   1 
ATOM   252  C CB  . SER A 1 43  ? 3.037   -14.380 6.435   1.00 16.71 ? 43  SER A CB  1 
ATOM   253  O OG  . SER A 1 43  ? 4.048   -15.371 6.366   1.00 16.31 ? 43  SER A OG  1 
ATOM   254  N N   . ARG A 1 44  ? 0.436   -16.113 6.368   1.00 19.80 ? 44  ARG A N   1 
ATOM   255  C CA  . ARG A 1 44  ? -0.301  -17.382 6.550   1.00 21.02 ? 44  ARG A CA  1 
ATOM   256  C C   . ARG A 1 44  ? -1.042  -17.784 5.280   1.00 21.44 ? 44  ARG A C   1 
ATOM   257  O O   . ARG A 1 44  ? -1.131  -18.974 4.948   1.00 21.62 ? 44  ARG A O   1 
ATOM   258  C CB  . ARG A 1 44  ? -1.314  -17.304 7.701   1.00 21.03 ? 44  ARG A CB  1 
ATOM   259  C CG  . ARG A 1 44  ? -0.707  -17.116 9.093   1.00 22.14 ? 44  ARG A CG  1 
ATOM   260  C CD  . ARG A 1 44  ? -1.741  -17.342 10.236  1.00 23.09 ? 44  ARG A CD  1 
ATOM   261  N NE  . ARG A 1 44  ? -3.011  -16.638 9.997   1.00 26.93 ? 44  ARG A NE  1 
ATOM   262  C CZ  . ARG A 1 44  ? -3.292  -15.399 10.405  1.00 27.40 ? 44  ARG A CZ  1 
ATOM   263  N NH1 . ARG A 1 44  ? -2.410  -14.685 11.098  1.00 27.15 ? 44  ARG A NH1 1 
ATOM   264  N NH2 . ARG A 1 44  ? -4.470  -14.864 10.109  1.00 26.78 ? 44  ARG A NH2 1 
ATOM   265  N N   . ASP A 1 45  ? -1.572  -16.792 4.574   1.00 21.85 ? 45  ASP A N   1 
ATOM   266  C CA  . ASP A 1 45  ? -2.407  -17.055 3.402   1.00 23.02 ? 45  ASP A CA  1 
ATOM   267  C C   . ASP A 1 45  ? -1.656  -17.034 2.073   1.00 22.89 ? 45  ASP A C   1 
ATOM   268  O O   . ASP A 1 45  ? -2.260  -17.262 1.013   1.00 23.84 ? 45  ASP A O   1 
ATOM   269  C CB  . ASP A 1 45  ? -3.591  -16.089 3.365   1.00 23.51 ? 45  ASP A CB  1 
ATOM   270  C CG  . ASP A 1 45  ? -4.563  -16.305 4.520   1.00 25.78 ? 45  ASP A CG  1 
ATOM   271  O OD1 . ASP A 1 45  ? -4.423  -17.312 5.248   1.00 28.41 ? 45  ASP A OD1 1 
ATOM   272  O OD2 . ASP A 1 45  ? -5.480  -15.470 4.699   1.00 30.55 ? 45  ASP A OD2 1 
ATOM   273  N N   . GLY A 1 46  ? -0.348  -16.778 2.127   1.00 22.53 ? 46  GLY A N   1 
ATOM   274  C CA  . GLY A 1 46  ? 0.485   -16.736 0.928   1.00 21.86 ? 46  GLY A CA  1 
ATOM   275  C C   . GLY A 1 46  ? 0.078   -15.624 -0.021  1.00 21.98 ? 46  GLY A C   1 
ATOM   276  O O   . GLY A 1 46  ? -0.096  -15.849 -1.218  1.00 23.66 ? 46  GLY A O   1 
ATOM   277  N N   . LYS A 1 47  ? -0.112  -14.430 0.528   1.00 20.44 ? 47  LYS A N   1 
ATOM   278  C CA  . LYS A 1 47  ? -0.538  -13.267 -0.259  1.00 19.37 ? 47  LYS A CA  1 
ATOM   279  C C   . LYS A 1 47  ? 0.531   -12.196 -0.283  1.00 18.57 ? 47  LYS A C   1 
ATOM   280  O O   . LYS A 1 47  ? 1.231   -11.989 0.706   1.00 17.97 ? 47  LYS A O   1 
ATOM   281  C CB  . LYS A 1 47  ? -1.790  -12.636 0.345   1.00 19.96 ? 47  LYS A CB  1 
ATOM   282  C CG  . LYS A 1 47  ? -3.064  -13.436 0.176   1.00 23.08 ? 47  LYS A CG  1 
ATOM   283  C CD  . LYS A 1 47  ? -4.225  -12.602 0.664   1.00 27.42 ? 47  LYS A CD  1 
ATOM   284  C CE  . LYS A 1 47  ? -5.548  -13.283 0.354   1.00 28.28 ? 47  LYS A CE  1 
ATOM   285  N NZ  . LYS A 1 47  ? -6.681  -12.457 0.847   1.00 30.77 ? 47  LYS A NZ  1 
ATOM   286  N N   . ILE A 1 48  ? 0.608   -11.495 -1.405  1.00 16.23 ? 48  ILE A N   1 
ATOM   287  C CA  . ILE A 1 48  ? 1.403   -10.282 -1.505  1.00 16.63 ? 48  ILE A CA  1 
ATOM   288  C C   . ILE A 1 48  ? 0.629   -9.122  -0.865  1.00 15.76 ? 48  ILE A C   1 
ATOM   289  O O   . ILE A 1 48  ? -0.598  -8.988  -1.023  1.00 15.48 ? 48  ILE A O   1 
ATOM   290  C CB  . ILE A 1 48  ? 1.757   -9.987  -2.975  1.00 18.14 ? 48  ILE A CB  1 
ATOM   291  C CG1 . ILE A 1 48  ? 2.505   -11.189 -3.588  1.00 20.82 ? 48  ILE A CG1 1 
ATOM   292  C CG2 . ILE A 1 48  ? 2.587   -8.704  -3.105  1.00 16.78 ? 48  ILE A CG2 1 
ATOM   293  C CD1 . ILE A 1 48  ? 2.540   -11.176 -5.079  1.00 26.96 ? 48  ILE A CD1 1 
ATOM   294  N N   . VAL A 1 49  ? 1.375   -8.286  -0.153  1.00 14.42 ? 49  VAL A N   1 
ATOM   295  C CA  . VAL A 1 49  ? 0.842   -7.074  0.462   1.00 14.44 ? 49  VAL A CA  1 
ATOM   296  C C   . VAL A 1 49  ? 1.235   -5.855  -0.360  1.00 14.93 ? 49  VAL A C   1 
ATOM   297  O O   . VAL A 1 49  ? 2.383   -5.732  -0.789  1.00 15.59 ? 49  VAL A O   1 
ATOM   298  C CB  . VAL A 1 49  ? 1.415   -6.902  1.886   1.00 14.22 ? 49  VAL A CB  1 
ATOM   299  C CG1 . VAL A 1 49  ? 1.091   -5.528  2.461   1.00 15.11 ? 49  VAL A CG1 1 
ATOM   300  C CG2 . VAL A 1 49  ? 0.887   -8.011  2.821   1.00 15.07 ? 49  VAL A CG2 1 
ATOM   301  N N   . LEU A 1 50  ? 0.288   -4.959  -0.572  1.00 13.91 ? 50  LEU A N   1 
ATOM   302  C CA  . LEU A 1 50  ? 0.588   -3.675  -1.176  1.00 13.89 ? 50  LEU A CA  1 
ATOM   303  C C   . LEU A 1 50  ? 0.407   -2.640  -0.080  1.00 14.57 ? 50  LEU A C   1 
ATOM   304  O O   . LEU A 1 50  ? -0.702  -2.485  0.448   1.00 14.63 ? 50  LEU A O   1 
ATOM   305  C CB  . LEU A 1 50  ? -0.330  -3.415  -2.384  1.00 14.68 ? 50  LEU A CB  1 
ATOM   306  C CG  . LEU A 1 50  ? -0.130  -2.123  -3.186  1.00 15.79 ? 50  LEU A CG  1 
ATOM   307  C CD1 . LEU A 1 50  ? 1.345   -1.701  -3.433  1.00 17.32 ? 50  LEU A CD1 1 
ATOM   308  C CD2 . LEU A 1 50  ? -0.921  -2.176  -4.512  1.00 14.27 ? 50  LEU A CD2 1 
ATOM   309  N N   . ALA A 1 51  ? 1.504   -1.979  0.298   1.00 13.40 ? 51  ALA A N   1 
ATOM   310  C CA  . ALA A 1 51  ? 1.481   -1.022  1.408   1.00 13.89 ? 51  ALA A CA  1 
ATOM   311  C C   . ALA A 1 51  ? 1.692   0.398   0.886   1.00 14.23 ? 51  ALA A C   1 
ATOM   312  O O   . ALA A 1 51  ? 2.768   0.714   0.361   1.00 15.05 ? 51  ALA A O   1 
ATOM   313  C CB  . ALA A 1 51  ? 2.542   -1.376  2.465   1.00 14.53 ? 51  ALA A CB  1 
ATOM   314  N N   . ASN A 1 52  ? 0.668   1.237   1.050   1.00 13.49 ? 52  ASN A N   1 
ATOM   315  C CA  . ASN A 1 52  ? 0.646   2.611   0.570   1.00 13.09 ? 52  ASN A CA  1 
ATOM   316  C C   . ASN A 1 52  ? 0.922   3.520   1.743   1.00 13.62 ? 52  ASN A C   1 
ATOM   317  O O   . ASN A 1 52  ? 0.055   3.702   2.583   1.00 14.05 ? 52  ASN A O   1 
ATOM   318  C CB  . ASN A 1 52  ? -0.748  2.881   -0.029  1.00 12.71 ? 52  ASN A CB  1 
ATOM   319  C CG  . ASN A 1 52  ? -1.006  4.347   -0.419  1.00 13.61 ? 52  ASN A CG  1 
ATOM   320  O OD1 . ASN A 1 52  ? -2.119  4.667   -0.934  1.00 16.64 ? 52  ASN A OD1 1 
ATOM   321  N ND2 . ASN A 1 52  ? -0.042  5.235   -0.174  1.00 11.79 ? 52  ASN A ND2 1 
ATOM   322  N N   . PHE A 1 53  ? 2.132   4.073   1.806   1.00 13.61 ? 53  PHE A N   1 
ATOM   323  C CA  . PHE A 1 53  ? 2.466   5.042   2.846   1.00 14.30 ? 53  PHE A CA  1 
ATOM   324  C C   . PHE A 1 53  ? 2.082   6.416   2.317   1.00 14.12 ? 53  PHE A C   1 
ATOM   325  O O   . PHE A 1 53  ? 2.677   6.903   1.355   1.00 15.00 ? 53  PHE A O   1 
ATOM   326  C CB  . PHE A 1 53  ? 3.962   4.982   3.170   1.00 14.59 ? 53  PHE A CB  1 
ATOM   327  C CG  . PHE A 1 53  ? 4.361   3.751   3.944   1.00 15.72 ? 53  PHE A CG  1 
ATOM   328  C CD1 . PHE A 1 53  ? 4.539   3.809   5.331   1.00 15.23 ? 53  PHE A CD1 1 
ATOM   329  C CD2 . PHE A 1 53  ? 4.607   2.552   3.275   1.00 16.12 ? 53  PHE A CD2 1 
ATOM   330  C CE1 . PHE A 1 53  ? 4.911   2.677   6.055   1.00 16.43 ? 53  PHE A CE1 1 
ATOM   331  C CE2 . PHE A 1 53  ? 4.989   1.402   3.983   1.00 16.92 ? 53  PHE A CE2 1 
ATOM   332  C CZ  . PHE A 1 53  ? 5.146   1.468   5.381   1.00 15.58 ? 53  PHE A CZ  1 
ATOM   333  N N   . SER A 1 54  ? 1.042   7.000   2.911   1.00 13.64 ? 54  SER A N   1 
ATOM   334  C CA  . SER A 1 54  ? 0.467   8.267   2.411   1.00 14.12 ? 54  SER A CA  1 
ATOM   335  C C   . SER A 1 54  ? 0.281   9.300   3.511   1.00 14.48 ? 54  SER A C   1 
ATOM   336  O O   . SER A 1 54  ? 0.269   8.963   4.691   1.00 15.04 ? 54  SER A O   1 
ATOM   337  C CB  . SER A 1 54  ? -0.891  8.003   1.735   1.00 15.01 ? 54  SER A CB  1 
ATOM   338  O OG  . SER A 1 54  ? -0.770  7.744   0.351   1.00 15.60 ? 54  SER A OG  1 
ATOM   339  N N   . ALA A 1 55  ? 0.110   10.551  3.089   1.00 14.90 ? 55  ALA A N   1 
ATOM   340  C CA  . ALA A 1 55  ? -0.170  11.659  3.995   1.00 15.42 ? 55  ALA A CA  1 
ATOM   341  C C   . ALA A 1 55  ? -1.421  12.347  3.489   1.00 15.52 ? 55  ALA A C   1 
ATOM   342  O O   . ALA A 1 55  ? -1.538  12.634  2.297   1.00 15.66 ? 55  ALA A O   1 
ATOM   343  C CB  . ALA A 1 55  ? 1.020   12.641  4.017   1.00 15.88 ? 55  ALA A CB  1 
ATOM   344  N N   . ARG A 1 56  ? -2.362  12.602  4.395   1.00 15.77 ? 56  ARG A N   1 
ATOM   345  C CA  . ARG A 1 56  ? -3.632  13.214  3.992   1.00 16.52 ? 56  ARG A CA  1 
ATOM   346  C C   . ARG A 1 56  ? -3.478  14.645  3.462   1.00 16.41 ? 56  ARG A C   1 
ATOM   347  O O   . ARG A 1 56  ? -4.299  15.101  2.661   1.00 17.10 ? 56  ARG A O   1 
ATOM   348  C CB  . ARG A 1 56  ? -4.626  13.149  5.153   1.00 15.81 ? 56  ARG A CB  1 
ATOM   349  C CG  . ARG A 1 56  ? -4.996  11.728  5.500   1.00 16.15 ? 56  ARG A CG  1 
ATOM   350  C CD  . ARG A 1 56  ? -5.937  11.647  6.709   1.00 17.20 ? 56  ARG A CD  1 
ATOM   351  N NE  . ARG A 1 56  ? -6.164  10.252  7.046   1.00 17.64 ? 56  ARG A NE  1 
ATOM   352  C CZ  . ARG A 1 56  ? -7.083  9.483   6.456   1.00 18.99 ? 56  ARG A CZ  1 
ATOM   353  N NH1 . ARG A 1 56  ? -7.890  9.993   5.532   1.00 17.43 ? 56  ARG A NH1 1 
ATOM   354  N NH2 . ARG A 1 56  ? -7.203  8.212   6.817   1.00 19.84 ? 56  ARG A NH2 1 
ATOM   355  N N   . TRP A 1 57  ? -2.410  15.332  3.877   1.00 16.91 ? 57  TRP A N   1 
ATOM   356  C CA  . TRP A 1 57  ? -2.154  16.713  3.445   1.00 16.98 ? 57  TRP A CA  1 
ATOM   357  C C   . TRP A 1 57  ? -1.472  16.777  2.075   1.00 16.69 ? 57  TRP A C   1 
ATOM   358  O O   . TRP A 1 57  ? -1.344  17.853  1.472   1.00 16.86 ? 57  TRP A O   1 
ATOM   359  C CB  . TRP A 1 57  ? -1.320  17.463  4.495   1.00 17.84 ? 57  TRP A CB  1 
ATOM   360  C CG  . TRP A 1 57  ? -0.097  16.713  4.923   1.00 17.29 ? 57  TRP A CG  1 
ATOM   361  C CD1 . TRP A 1 57  ? 0.039   15.949  6.035   1.00 18.76 ? 57  TRP A CD1 1 
ATOM   362  C CD2 . TRP A 1 57  ? 1.159   16.638  4.229   1.00 18.15 ? 57  TRP A CD2 1 
ATOM   363  N NE1 . TRP A 1 57  ? 1.300   15.402  6.096   1.00 19.44 ? 57  TRP A NE1 1 
ATOM   364  C CE2 . TRP A 1 57  ? 2.010   15.811  5.000   1.00 17.44 ? 57  TRP A CE2 1 
ATOM   365  C CE3 . TRP A 1 57  ? 1.646   17.188  3.033   1.00 20.22 ? 57  TRP A CE3 1 
ATOM   366  C CZ2 . TRP A 1 57  ? 3.321   15.504  4.612   1.00 20.03 ? 57  TRP A CZ2 1 
ATOM   367  C CZ3 . TRP A 1 57  ? 2.967   16.885  2.651   1.00 19.76 ? 57  TRP A CZ3 1 
ATOM   368  C CH2 . TRP A 1 57  ? 3.775   16.055  3.436   1.00 18.66 ? 57  TRP A CH2 1 
ATOM   369  N N   . CYS A 1 58  ? -1.065  15.615  1.577   1.00 16.38 ? 58  CYS A N   1 
ATOM   370  C CA  . CYS A 1 58  ? -0.316  15.533  0.334   1.00 15.95 ? 58  CYS A CA  1 
ATOM   371  C C   . CYS A 1 58  ? -1.235  15.340  -0.871  1.00 15.51 ? 58  CYS A C   1 
ATOM   372  O O   . CYS A 1 58  ? -1.922  14.328  -0.975  1.00 15.28 ? 58  CYS A O   1 
ATOM   373  C CB  . CYS A 1 58  ? 0.719   14.407  0.414   1.00 16.13 ? 58  CYS A CB  1 
ATOM   374  S SG  . CYS A 1 58  ? 1.642   14.136  -1.122  1.00 16.95 ? 58  CYS A SG  1 
ATOM   375  N N   . GLY A 1 59  ? -1.261  16.328  -1.760  1.00 15.85 ? 59  GLY A N   1 
ATOM   376  C CA  . GLY A 1 59  ? -2.095  16.269  -2.952  1.00 15.56 ? 59  GLY A CA  1 
ATOM   377  C C   . GLY A 1 59  ? -2.019  14.936  -3.686  1.00 15.77 ? 59  GLY A C   1 
ATOM   378  O O   . GLY A 1 59  ? -3.041  14.282  -3.913  1.00 15.80 ? 59  GLY A O   1 
ATOM   379  N N   . PRO A 1 60  ? -0.814  14.548  -4.119  1.00 15.68 ? 60  PRO A N   1 
ATOM   380  C CA  . PRO A 1 60  ? -0.631  13.260  -4.800  1.00 15.50 ? 60  PRO A CA  1 
ATOM   381  C C   . PRO A 1 60  ? -1.182  12.042  -4.047  1.00 14.93 ? 60  PRO A C   1 
ATOM   382  O O   . PRO A 1 60  ? -1.713  11.135  -4.686  1.00 15.36 ? 60  PRO A O   1 
ATOM   383  C CB  . PRO A 1 60  ? 0.880   13.182  -4.977  1.00 16.34 ? 60  PRO A CB  1 
ATOM   384  C CG  . PRO A 1 60  ? 1.269   14.620  -5.131  1.00 16.07 ? 60  PRO A CG  1 
ATOM   385  C CD  . PRO A 1 60  ? 0.415   15.364  -4.146  1.00 16.46 ? 60  PRO A CD  1 
ATOM   386  N N   . SER A 1 61  ? -1.066  12.013  -2.715  1.00 14.51 ? 61  SER A N   1 
ATOM   387  C CA  . SER A 1 61  ? -1.661  10.899  -1.947  1.00 15.05 ? 61  SER A CA  1 
ATOM   388  C C   . SER A 1 61  ? -3.160  10.858  -2.156  1.00 15.25 ? 61  SER A C   1 
ATOM   389  O O   . SER A 1 61  ? -3.756  9.800   -2.354  1.00 15.44 ? 61  SER A O   1 
ATOM   390  C CB  . SER A 1 61  ? -1.375  10.994  -0.456  1.00 15.22 ? 61  SER A CB  1 
ATOM   391  O OG  . SER A 1 61  ? -0.032  10.614  -0.158  1.00 15.78 ? 61  SER A OG  1 
ATOM   392  N N   . ARG A 1 62  ? -3.778  12.035  -2.104  1.00 14.79 ? 62  ARG A N   1 
ATOM   393  C CA  . ARG A 1 62  ? -5.226  12.131  -2.336  1.00 14.69 ? 62  ARG A CA  1 
ATOM   394  C C   . ARG A 1 62  ? -5.603  11.820  -3.777  1.00 15.84 ? 62  ARG A C   1 
ATOM   395  O O   . ARG A 1 62  ? -6.651  11.213  -4.051  1.00 16.63 ? 62  ARG A O   1 
ATOM   396  C CB  . ARG A 1 62  ? -5.727  13.519  -1.931  1.00 15.01 ? 62  ARG A CB  1 
ATOM   397  C CG  . ARG A 1 62  ? -5.442  13.824  -0.460  1.00 14.37 ? 62  ARG A CG  1 
ATOM   398  C CD  . ARG A 1 62  ? -6.270  14.993  0.065   1.00 16.49 ? 62  ARG A CD  1 
ATOM   399  N NE  . ARG A 1 62  ? -6.139  16.208  -0.746  1.00 16.02 ? 62  ARG A NE  1 
ATOM   400  C CZ  . ARG A 1 62  ? -5.170  17.116  -0.585  1.00 17.14 ? 62  ARG A CZ  1 
ATOM   401  N NH1 . ARG A 1 62  ? -4.245  16.949  0.363   1.00 17.09 ? 62  ARG A NH1 1 
ATOM   402  N NH2 . ARG A 1 62  ? -5.119  18.207  -1.352  1.00 17.38 ? 62  ARG A NH2 1 
ATOM   403  N N   . GLN A 1 63  ? -4.719  12.205  -4.690  1.00 15.88 ? 63  GLN A N   1 
ATOM   404  C CA  . GLN A 1 63  ? -4.916  12.012  -6.121  1.00 16.57 ? 63  GLN A CA  1 
ATOM   405  C C   . GLN A 1 63  ? -5.047  10.544  -6.472  1.00 16.40 ? 63  GLN A C   1 
ATOM   406  O O   . GLN A 1 63  ? -5.955  10.159  -7.206  1.00 17.78 ? 63  GLN A O   1 
ATOM   407  C CB  . GLN A 1 63  ? -3.753  12.629  -6.880  1.00 17.41 ? 63  GLN A CB  1 
ATOM   408  C CG  . GLN A 1 63  ? -3.886  12.564  -8.382  1.00 20.43 ? 63  GLN A CG  1 
ATOM   409  C CD  . GLN A 1 63  ? -2.621  13.040  -9.038  1.00 24.46 ? 63  GLN A CD  1 
ATOM   410  O OE1 . GLN A 1 63  ? -1.996  13.996  -8.567  1.00 30.19 ? 63  GLN A OE1 1 
ATOM   411  N NE2 . GLN A 1 63  ? -2.208  12.361  -10.098 1.00 27.52 ? 63  GLN A NE2 1 
ATOM   412  N N   . ILE A 1 64  ? -4.151  9.727   -5.933  1.00 15.88 ? 64  ILE A N   1 
ATOM   413  C CA  . ILE A 1 64  ? -4.153  8.303   -6.270  1.00 16.44 ? 64  ILE A CA  1 
ATOM   414  C C   . ILE A 1 64  ? -5.215  7.520   -5.473  1.00 15.54 ? 64  ILE A C   1 
ATOM   415  O O   . ILE A 1 64  ? -5.558  6.397   -5.844  1.00 15.61 ? 64  ILE A O   1 
ATOM   416  C CB  . ILE A 1 64  ? -2.736  7.683   -6.092  1.00 16.90 ? 64  ILE A CB  1 
ATOM   417  C CG1 . ILE A 1 64  ? -2.642  6.348   -6.825  1.00 19.38 ? 64  ILE A CG1 1 
ATOM   418  C CG2 . ILE A 1 64  ? -2.326  7.578   -4.636  1.00 17.17 ? 64  ILE A CG2 1 
ATOM   419  C CD1 . ILE A 1 64  ? -2.351  6.495   -8.267  1.00 23.81 ? 64  ILE A CD1 1 
ATOM   420  N N   . ALA A 1 65  ? -5.725  8.125   -4.398  1.00 15.44 ? 65  ALA A N   1 
ATOM   421  C CA  . ALA A 1 65  ? -6.581  7.410   -3.442  1.00 14.71 ? 65  ALA A CA  1 
ATOM   422  C C   . ALA A 1 65  ? -7.775  6.656   -4.084  1.00 15.30 ? 65  ALA A C   1 
ATOM   423  O O   . ALA A 1 65  ? -7.949  5.454   -3.829  1.00 15.03 ? 65  ALA A O   1 
ATOM   424  C CB  . ALA A 1 65  ? -7.056  8.336   -2.334  1.00 15.67 ? 65  ALA A CB  1 
ATOM   425  N N   . PRO A 1 66  ? -8.619  7.352   -4.880  1.00 15.74 ? 66  PRO A N   1 
ATOM   426  C CA  . PRO A 1 66  ? -9.780  6.624   -5.420  1.00 15.84 ? 66  PRO A CA  1 
ATOM   427  C C   . PRO A 1 66  ? -9.373  5.473   -6.338  1.00 15.84 ? 66  PRO A C   1 
ATOM   428  O O   . PRO A 1 66  ? -10.071 4.453   -6.389  1.00 16.10 ? 66  PRO A O   1 
ATOM   429  C CB  . PRO A 1 66  ? -10.563 7.704   -6.190  1.00 16.36 ? 66  PRO A CB  1 
ATOM   430  C CG  . PRO A 1 66  ? -9.562  8.759   -6.482  1.00 16.67 ? 66  PRO A CG  1 
ATOM   431  C CD  . PRO A 1 66  ? -8.622  8.762   -5.304  1.00 16.19 ? 66  PRO A CD  1 
ATOM   432  N N   . TYR A 1 67  ? -8.260  5.627   -7.057  1.00 16.05 ? 67  TYR A N   1 
ATOM   433  C CA  . TYR A 1 67  ? -7.793  4.566   -7.938  1.00 16.41 ? 67  TYR A CA  1 
ATOM   434  C C   . TYR A 1 67  ? -7.246  3.398   -7.131  1.00 15.52 ? 67  TYR A C   1 
ATOM   435  O O   . TYR A 1 67  ? -7.493  2.243   -7.456  1.00 16.03 ? 67  TYR A O   1 
ATOM   436  C CB  . TYR A 1 67  ? -6.737  5.071   -8.915  1.00 18.18 ? 67  TYR A CB  1 
ATOM   437  C CG  . TYR A 1 67  ? -6.413  4.053   -9.974  1.00 21.50 ? 67  TYR A CG  1 
ATOM   438  C CD1 . TYR A 1 67  ? -5.091  3.641   -10.193 1.00 24.33 ? 67  TYR A CD1 1 
ATOM   439  C CD2 . TYR A 1 67  ? -7.428  3.486   -10.756 1.00 25.07 ? 67  TYR A CD2 1 
ATOM   440  C CE1 . TYR A 1 67  ? -4.785  2.705   -11.178 1.00 25.82 ? 67  TYR A CE1 1 
ATOM   441  C CE2 . TYR A 1 67  ? -7.136  2.532   -11.742 1.00 26.47 ? 67  TYR A CE2 1 
ATOM   442  C CZ  . TYR A 1 67  ? -5.811  2.152   -11.948 1.00 24.80 ? 67  TYR A CZ  1 
ATOM   443  O OH  . TYR A 1 67  ? -5.502  1.218   -12.913 1.00 25.41 ? 67  TYR A OH  1 
ATOM   444  N N   . TYR A 1 68  ? -6.505  3.708   -6.072  1.00 15.12 ? 68  TYR A N   1 
ATOM   445  C CA  . TYR A 1 68  ? -6.011  2.692   -5.159  1.00 14.62 ? 68  TYR A CA  1 
ATOM   446  C C   . TYR A 1 68  ? -7.193  1.891   -4.588  1.00 14.35 ? 68  TYR A C   1 
ATOM   447  O O   . TYR A 1 68  ? -7.168  0.653   -4.547  1.00 14.96 ? 68  TYR A O   1 
ATOM   448  C CB  . TYR A 1 68  ? -5.189  3.369   -4.049  1.00 14.93 ? 68  TYR A CB  1 
ATOM   449  C CG  . TYR A 1 68  ? -4.413  2.408   -3.178  1.00 13.58 ? 68  TYR A CG  1 
ATOM   450  C CD1 . TYR A 1 68  ? -3.387  1.614   -3.716  1.00 14.28 ? 68  TYR A CD1 1 
ATOM   451  C CD2 . TYR A 1 68  ? -4.667  2.313   -1.813  1.00 12.85 ? 68  TYR A CD2 1 
ATOM   452  C CE1 . TYR A 1 68  ? -2.660  0.749   -2.922  1.00 13.49 ? 68  TYR A CE1 1 
ATOM   453  C CE2 . TYR A 1 68  ? -3.936  1.449   -0.996  1.00 13.47 ? 68  TYR A CE2 1 
ATOM   454  C CZ  . TYR A 1 68  ? -2.930  0.667   -1.562  1.00 13.92 ? 68  TYR A CZ  1 
ATOM   455  O OH  . TYR A 1 68  ? -2.168  -0.177  -0.814  1.00 14.09 ? 68  TYR A OH  1 
ATOM   456  N N   . ILE A 1 69  ? -8.236  2.605   -4.170  1.00 14.51 ? 69  ILE A N   1 
ATOM   457  C CA  . ILE A 1 69  ? -9.465  1.983   -3.666  1.00 14.51 ? 69  ILE A CA  1 
ATOM   458  C C   . ILE A 1 69  ? -10.136 1.075   -4.717  1.00 14.31 ? 69  ILE A C   1 
ATOM   459  O O   . ILE A 1 69  ? -10.509 -0.070  -4.421  1.00 14.71 ? 69  ILE A O   1 
ATOM   460  C CB  . ILE A 1 69  ? -10.408 3.060   -3.108  1.00 14.23 ? 69  ILE A CB  1 
ATOM   461  C CG1 . ILE A 1 69  ? -9.793  3.635   -1.830  1.00 15.08 ? 69  ILE A CG1 1 
ATOM   462  C CG2 . ILE A 1 69  ? -11.807 2.476   -2.830  1.00 15.21 ? 69  ILE A CG2 1 
ATOM   463  C CD1 . ILE A 1 69  ? -10.421 4.967   -1.370  1.00 16.47 ? 69  ILE A CD1 1 
ATOM   464  N N   . GLU A 1 70  ? -10.282 1.584   -5.937  1.00 13.80 ? 70  GLU A N   1 
ATOM   465  C CA  . GLU A 1 70  ? -10.850 0.775   -7.013  1.00 15.15 ? 70  GLU A CA  1 
ATOM   466  C C   . GLU A 1 70  ? -9.990  -0.467  -7.269  1.00 14.40 ? 70  GLU A C   1 
ATOM   467  O O   . GLU A 1 70  ? -10.522 -1.591  -7.356  1.00 15.49 ? 70  GLU A O   1 
ATOM   468  C CB  . GLU A 1 70  ? -11.050 1.612   -8.271  1.00 15.24 ? 70  GLU A CB  1 
ATOM   469  C CG  . GLU A 1 70  ? -11.510 0.824   -9.503  1.00 18.75 ? 70  GLU A CG  1 
ATOM   470  C CD  . GLU A 1 70  ? -12.897 0.209   -9.381  1.00 21.98 ? 70  GLU A CD  1 
ATOM   471  O OE1 . GLU A 1 70  ? -13.227 -0.646  -10.234 1.00 25.61 ? 70  GLU A OE1 1 
ATOM   472  O OE2 . GLU A 1 70  ? -13.681 0.572   -8.469  1.00 24.24 ? 70  GLU A OE2 1 
ATOM   473  N N   . LEU A 1 71  ? -8.670  -0.282  -7.349  1.00 14.14 ? 71  LEU A N   1 
ATOM   474  C CA  . LEU A 1 71  ? -7.758  -1.411  -7.530  1.00 14.07 ? 71  LEU A CA  1 
ATOM   475  C C   . LEU A 1 71  ? -7.910  -2.458  -6.420  1.00 13.97 ? 71  LEU A C   1 
ATOM   476  O O   . LEU A 1 71  ? -7.829  -3.657  -6.692  1.00 14.80 ? 71  LEU A O   1 
ATOM   477  C CB  . LEU A 1 71  ? -6.305  -0.933  -7.633  1.00 14.21 ? 71  LEU A CB  1 
ATOM   478  C CG  . LEU A 1 71  ? -5.936  -0.290  -8.967  1.00 15.12 ? 71  LEU A CG  1 
ATOM   479  C CD1 . LEU A 1 71  ? -4.534  0.300   -8.812  1.00 18.06 ? 71  LEU A CD1 1 
ATOM   480  C CD2 . LEU A 1 71  ? -5.999  -1.257  -10.153 1.00 18.17 ? 71  LEU A CD2 1 
ATOM   481  N N   . SER A 1 72  ? -8.143  -2.012  -5.178  1.00 14.11 ? 72  SER A N   1 
ATOM   482  C CA  . SER A 1 72  ? -8.345  -2.928  -4.059  1.00 15.01 ? 72  SER A CA  1 
ATOM   483  C C   . SER A 1 72  ? -9.569  -3.824  -4.277  1.00 15.46 ? 72  SER A C   1 
ATOM   484  O O   . SER A 1 72  ? -9.609  -4.950  -3.778  1.00 15.92 ? 72  SER A O   1 
ATOM   485  C CB  . SER A 1 72  ? -8.458  -2.189  -2.722  1.00 14.49 ? 72  SER A CB  1 
ATOM   486  O OG  . SER A 1 72  ? -9.769  -1.649  -2.518  1.00 14.27 ? 72  SER A OG  1 
ATOM   487  N N   . GLU A 1 73  ? -10.560 -3.299  -4.996  1.00 16.29 ? 73  GLU A N   1 
ATOM   488  C CA  . GLU A 1 73  ? -11.773 -4.072  -5.300  1.00 17.36 ? 73  GLU A CA  1 
ATOM   489  C C   . GLU A 1 73  ? -11.611 -4.942  -6.540  1.00 16.89 ? 73  GLU A C   1 
ATOM   490  O O   . GLU A 1 73  ? -12.252 -5.999  -6.629  1.00 17.66 ? 73  GLU A O   1 
ATOM   491  C CB  . GLU A 1 73  ? -12.986 -3.148  -5.411  1.00 18.21 ? 73  GLU A CB  1 
ATOM   492  C CG  . GLU A 1 73  ? -13.271 -2.448  -4.065  1.00 21.45 ? 73  GLU A CG  1 
ATOM   493  C CD  . GLU A 1 73  ? -14.599 -1.725  -3.991  1.00 25.72 ? 73  GLU A CD  1 
ATOM   494  O OE1 . GLU A 1 73  ? -15.193 -1.729  -2.894  1.00 26.70 ? 73  GLU A OE1 1 
ATOM   495  O OE2 . GLU A 1 73  ? -15.036 -1.134  -5.001  1.00 30.40 ? 73  GLU A OE2 1 
ATOM   496  N N   . ASN A 1 74  ? -10.746 -4.516  -7.469  1.00 15.72 ? 74  ASN A N   1 
ATOM   497  C CA  . ASN A 1 74  ? -10.462 -5.293  -8.688  1.00 16.38 ? 74  ASN A CA  1 
ATOM   498  C C   . ASN A 1 74  ? -9.514  -6.451  -8.415  1.00 16.06 ? 74  ASN A C   1 
ATOM   499  O O   . ASN A 1 74  ? -9.576  -7.480  -9.089  1.00 16.12 ? 74  ASN A O   1 
ATOM   500  C CB  . ASN A 1 74  ? -9.778  -4.438  -9.775  1.00 16.50 ? 74  ASN A CB  1 
ATOM   501  C CG  . ASN A 1 74  ? -10.604 -3.261  -10.266 1.00 19.31 ? 74  ASN A CG  1 
ATOM   502  O OD1 . ASN A 1 74  ? -10.028 -2.355  -10.868 1.00 25.14 ? 74  ASN A OD1 1 
ATOM   503  N ND2 . ASN A 1 74  ? -11.917 -3.260  -10.052 1.00 19.46 ? 74  ASN A ND2 1 
ATOM   504  N N   . TYR A 1 75  ? -8.594  -6.258  -7.466  1.00 15.71 ? 75  TYR A N   1 
ATOM   505  C CA  . TYR A 1 75  ? -7.523  -7.221  -7.202  1.00 15.67 ? 75  TYR A CA  1 
ATOM   506  C C   . TYR A 1 75  ? -7.542  -7.764  -5.777  1.00 16.59 ? 75  TYR A C   1 
ATOM   507  O O   . TYR A 1 75  ? -6.599  -7.555  -5.010  1.00 16.70 ? 75  TYR A O   1 
ATOM   508  C CB  . TYR A 1 75  ? -6.160  -6.581  -7.529  1.00 15.80 ? 75  TYR A CB  1 
ATOM   509  C CG  . TYR A 1 75  ? -5.979  -6.361  -8.997  1.00 15.11 ? 75  TYR A CG  1 
ATOM   510  C CD1 . TYR A 1 75  ? -5.612  -7.416  -9.842  1.00 16.69 ? 75  TYR A CD1 1 
ATOM   511  C CD2 . TYR A 1 75  ? -6.189  -5.111  -9.552  1.00 16.24 ? 75  TYR A CD2 1 
ATOM   512  C CE1 . TYR A 1 75  ? -5.447  -7.213  -11.205 1.00 16.98 ? 75  TYR A CE1 1 
ATOM   513  C CE2 . TYR A 1 75  ? -6.027  -4.892  -10.922 1.00 16.50 ? 75  TYR A CE2 1 
ATOM   514  C CZ  . TYR A 1 75  ? -5.664  -5.960  -11.743 1.00 16.89 ? 75  TYR A CZ  1 
ATOM   515  O OH  . TYR A 1 75  ? -5.498  -5.771  -13.095 1.00 20.53 ? 75  TYR A OH  1 
ATOM   516  N N   . PRO A 1 76  ? -8.606  -8.494  -5.408  1.00 16.86 ? 76  PRO A N   1 
ATOM   517  C CA  . PRO A 1 76  ? -8.719  -9.001  -4.034  1.00 17.15 ? 76  PRO A CA  1 
ATOM   518  C C   . PRO A 1 76  ? -7.660  -10.035 -3.658  1.00 17.55 ? 76  PRO A C   1 
ATOM   519  O O   . PRO A 1 76  ? -7.496  -10.318 -2.463  1.00 18.82 ? 76  PRO A O   1 
ATOM   520  C CB  . PRO A 1 76  ? -10.103 -9.652  -4.015  1.00 17.71 ? 76  PRO A CB  1 
ATOM   521  C CG  . PRO A 1 76  ? -10.337 -10.033 -5.446  1.00 18.24 ? 76  PRO A CG  1 
ATOM   522  C CD  . PRO A 1 76  ? -9.764  -8.894  -6.233  1.00 16.72 ? 76  PRO A CD  1 
ATOM   523  N N   . SER A 1 77  ? -6.955  -10.581 -4.656  1.00 17.62 ? 77  SER A N   1 
ATOM   524  C CA  . SER A 1 77  ? -5.832  -11.496 -4.412  1.00 19.27 ? 77  SER A CA  1 
ATOM   525  C C   . SER A 1 77  ? -4.706  -10.798 -3.651  1.00 18.79 ? 77  SER A C   1 
ATOM   526  O O   . SER A 1 77  ? -3.912  -11.458 -2.986  1.00 20.01 ? 77  SER A O   1 
ATOM   527  C CB  . SER A 1 77  ? -5.261  -12.053 -5.716  1.00 19.42 ? 77  SER A CB  1 
ATOM   528  O OG  . SER A 1 77  ? -6.217  -12.768 -6.485  1.00 23.46 ? 77  SER A OG  1 
ATOM   529  N N   . LEU A 1 78  ? -4.620  -9.479  -3.772  1.00 17.78 ? 78  LEU A N   1 
ATOM   530  C CA  . LEU A 1 78  ? -3.591  -8.731  -3.052  1.00 17.54 ? 78  LEU A CA  1 
ATOM   531  C C   . LEU A 1 78  ? -4.211  -8.127  -1.810  1.00 17.12 ? 78  LEU A C   1 
ATOM   532  O O   . LEU A 1 78  ? -5.383  -7.739  -1.817  1.00 16.94 ? 78  LEU A O   1 
ATOM   533  C CB  . LEU A 1 78  ? -3.041  -7.596  -3.912  1.00 19.09 ? 78  LEU A CB  1 
ATOM   534  C CG  . LEU A 1 78  ? -2.097  -7.865  -5.077  1.00 21.22 ? 78  LEU A CG  1 
ATOM   535  C CD1 . LEU A 1 78  ? -1.666  -6.530  -5.690  1.00 23.94 ? 78  LEU A CD1 1 
ATOM   536  C CD2 . LEU A 1 78  ? -0.872  -8.610  -4.623  1.00 24.11 ? 78  LEU A CD2 1 
ATOM   537  N N   . MET A 1 79  ? -3.419  -8.017  -0.751  1.00 15.49 ? 79  MET A N   1 
ATOM   538  C CA  . MET A 1 79  ? -3.862  -7.325  0.443   1.00 15.55 ? 79  MET A CA  1 
ATOM   539  C C   . MET A 1 79  ? -3.424  -5.847  0.369   1.00 14.87 ? 79  MET A C   1 
ATOM   540  O O   . MET A 1 79  ? -2.235  -5.561  0.404   1.00 15.33 ? 79  MET A O   1 
ATOM   541  C CB  . MET A 1 79  ? -3.227  -7.974  1.673   1.00 15.78 ? 79  MET A CB  1 
ATOM   542  C CG  . MET A 1 79  ? -3.597  -7.255  2.920   1.00 16.91 ? 79  MET A CG  1 
ATOM   543  S SD  . MET A 1 79  ? -2.845  -7.998  4.365   1.00 18.25 ? 79  MET A SD  1 
ATOM   544  C CE  . MET A 1 79  ? -3.891  -9.451  4.528   1.00 19.46 ? 79  MET A CE  1 
ATOM   545  N N   . PHE A 1 80  ? -4.386  -4.928  0.302   1.00 13.09 ? 80  PHE A N   1 
ATOM   546  C CA  . PHE A 1 80  ? -4.122  -3.491  0.182   1.00 13.16 ? 80  PHE A CA  1 
ATOM   547  C C   . PHE A 1 80  ? -4.163  -2.823  1.535   1.00 13.24 ? 80  PHE A C   1 
ATOM   548  O O   . PHE A 1 80  ? -5.190  -2.875  2.229   1.00 12.99 ? 80  PHE A O   1 
ATOM   549  C CB  . PHE A 1 80  ? -5.178  -2.794  -0.710  1.00 13.11 ? 80  PHE A CB  1 
ATOM   550  C CG  . PHE A 1 80  ? -5.032  -3.064  -2.194  1.00 12.16 ? 80  PHE A CG  1 
ATOM   551  C CD1 . PHE A 1 80  ? -4.851  -2.003  -3.081  1.00 13.63 ? 80  PHE A CD1 1 
ATOM   552  C CD2 . PHE A 1 80  ? -5.120  -4.366  -2.709  1.00 13.04 ? 80  PHE A CD2 1 
ATOM   553  C CE1 . PHE A 1 80  ? -4.740  -2.222  -4.449  1.00 13.88 ? 80  PHE A CE1 1 
ATOM   554  C CE2 . PHE A 1 80  ? -5.022  -4.582  -4.095  1.00 13.61 ? 80  PHE A CE2 1 
ATOM   555  C CZ  . PHE A 1 80  ? -4.829  -3.515  -4.954  1.00 13.72 ? 80  PHE A CZ  1 
ATOM   556  N N   . LEU A 1 81  ? -3.054  -2.180  1.900   1.00 12.33 ? 81  LEU A N   1 
ATOM   557  C CA  . LEU A 1 81  ? -2.957  -1.395  3.136   1.00 12.94 ? 81  LEU A CA  1 
ATOM   558  C C   . LEU A 1 81  ? -2.708  0.075   2.839   1.00 13.20 ? 81  LEU A C   1 
ATOM   559  O O   . LEU A 1 81  ? -2.061  0.401   1.833   1.00 12.85 ? 81  LEU A O   1 
ATOM   560  C CB  . LEU A 1 81  ? -1.784  -1.900  4.002   1.00 13.62 ? 81  LEU A CB  1 
ATOM   561  C CG  . LEU A 1 81  ? -1.733  -3.419  4.247   1.00 13.82 ? 81  LEU A CG  1 
ATOM   562  C CD1 . LEU A 1 81  ? -0.560  -3.782  5.145   1.00 16.59 ? 81  LEU A CD1 1 
ATOM   563  C CD2 . LEU A 1 81  ? -3.069  -3.918  4.849   1.00 14.26 ? 81  LEU A CD2 1 
ATOM   564  N N   . VAL A 1 82  ? -3.197  0.955   3.722   1.00 12.99 ? 82  VAL A N   1 
ATOM   565  C CA  . VAL A 1 82  ? -2.766  2.358   3.684   1.00 13.48 ? 82  VAL A CA  1 
ATOM   566  C C   . VAL A 1 82  ? -2.296  2.751   5.074   1.00 13.62 ? 82  VAL A C   1 
ATOM   567  O O   . VAL A 1 82  ? -2.976  2.467   6.073   1.00 14.24 ? 82  VAL A O   1 
ATOM   568  C CB  . VAL A 1 82  ? -3.837  3.311   3.083   1.00 13.41 ? 82  VAL A CB  1 
ATOM   569  C CG1 . VAL A 1 82  ? -5.092  3.410   3.979   1.00 12.88 ? 82  VAL A CG1 1 
ATOM   570  C CG2 . VAL A 1 82  ? -3.241  4.710   2.827   1.00 13.71 ? 82  VAL A CG2 1 
ATOM   571  N N   . ILE A 1 83  ? -1.101  3.342   5.130   1.00 13.76 ? 83  ILE A N   1 
ATOM   572  C CA  . ILE A 1 83  ? -0.493  3.733   6.389   1.00 15.19 ? 83  ILE A CA  1 
ATOM   573  C C   . ILE A 1 83  ? -0.463  5.249   6.381   1.00 15.80 ? 83  ILE A C   1 
ATOM   574  O O   . ILE A 1 83  ? 0.102   5.862   5.476   1.00 15.76 ? 83  ILE A O   1 
ATOM   575  C CB  . ILE A 1 83  ? 0.961   3.191   6.535   1.00 15.69 ? 83  ILE A CB  1 
ATOM   576  C CG1 . ILE A 1 83  ? 1.005   1.661   6.516   1.00 17.28 ? 83  ILE A CG1 1 
ATOM   577  C CG2 . ILE A 1 83  ? 1.625   3.753   7.783   1.00 18.58 ? 83  ILE A CG2 1 
ATOM   578  C CD1 . ILE A 1 83  ? 1.182   1.076   5.143   1.00 21.40 ? 83  ILE A CD1 1 
ATOM   579  N N   . ASP A 1 84  ? -1.104  5.856   7.378   1.00 16.40 ? 84  ASP A N   1 
ATOM   580  C CA  . ASP A 1 84  ? -1.087  7.311   7.499   1.00 16.53 ? 84  ASP A CA  1 
ATOM   581  C C   . ASP A 1 84  ? 0.215   7.705   8.192   1.00 17.29 ? 84  ASP A C   1 
ATOM   582  O O   . ASP A 1 84  ? 0.374   7.485   9.394   1.00 17.70 ? 84  ASP A O   1 
ATOM   583  C CB  . ASP A 1 84  ? -2.308  7.781   8.298   1.00 16.14 ? 84  ASP A CB  1 
ATOM   584  C CG  . ASP A 1 84  ? -2.421  9.286   8.390   1.00 18.09 ? 84  ASP A CG  1 
ATOM   585  O OD1 . ASP A 1 84  ? -1.395  9.983   8.269   1.00 18.20 ? 84  ASP A OD1 1 
ATOM   586  O OD2 . ASP A 1 84  ? -3.556  9.777   8.611   1.00 18.95 ? 84  ASP A OD2 1 
ATOM   587  N N   . VAL A 1 85  ? 1.134   8.313   7.440   1.00 18.06 ? 85  VAL A N   1 
ATOM   588  C CA  . VAL A 1 85  ? 2.485   8.581   7.964   1.00 19.46 ? 85  VAL A CA  1 
ATOM   589  C C   . VAL A 1 85  ? 2.494   9.560   9.147   1.00 20.07 ? 85  VAL A C   1 
ATOM   590  O O   . VAL A 1 85  ? 3.469   9.614   9.893   1.00 21.27 ? 85  VAL A O   1 
ATOM   591  C CB  . VAL A 1 85  ? 3.480   9.049   6.860   1.00 19.40 ? 85  VAL A CB  1 
ATOM   592  C CG1 . VAL A 1 85  ? 3.673   7.958   5.808   1.00 18.85 ? 85  VAL A CG1 1 
ATOM   593  C CG2 . VAL A 1 85  ? 3.065   10.380  6.229   1.00 19.66 ? 85  VAL A CG2 1 
ATOM   594  N N   . ASP A 1 86  ? 1.416   10.320  9.311   1.00 21.29 ? 86  ASP A N   1 
ATOM   595  C CA  . ASP A 1 86  ? 1.314   11.271  10.428  1.00 23.39 ? 86  ASP A CA  1 
ATOM   596  C C   . ASP A 1 86  ? 0.756   10.648  11.699  1.00 24.19 ? 86  ASP A C   1 
ATOM   597  O O   . ASP A 1 86  ? 0.796   11.264  12.774  1.00 25.13 ? 86  ASP A O   1 
ATOM   598  C CB  . ASP A 1 86  ? 0.454   12.459  10.032  1.00 23.30 ? 86  ASP A CB  1 
ATOM   599  C CG  . ASP A 1 86  ? 1.160   13.395  9.077   1.00 26.81 ? 86  ASP A CG  1 
ATOM   600  O OD1 . ASP A 1 86  ? 0.475   13.943  8.203   1.00 32.19 ? 86  ASP A OD1 1 
ATOM   601  O OD2 . ASP A 1 86  ? 2.385   13.601  9.205   1.00 29.79 ? 86  ASP A OD2 1 
ATOM   602  N N   . GLU A 1 87  ? 0.225   9.437   11.582  1.00 24.90 ? 87  GLU A N   1 
ATOM   603  C CA  . GLU A 1 87  ? -0.261  8.708   12.742  1.00 26.34 ? 87  GLU A CA  1 
ATOM   604  C C   . GLU A 1 87  ? 0.789   7.714   13.237  1.00 27.49 ? 87  GLU A C   1 
ATOM   605  O O   . GLU A 1 87  ? 1.021   7.591   14.447  1.00 28.52 ? 87  GLU A O   1 
ATOM   606  C CB  . GLU A 1 87  ? -1.593  8.010   12.427  1.00 26.04 ? 87  GLU A CB  1 
ATOM   607  C CG  . GLU A 1 87  ? -2.707  8.963   11.986  1.00 27.47 ? 87  GLU A CG  1 
ATOM   608  C CD  . GLU A 1 87  ? -3.143  9.936   13.089  1.00 28.79 ? 87  GLU A CD  1 
ATOM   609  O OE1 . GLU A 1 87  ? -3.397  9.481   14.216  1.00 26.85 ? 87  GLU A OE1 1 
ATOM   610  O OE2 . GLU A 1 87  ? -3.234  11.156  12.814  1.00 31.20 ? 87  GLU A OE2 1 
ATOM   611  N N   . LEU A 1 88  ? 1.424   7.004   12.304  1.00 27.90 ? 88  LEU A N   1 
ATOM   612  C CA  . LEU A 1 88  ? 2.518   6.093   12.634  1.00 28.45 ? 88  LEU A CA  1 
ATOM   613  C C   . LEU A 1 88  ? 3.833   6.686   12.135  1.00 29.09 ? 88  LEU A C   1 
ATOM   614  O O   . LEU A 1 88  ? 4.478   6.131   11.254  1.00 29.27 ? 88  LEU A O   1 
ATOM   615  C CB  . LEU A 1 88  ? 2.277   4.696   12.028  1.00 27.96 ? 88  LEU A CB  1 
ATOM   616  C CG  . LEU A 1 88  ? 1.156   3.822   12.607  1.00 27.98 ? 88  LEU A CG  1 
ATOM   617  C CD1 . LEU A 1 88  ? 1.072   2.489   11.873  1.00 27.70 ? 88  LEU A CD1 1 
ATOM   618  C CD2 . LEU A 1 88  ? 1.317   3.583   14.125  1.00 28.21 ? 88  LEU A CD2 1 
ATOM   619  N N   . SER A 1 89  ? 4.224   7.821   12.713  1.00 30.10 ? 89  SER A N   1 
ATOM   620  C CA  . SER A 1 89  ? 5.380   8.575   12.217  1.00 31.48 ? 89  SER A CA  1 
ATOM   621  C C   . SER A 1 89  ? 6.734   7.927   12.533  1.00 31.80 ? 89  SER A C   1 
ATOM   622  O O   . SER A 1 89  ? 7.657   7.946   11.707  1.00 31.52 ? 89  SER A O   1 
ATOM   623  C CB  . SER A 1 89  ? 5.331   10.025  12.709  1.00 31.64 ? 89  SER A CB  1 
ATOM   624  O OG  . SER A 1 89  ? 4.863   10.105  14.046  1.00 34.30 ? 89  SER A OG  1 
ATOM   625  N N   . ASP A 1 90  ? 6.852   7.363   13.730  1.00 32.60 ? 90  ASP A N   1 
ATOM   626  C CA  . ASP A 1 90  ? 8.059   6.635   14.119  1.00 33.19 ? 90  ASP A CA  1 
ATOM   627  C C   . ASP A 1 90  ? 8.236   5.389   13.252  1.00 32.90 ? 90  ASP A C   1 
ATOM   628  O O   . ASP A 1 90  ? 9.333   5.111   12.764  1.00 32.74 ? 90  ASP A O   1 
ATOM   629  C CB  . ASP A 1 90  ? 7.991   6.262   15.599  1.00 33.85 ? 90  ASP A CB  1 
ATOM   630  C CG  . ASP A 1 90  ? 8.018   7.486   16.514  1.00 36.24 ? 90  ASP A CG  1 
ATOM   631  O OD1 . ASP A 1 90  ? 8.930   8.333   16.377  1.00 39.58 ? 90  ASP A OD1 1 
ATOM   632  O OD2 . ASP A 1 90  ? 7.122   7.598   17.375  1.00 39.30 ? 90  ASP A OD2 1 
ATOM   633  N N   . PHE A 1 91  ? 7.145   4.657   13.046  1.00 32.65 ? 91  PHE A N   1 
ATOM   634  C CA  . PHE A 1 91  ? 7.163   3.470   12.193  1.00 32.42 ? 91  PHE A CA  1 
ATOM   635  C C   . PHE A 1 91  ? 7.571   3.804   10.760  1.00 32.34 ? 91  PHE A C   1 
ATOM   636  O O   . PHE A 1 91  ? 8.384   3.103   10.160  1.00 32.13 ? 91  PHE A O   1 
ATOM   637  C CB  . PHE A 1 91  ? 5.804   2.767   12.225  1.00 32.61 ? 91  PHE A CB  1 
ATOM   638  C CG  . PHE A 1 91  ? 5.698   1.602   11.284  1.00 33.00 ? 91  PHE A CG  1 
ATOM   639  C CD1 . PHE A 1 91  ? 4.810   1.639   10.215  1.00 32.22 ? 91  PHE A CD1 1 
ATOM   640  C CD2 . PHE A 1 91  ? 6.487   0.470   11.464  1.00 34.11 ? 91  PHE A CD2 1 
ATOM   641  C CE1 . PHE A 1 91  ? 4.706   0.561   9.338   1.00 32.87 ? 91  PHE A CE1 1 
ATOM   642  C CE2 . PHE A 1 91  ? 6.391   -0.611  10.588  1.00 34.33 ? 91  PHE A CE2 1 
ATOM   643  C CZ  . PHE A 1 91  ? 5.498   -0.556  9.525   1.00 33.53 ? 91  PHE A CZ  1 
ATOM   644  N N   . SER A 1 92  ? 7.013   4.886   10.225  1.00 32.56 ? 92  SER A N   1 
ATOM   645  C CA  . SER A 1 92  ? 7.292   5.306   8.853   1.00 32.99 ? 92  SER A CA  1 
ATOM   646  C C   . SER A 1 92  ? 8.750   5.728   8.684   1.00 33.72 ? 92  SER A C   1 
ATOM   647  O O   . SER A 1 92  ? 9.369   5.451   7.650   1.00 33.62 ? 92  SER A O   1 
ATOM   648  C CB  . SER A 1 92  ? 6.336   6.428   8.439   1.00 32.82 ? 92  SER A CB  1 
ATOM   649  O OG  . SER A 1 92  ? 4.988   5.984   8.516   1.00 32.19 ? 92  SER A OG  1 
ATOM   650  N N   . ALA A 1 93  ? 9.292   6.379   9.714   1.00 34.70 ? 93  ALA A N   1 
ATOM   651  C CA  . ALA A 1 93  ? 10.702  6.771   9.736   1.00 35.74 ? 93  ALA A CA  1 
ATOM   652  C C   . ALA A 1 93  ? 11.609  5.548   9.661   1.00 36.31 ? 93  ALA A C   1 
ATOM   653  O O   . ALA A 1 93  ? 12.597  5.551   8.922   1.00 36.29 ? 93  ALA A O   1 
ATOM   654  C CB  . ALA A 1 93  ? 11.015  7.599   10.980  1.00 35.75 ? 93  ALA A CB  1 
ATOM   655  N N   . SER A 1 94  ? 11.258  4.503   10.413  1.00 36.84 ? 94  SER A N   1 
ATOM   656  C CA  . SER A 1 94  ? 12.015  3.254   10.404  1.00 37.63 ? 94  SER A CA  1 
ATOM   657  C C   . SER A 1 94  ? 11.978  2.600   9.018   1.00 37.64 ? 94  SER A C   1 
ATOM   658  O O   . SER A 1 94  ? 12.926  1.910   8.622   1.00 38.33 ? 94  SER A O   1 
ATOM   659  C CB  . SER A 1 94  ? 11.498  2.289   11.477  1.00 37.63 ? 94  SER A CB  1 
ATOM   660  O OG  . SER A 1 94  ? 10.301  1.646   11.062  1.00 38.89 ? 94  SER A OG  1 
ATOM   661  N N   . TRP A 1 95  ? 10.890  2.834   8.283   1.00 37.39 ? 95  TRP A N   1 
ATOM   662  C CA  . TRP A 1 95  ? 10.759  2.340   6.909   1.00 36.53 ? 95  TRP A CA  1 
ATOM   663  C C   . TRP A 1 95  ? 11.361  3.298   5.869   1.00 36.36 ? 95  TRP A C   1 
ATOM   664  O O   . TRP A 1 95  ? 11.251  3.066   4.654   1.00 36.55 ? 95  TRP A O   1 
ATOM   665  C CB  . TRP A 1 95  ? 9.299   1.981   6.592   1.00 36.64 ? 95  TRP A CB  1 
ATOM   666  C CG  . TRP A 1 95  ? 8.967   0.566   6.979   1.00 35.93 ? 95  TRP A CG  1 
ATOM   667  C CD1 . TRP A 1 95  ? 8.841   0.074   8.243   1.00 36.65 ? 95  TRP A CD1 1 
ATOM   668  C CD2 . TRP A 1 95  ? 8.744   -0.543  6.097   1.00 36.18 ? 95  TRP A CD2 1 
ATOM   669  N NE1 . TRP A 1 95  ? 8.552   -1.267  8.206   1.00 36.77 ? 95  TRP A NE1 1 
ATOM   670  C CE2 . TRP A 1 95  ? 8.488   -1.673  6.901   1.00 35.49 ? 95  TRP A CE2 1 
ATOM   671  C CE3 . TRP A 1 95  ? 8.736   -0.692  4.704   1.00 36.92 ? 95  TRP A CE3 1 
ATOM   672  C CZ2 . TRP A 1 95  ? 8.231   -2.936  6.362   1.00 36.79 ? 95  TRP A CZ2 1 
ATOM   673  C CZ3 . TRP A 1 95  ? 8.475   -1.950  4.170   1.00 36.99 ? 95  TRP A CZ3 1 
ATOM   674  C CH2 . TRP A 1 95  ? 8.222   -3.051  4.998   1.00 36.41 ? 95  TRP A CH2 1 
ATOM   675  N N   . GLU A 1 96  ? 12.003  4.365   6.354   1.00 35.50 ? 96  GLU A N   1 
ATOM   676  C CA  . GLU A 1 96  ? 12.776  5.271   5.505   1.00 35.13 ? 96  GLU A CA  1 
ATOM   677  C C   . GLU A 1 96  ? 11.885  5.892   4.411   1.00 33.24 ? 96  GLU A C   1 
ATOM   678  O O   . GLU A 1 96  ? 12.271  6.021   3.247   1.00 33.45 ? 96  GLU A O   1 
ATOM   679  C CB  . GLU A 1 96  ? 14.015  4.512   4.982   1.00 35.41 ? 96  GLU A CB  1 
ATOM   680  C CG  . GLU A 1 96  ? 14.687  4.971   3.693   1.00 37.40 ? 96  GLU A CG  1 
ATOM   681  C CD  . GLU A 1 96  ? 15.504  3.846   3.056   1.00 37.54 ? 96  GLU A CD  1 
ATOM   682  O OE1 . GLU A 1 96  ? 16.328  3.225   3.771   1.00 40.11 ? 96  GLU A OE1 1 
ATOM   683  O OE2 . GLU A 1 96  ? 15.312  3.570   1.846   1.00 40.52 ? 96  GLU A OE2 1 
ATOM   684  N N   . ILE A 1 97  ? 10.672  6.273   4.803   1.00 30.92 ? 97  ILE A N   1 
ATOM   685  C CA  . ILE A 1 97  ? 9.745   6.904   3.868   1.00 28.72 ? 97  ILE A CA  1 
ATOM   686  C C   . ILE A 1 97  ? 10.231  8.335   3.623   1.00 28.33 ? 97  ILE A C   1 
ATOM   687  O O   . ILE A 1 97  ? 10.320  9.133   4.559   1.00 29.59 ? 97  ILE A O   1 
ATOM   688  C CB  . ILE A 1 97  ? 8.280   6.884   4.400   1.00 28.21 ? 97  ILE A CB  1 
ATOM   689  C CG1 . ILE A 1 97  ? 7.807   5.450   4.708   1.00 26.44 ? 97  ILE A CG1 1 
ATOM   690  C CG2 . ILE A 1 97  ? 7.341   7.610   3.439   1.00 26.86 ? 97  ILE A CG2 1 
ATOM   691  C CD1 . ILE A 1 97  ? 7.869   4.471   3.549   1.00 25.72 ? 97  ILE A CD1 1 
ATOM   692  N N   . LYS A 1 98  ? 10.587  8.631   2.380   1.00 26.87 ? 98  LYS A N   1 
ATOM   693  C CA  . LYS A 1 98  ? 11.126  9.945   2.020   1.00 26.46 ? 98  LYS A CA  1 
ATOM   694  C C   . LYS A 1 98  ? 10.064  10.803  1.345   1.00 24.38 ? 98  LYS A C   1 
ATOM   695  O O   . LYS A 1 98  ? 10.176  12.040  1.309   1.00 23.99 ? 98  LYS A O   1 
ATOM   696  C CB  . LYS A 1 98  ? 12.348  9.798   1.093   1.00 26.55 ? 98  LYS A CB  1 
ATOM   697  C CG  . LYS A 1 98  ? 13.647  9.313   1.789   1.00 28.50 ? 98  LYS A CG  1 
ATOM   698  C CD  . LYS A 1 98  ? 14.750  8.945   0.773   1.00 29.37 ? 98  LYS A CD  1 
ATOM   699  C CE  . LYS A 1 98  ? 15.644  10.137  0.354   1.00 32.82 ? 98  LYS A CE  1 
ATOM   700  N NZ  . LYS A 1 98  ? 16.678  9.765   -0.678  1.00 31.83 ? 98  LYS A NZ  1 
ATOM   701  N N   . ALA A 1 99  ? 9.033   10.148  0.808   1.00 21.35 ? 99  ALA A N   1 
ATOM   702  C CA  . ALA A 1 99  ? 8.017   10.839  0.025   1.00 19.41 ? 99  ALA A CA  1 
ATOM   703  C C   . ALA A 1 99  ? 6.703   10.079  0.111   1.00 18.07 ? 99  ALA A C   1 
ATOM   704  O O   . ALA A 1 99  ? 6.710   8.883   0.383   1.00 17.28 ? 99  ALA A O   1 
ATOM   705  C CB  . ALA A 1 99  ? 8.452   10.942  -1.429  1.00 19.70 ? 99  ALA A CB  1 
ATOM   706  N N   . THR A 1 100 ? 5.596   10.785  -0.121  1.00 16.37 ? 100 THR A N   1 
ATOM   707  C CA  . THR A 1 100 ? 4.269   10.154  -0.217  1.00 15.94 ? 100 THR A CA  1 
ATOM   708  C C   . THR A 1 100 ? 3.604   10.506  -1.559  1.00 15.31 ? 100 THR A C   1 
ATOM   709  O O   . THR A 1 100 ? 3.742   11.631  -2.058  1.00 15.07 ? 100 THR A O   1 
ATOM   710  C CB  . THR A 1 100 ? 3.356   10.623  0.932   1.00 15.81 ? 100 THR A CB  1 
ATOM   711  O OG1 . THR A 1 100 ? 3.274   12.066  0.923   1.00 16.28 ? 100 THR A OG1 1 
ATOM   712  C CG2 . THR A 1 100 ? 3.876   10.122  2.289   1.00 15.49 ? 100 THR A CG2 1 
ATOM   713  N N   . PRO A 1 101 ? 2.847   9.557   -2.140  1.00 14.77 ? 101 PRO A N   1 
ATOM   714  C CA  . PRO A 1 101 ? 2.672   8.185   -1.663  1.00 14.68 ? 101 PRO A CA  1 
ATOM   715  C C   . PRO A 1 101 ? 3.859   7.294   -2.040  1.00 15.10 ? 101 PRO A C   1 
ATOM   716  O O   . PRO A 1 101 ? 4.392   7.416   -3.154  1.00 15.07 ? 101 PRO A O   1 
ATOM   717  C CB  . PRO A 1 101 ? 1.442   7.722   -2.445  1.00 14.48 ? 101 PRO A CB  1 
ATOM   718  C CG  . PRO A 1 101 ? 1.577   8.464   -3.783  1.00 13.57 ? 101 PRO A CG  1 
ATOM   719  C CD  . PRO A 1 101 ? 2.087   9.825   -3.372  1.00 14.96 ? 101 PRO A CD  1 
ATOM   720  N N   . THR A 1 102 ? 4.256   6.408   -1.135  1.00 14.41 ? 102 THR A N   1 
ATOM   721  C CA  . THR A 1 102 ? 5.218   5.348   -1.449  1.00 14.82 ? 102 THR A CA  1 
ATOM   722  C C   . THR A 1 102 ? 4.503   4.008   -1.336  1.00 14.74 ? 102 THR A C   1 
ATOM   723  O O   . THR A 1 102 ? 3.882   3.726   -0.306  1.00 15.12 ? 102 THR A O   1 
ATOM   724  C CB  . THR A 1 102 ? 6.434   5.380   -0.494  1.00 15.16 ? 102 THR A CB  1 
ATOM   725  O OG1 . THR A 1 102 ? 7.172   6.588   -0.741  1.00 17.16 ? 102 THR A OG1 1 
ATOM   726  C CG2 . THR A 1 102 ? 7.368   4.184   -0.701  1.00 16.58 ? 102 THR A CG2 1 
ATOM   727  N N   . PHE A 1 103 ? 4.577   3.211   -2.397  1.00 14.87 ? 103 PHE A N   1 
ATOM   728  C CA  . PHE A 1 103 ? 3.980   1.875   -2.420  1.00 14.50 ? 103 PHE A CA  1 
ATOM   729  C C   . PHE A 1 103 ? 5.076   0.827   -2.342  1.00 15.18 ? 103 PHE A C   1 
ATOM   730  O O   . PHE A 1 103 ? 5.968   0.773   -3.202  1.00 15.14 ? 103 PHE A O   1 
ATOM   731  C CB  . PHE A 1 103 ? 3.180   1.653   -3.708  1.00 14.47 ? 103 PHE A CB  1 
ATOM   732  C CG  . PHE A 1 103 ? 2.068   2.639   -3.921  1.00 14.92 ? 103 PHE A CG  1 
ATOM   733  C CD1 . PHE A 1 103 ? 0.780   2.363   -3.455  1.00 14.66 ? 103 PHE A CD1 1 
ATOM   734  C CD2 . PHE A 1 103 ? 2.302   3.838   -4.590  1.00 14.35 ? 103 PHE A CD2 1 
ATOM   735  C CE1 . PHE A 1 103 ? -0.267  3.284   -3.661  1.00 15.77 ? 103 PHE A CE1 1 
ATOM   736  C CE2 . PHE A 1 103 ? 1.262   4.756   -4.803  1.00 15.79 ? 103 PHE A CE2 1 
ATOM   737  C CZ  . PHE A 1 103 ? -0.013  4.472   -4.322  1.00 15.10 ? 103 PHE A CZ  1 
ATOM   738  N N   . PHE A 1 104 ? 5.009   -0.015  -1.315  1.00 14.52 ? 104 PHE A N   1 
ATOM   739  C CA  . PHE A 1 104 ? 5.865   -1.198  -1.271  1.00 14.62 ? 104 PHE A CA  1 
ATOM   740  C C   . PHE A 1 104 ? 5.005   -2.405  -1.587  1.00 14.41 ? 104 PHE A C   1 
ATOM   741  O O   . PHE A 1 104 ? 3.925   -2.574  -0.997  1.00 14.57 ? 104 PHE A O   1 
ATOM   742  C CB  . PHE A 1 104 ? 6.465   -1.421  0.122   1.00 15.74 ? 104 PHE A CB  1 
ATOM   743  C CG  . PHE A 1 104 ? 7.605   -0.511  0.456   1.00 17.66 ? 104 PHE A CG  1 
ATOM   744  C CD1 . PHE A 1 104 ? 7.388   0.661   1.158   1.00 20.22 ? 104 PHE A CD1 1 
ATOM   745  C CD2 . PHE A 1 104 ? 8.898   -0.846  0.081   1.00 21.80 ? 104 PHE A CD2 1 
ATOM   746  C CE1 . PHE A 1 104 ? 8.458   1.504   1.480   1.00 22.28 ? 104 PHE A CE1 1 
ATOM   747  C CE2 . PHE A 1 104 ? 9.965   -0.005  0.395   1.00 22.74 ? 104 PHE A CE2 1 
ATOM   748  C CZ  . PHE A 1 104 ? 9.733   1.158   1.097   1.00 20.48 ? 104 PHE A CZ  1 
ATOM   749  N N   . PHE A 1 105 ? 5.491   -3.251  -2.500  1.00 13.55 ? 105 PHE A N   1 
ATOM   750  C CA  . PHE A 1 105 ? 4.917   -4.573  -2.714  1.00 14.42 ? 105 PHE A CA  1 
ATOM   751  C C   . PHE A 1 105 ? 5.759   -5.531  -1.875  1.00 14.19 ? 105 PHE A C   1 
ATOM   752  O O   . PHE A 1 105 ? 6.979   -5.610  -2.062  1.00 14.86 ? 105 PHE A O   1 
ATOM   753  C CB  . PHE A 1 105 ? 4.979   -4.988  -4.181  1.00 13.83 ? 105 PHE A CB  1 
ATOM   754  C CG  . PHE A 1 105 ? 4.040   -4.214  -5.088  1.00 15.23 ? 105 PHE A CG  1 
ATOM   755  C CD1 . PHE A 1 105 ? 4.377   -2.926  -5.520  1.00 16.10 ? 105 PHE A CD1 1 
ATOM   756  C CD2 . PHE A 1 105 ? 2.835   -4.775  -5.522  1.00 15.65 ? 105 PHE A CD2 1 
ATOM   757  C CE1 . PHE A 1 105 ? 3.527   -2.207  -6.359  1.00 17.39 ? 105 PHE A CE1 1 
ATOM   758  C CE2 . PHE A 1 105 ? 1.994   -4.055  -6.380  1.00 16.39 ? 105 PHE A CE2 1 
ATOM   759  C CZ  . PHE A 1 105 ? 2.342   -2.779  -6.792  1.00 17.01 ? 105 PHE A CZ  1 
ATOM   760  N N   . LEU A 1 106 ? 5.114   -6.212  -0.936  1.00 14.18 ? 106 LEU A N   1 
ATOM   761  C CA  . LEU A 1 106 ? 5.831   -6.999  0.060   1.00 14.21 ? 106 LEU A CA  1 
ATOM   762  C C   . LEU A 1 106 ? 5.336   -8.427  0.105   1.00 14.99 ? 106 LEU A C   1 
ATOM   763  O O   . LEU A 1 106 ? 4.132   -8.666  0.250   1.00 15.72 ? 106 LEU A O   1 
ATOM   764  C CB  . LEU A 1 106 ? 5.621   -6.376  1.445   1.00 13.92 ? 106 LEU A CB  1 
ATOM   765  C CG  . LEU A 1 106 ? 6.015   -4.905  1.637   1.00 14.08 ? 106 LEU A CG  1 
ATOM   766  C CD1 . LEU A 1 106 ? 5.491   -4.378  2.947   1.00 15.58 ? 106 LEU A CD1 1 
ATOM   767  C CD2 . LEU A 1 106 ? 7.545   -4.788  1.562   1.00 14.94 ? 106 LEU A CD2 1 
ATOM   768  N N   . ARG A 1 107 ? 6.264   -9.374  -0.002  1.00 15.08 ? 107 ARG A N   1 
ATOM   769  C CA  . ARG A 1 107 ? 5.956   -10.770 0.285   1.00 15.82 ? 107 ARG A CA  1 
ATOM   770  C C   . ARG A 1 107 ? 6.696   -11.080 1.590   1.00 16.17 ? 107 ARG A C   1 
ATOM   771  O O   . ARG A 1 107 ? 7.904   -10.883 1.686   1.00 15.44 ? 107 ARG A O   1 
ATOM   772  C CB  . ARG A 1 107 ? 6.399   -11.704 -0.851  1.00 17.12 ? 107 ARG A CB  1 
ATOM   773  C CG  . ARG A 1 107 ? 6.005   -13.164 -0.616  1.00 21.23 ? 107 ARG A CG  1 
ATOM   774  C CD  . ARG A 1 107 ? 4.602   -13.505 -1.049  1.00 28.18 ? 107 ARG A CD  1 
ATOM   775  N NE  . ARG A 1 107 ? 4.187   -14.811 -0.513  1.00 31.41 ? 107 ARG A NE  1 
ATOM   776  C CZ  . ARG A 1 107 ? 4.054   -15.938 -1.214  1.00 31.52 ? 107 ARG A CZ  1 
ATOM   777  N NH1 . ARG A 1 107 ? 3.670   -17.047 -0.595  1.00 31.28 ? 107 ARG A NH1 1 
ATOM   778  N NH2 . ARG A 1 107 ? 4.308   -15.974 -2.522  1.00 32.02 ? 107 ARG A NH2 1 
ATOM   779  N N   . ASP A 1 108 ? 5.953   -11.525 2.605   1.00 15.48 ? 108 ASP A N   1 
ATOM   780  C CA  . ASP A 1 108 ? 6.510   -11.762 3.939   1.00 15.81 ? 108 ASP A CA  1 
ATOM   781  C C   . ASP A 1 108 ? 7.330   -10.554 4.416   1.00 16.14 ? 108 ASP A C   1 
ATOM   782  O O   . ASP A 1 108 ? 8.395   -10.689 5.033   1.00 16.32 ? 108 ASP A O   1 
ATOM   783  C CB  . ASP A 1 108 ? 7.335   -13.057 3.961   1.00 16.15 ? 108 ASP A CB  1 
ATOM   784  C CG  . ASP A 1 108 ? 6.495   -14.264 3.651   1.00 17.90 ? 108 ASP A CG  1 
ATOM   785  O OD1 . ASP A 1 108 ? 5.897   -14.805 4.608   1.00 19.54 ? 108 ASP A OD1 1 
ATOM   786  O OD2 . ASP A 1 108 ? 6.429   -14.648 2.460   1.00 20.76 ? 108 ASP A OD2 1 
ATOM   787  N N   . GLY A 1 109 ? 6.835   -9.354  4.116   1.00 15.50 ? 109 GLY A N   1 
ATOM   788  C CA  . GLY A 1 109 ? 7.439   -8.149  4.694   1.00 15.66 ? 109 GLY A CA  1 
ATOM   789  C C   . GLY A 1 109 ? 8.753   -7.732  4.056   1.00 15.38 ? 109 GLY A C   1 
ATOM   790  O O   . GLY A 1 109 ? 9.442   -6.870  4.591   1.00 16.23 ? 109 GLY A O   1 
ATOM   791  N N   . GLN A 1 110 ? 9.094   -8.345  2.923   1.00 16.26 ? 110 GLN A N   1 
ATOM   792  C CA  . GLN A 1 110 ? 10.278  -7.915  2.166   1.00 16.36 ? 110 GLN A CA  1 
ATOM   793  C C   . GLN A 1 110 ? 9.917   -7.449  0.766   1.00 16.06 ? 110 GLN A C   1 
ATOM   794  O O   . GLN A 1 110 ? 8.953   -7.935  0.156   1.00 16.45 ? 110 GLN A O   1 
ATOM   795  C CB  . GLN A 1 110 ? 11.383  -8.978  2.175   1.00 16.62 ? 110 GLN A CB  1 
ATOM   796  C CG  . GLN A 1 110 ? 10.976  -10.346 1.682   1.00 17.30 ? 110 GLN A CG  1 
ATOM   797  C CD  . GLN A 1 110 ? 11.045  -10.491 0.169   1.00 19.61 ? 110 GLN A CD  1 
ATOM   798  O OE1 . GLN A 1 110 ? 11.954  -9.948  -0.477  1.00 21.80 ? 110 GLN A OE1 1 
ATOM   799  N NE2 . GLN A 1 110 ? 10.093  -11.223 -0.403  1.00 20.67 ? 110 GLN A NE2 1 
ATOM   800  N N   . GLN A 1 111 ? 10.691  -6.486  0.270   1.00 16.09 ? 111 GLN A N   1 
ATOM   801  C CA  . GLN A 1 111 ? 10.362  -5.789  -0.969  1.00 17.01 ? 111 GLN A CA  1 
ATOM   802  C C   . GLN A 1 111 ? 10.478  -6.664  -2.217  1.00 17.54 ? 111 GLN A C   1 
ATOM   803  O O   . GLN A 1 111 ? 11.571  -7.200  -2.522  1.00 17.89 ? 111 GLN A O   1 
ATOM   804  C CB  . GLN A 1 111 ? 11.275  -4.567  -1.117  1.00 16.65 ? 111 GLN A CB  1 
ATOM   805  C CG  . GLN A 1 111 ? 11.034  -3.728  -2.362  1.00 18.13 ? 111 GLN A CG  1 
ATOM   806  C CD  . GLN A 1 111 ? 11.948  -2.510  -2.407  1.00 18.80 ? 111 GLN A CD  1 
ATOM   807  O OE1 . GLN A 1 111 ? 12.250  -1.902  -1.369  1.00 22.47 ? 111 GLN A OE1 1 
ATOM   808  N NE2 . GLN A 1 111 ? 12.402  -2.161  -3.604  1.00 21.11 ? 111 GLN A NE2 1 
ATOM   809  N N   . VAL A 1 112 ? 9.359   -6.781  -2.938  1.00 17.63 ? 112 VAL A N   1 
ATOM   810  C CA  . VAL A 1 112 ? 9.348   -7.411  -4.261  1.00 18.05 ? 112 VAL A CA  1 
ATOM   811  C C   . VAL A 1 112 ? 9.156   -6.411  -5.417  1.00 17.62 ? 112 VAL A C   1 
ATOM   812  O O   . VAL A 1 112 ? 9.478   -6.717  -6.575  1.00 18.94 ? 112 VAL A O   1 
ATOM   813  C CB  . VAL A 1 112 ? 8.377   -8.607  -4.347  1.00 18.67 ? 112 VAL A CB  1 
ATOM   814  C CG1 . VAL A 1 112 ? 8.833   -9.723  -3.378  1.00 20.57 ? 112 VAL A CG1 1 
ATOM   815  C CG2 . VAL A 1 112 ? 6.966   -8.190  -4.060  1.00 19.99 ? 112 VAL A CG2 1 
ATOM   816  N N   . ASP A 1 113 ? 8.668   -5.215  -5.090  1.00 16.39 ? 113 ASP A N   1 
ATOM   817  C CA  . ASP A 1 113 ? 8.550   -4.107  -6.050  1.00 15.35 ? 113 ASP A CA  1 
ATOM   818  C C   . ASP A 1 113 ? 8.267   -2.848  -5.230  1.00 14.99 ? 113 ASP A C   1 
ATOM   819  O O   . ASP A 1 113 ? 8.012   -2.931  -4.015  1.00 15.13 ? 113 ASP A O   1 
ATOM   820  C CB  . ASP A 1 113 ? 7.444   -4.352  -7.092  1.00 15.85 ? 113 ASP A CB  1 
ATOM   821  C CG  . ASP A 1 113 ? 7.675   -3.603  -8.408  1.00 17.34 ? 113 ASP A CG  1 
ATOM   822  O OD1 . ASP A 1 113 ? 7.016   -3.953  -9.410  1.00 20.51 ? 113 ASP A OD1 1 
ATOM   823  O OD2 . ASP A 1 113 ? 8.520   -2.679  -8.463  1.00 18.73 ? 113 ASP A OD2 1 
ATOM   824  N N   . LYS A 1 114 ? 8.302   -1.696  -5.889  1.00 14.63 ? 114 LYS A N   1 
ATOM   825  C CA  . LYS A 1 114 ? 8.173   -0.406  -5.207  1.00 14.93 ? 114 LYS A CA  1 
ATOM   826  C C   . LYS A 1 114 ? 7.794   0.637   -6.242  1.00 15.38 ? 114 LYS A C   1 
ATOM   827  O O   . LYS A 1 114 ? 8.280   0.600   -7.371  1.00 15.72 ? 114 LYS A O   1 
ATOM   828  C CB  . LYS A 1 114 ? 9.506   -0.024  -4.542  1.00 15.16 ? 114 LYS A CB  1 
ATOM   829  C CG  . LYS A 1 114 ? 9.454   1.212   -3.651  1.00 16.49 ? 114 LYS A CG  1 
ATOM   830  C CD  . LYS A 1 114 ? 10.826  1.524   -3.108  1.00 19.89 ? 114 LYS A CD  1 
ATOM   831  C CE  . LYS A 1 114 ? 10.811  2.771   -2.253  1.00 22.01 ? 114 LYS A CE  1 
ATOM   832  N NZ  . LYS A 1 114 ? 12.189  3.014   -1.748  1.00 25.94 ? 114 LYS A NZ  1 
ATOM   833  N N   . LEU A 1 115 ? 6.923   1.555   -5.843  1.00 15.53 ? 115 LEU A N   1 
ATOM   834  C CA  . LEU A 1 115 ? 6.552   2.678   -6.682  1.00 15.79 ? 115 LEU A CA  1 
ATOM   835  C C   . LEU A 1 115 ? 6.427   3.894   -5.780  1.00 16.38 ? 115 LEU A C   1 
ATOM   836  O O   . LEU A 1 115 ? 5.784   3.840   -4.729  1.00 15.76 ? 115 LEU A O   1 
ATOM   837  C CB  . LEU A 1 115 ? 5.225   2.399   -7.396  1.00 17.48 ? 115 LEU A CB  1 
ATOM   838  C CG  . LEU A 1 115 ? 4.825   3.348   -8.532  1.00 19.30 ? 115 LEU A CG  1 
ATOM   839  C CD1 . LEU A 1 115 ? 3.577   2.745   -9.163  1.00 22.97 ? 115 LEU A CD1 1 
ATOM   840  C CD2 . LEU A 1 115 ? 4.532   4.725   -8.049  1.00 23.82 ? 115 LEU A CD2 1 
ATOM   841  N N   . VAL A 1 116 ? 7.086   4.977   -6.171  1.00 16.31 ? 116 VAL A N   1 
ATOM   842  C CA  . VAL A 1 116 ? 7.005   6.228   -5.429  1.00 17.17 ? 116 VAL A CA  1 
ATOM   843  C C   . VAL A 1 116 ? 6.345   7.273   -6.311  1.00 17.61 ? 116 VAL A C   1 
ATOM   844  O O   . VAL A 1 116 ? 6.838   7.571   -7.415  1.00 18.12 ? 116 VAL A O   1 
ATOM   845  C CB  . VAL A 1 116 ? 8.394   6.723   -4.961  1.00 17.34 ? 116 VAL A CB  1 
ATOM   846  C CG1 . VAL A 1 116 ? 8.252   8.003   -4.151  1.00 17.60 ? 116 VAL A CG1 1 
ATOM   847  C CG2 . VAL A 1 116 ? 9.123   5.645   -4.146  1.00 18.62 ? 116 VAL A CG2 1 
ATOM   848  N N   . GLY A 1 117 ? 5.234   7.833   -5.834  1.00 17.02 ? 117 GLY A N   1 
ATOM   849  C CA  . GLY A 1 117 ? 4.491   8.838   -6.601  1.00 17.23 ? 117 GLY A CA  1 
ATOM   850  C C   . GLY A 1 117 ? 3.141   8.349   -7.090  1.00 17.65 ? 117 GLY A C   1 
ATOM   851  O O   . GLY A 1 117 ? 2.875   7.146   -7.115  1.00 16.82 ? 117 GLY A O   1 
ATOM   852  N N   . ALA A 1 118 ? 2.295   9.295   -7.495  1.00 18.18 ? 118 ALA A N   1 
ATOM   853  C CA  . ALA A 1 118 ? 0.918   8.998   -7.864  1.00 18.72 ? 118 ALA A CA  1 
ATOM   854  C C   . ALA A 1 118 ? 0.806   8.675   -9.346  1.00 19.54 ? 118 ALA A C   1 
ATOM   855  O O   . ALA A 1 118 ? 0.313   9.484   -10.121 1.00 22.14 ? 118 ALA A O   1 
ATOM   856  C CB  . ALA A 1 118 ? 0.008   10.173  -7.499  1.00 19.14 ? 118 ALA A CB  1 
ATOM   857  N N   . ASN A 1 119 ? 1.272   7.493   -9.739  1.00 18.81 ? 119 ASN A N   1 
ATOM   858  C CA  . ASN A 1 119 ? 1.221   7.079   -11.126 1.00 18.95 ? 119 ASN A CA  1 
ATOM   859  C C   . ASN A 1 119 ? 0.295   5.890   -11.281 1.00 18.65 ? 119 ASN A C   1 
ATOM   860  O O   . ASN A 1 119 ? 0.675   4.758   -10.983 1.00 18.56 ? 119 ASN A O   1 
ATOM   861  C CB  . ASN A 1 119 ? 2.623   6.721   -11.638 1.00 18.34 ? 119 ASN A CB  1 
ATOM   862  C CG  . ASN A 1 119 ? 2.670   6.621   -13.157 1.00 19.28 ? 119 ASN A CG  1 
ATOM   863  O OD1 . ASN A 1 119 ? 2.285   5.615   -13.740 1.00 19.63 ? 119 ASN A OD1 1 
ATOM   864  N ND2 . ASN A 1 119 ? 3.101   7.690   -13.803 1.00 20.48 ? 119 ASN A ND2 1 
ATOM   865  N N   . LYS A 1 120 ? -0.918  6.162   -11.758 1.00 19.15 ? 120 LYS A N   1 
ATOM   866  C CA  . LYS A 1 120 ? -1.947  5.134   -11.905 1.00 19.48 ? 120 LYS A CA  1 
ATOM   867  C C   . LYS A 1 120 ? -1.557  3.986   -12.850 1.00 18.82 ? 120 LYS A C   1 
ATOM   868  O O   . LYS A 1 120 ? -1.596  2.813   -12.441 1.00 18.77 ? 120 LYS A O   1 
ATOM   869  C CB  . LYS A 1 120 ? -3.290  5.765   -12.305 1.00 20.43 ? 120 LYS A CB  1 
ATOM   870  C CG  . LYS A 1 120 ? -3.720  6.887   -11.365 1.00 23.73 ? 120 LYS A CG  1 
ATOM   871  C CD  . LYS A 1 120 ? -5.155  7.330   -11.584 1.00 26.91 ? 120 LYS A CD  1 
ATOM   872  C CE  . LYS A 1 120 ? -5.484  8.476   -10.639 1.00 29.81 ? 120 LYS A CE  1 
ATOM   873  N NZ  . LYS A 1 120 ? -6.922  8.842   -10.675 1.00 31.79 ? 120 LYS A NZ  1 
ATOM   874  N N   . PRO A 1 121 ? -1.150  4.299   -14.103 1.00 18.26 ? 121 PRO A N   1 
ATOM   875  C CA  . PRO A 1 121 ? -0.831  3.206   -15.039 1.00 17.96 ? 121 PRO A CA  1 
ATOM   876  C C   . PRO A 1 121 ? 0.255   2.248   -14.529 1.00 17.04 ? 121 PRO A C   1 
ATOM   877  O O   . PRO A 1 121 ? 0.124   1.030   -14.673 1.00 17.22 ? 121 PRO A O   1 
ATOM   878  C CB  . PRO A 1 121 ? -0.365  3.935   -16.303 1.00 18.44 ? 121 PRO A CB  1 
ATOM   879  C CG  . PRO A 1 121 ? -0.971  5.326   -16.197 1.00 19.44 ? 121 PRO A CG  1 
ATOM   880  C CD  . PRO A 1 121 ? -0.999  5.636   -14.726 1.00 18.78 ? 121 PRO A CD  1 
ATOM   881  N N   . GLU A 1 122 ? 1.315   2.782   -13.929 1.00 16.82 ? 122 GLU A N   1 
ATOM   882  C CA  . GLU A 1 122 ? 2.393   1.919   -13.479 1.00 16.97 ? 122 GLU A CA  1 
ATOM   883  C C   . GLU A 1 122 ? 2.029   1.098   -12.234 1.00 16.57 ? 122 GLU A C   1 
ATOM   884  O O   . GLU A 1 122 ? 2.467   -0.039  -12.087 1.00 16.62 ? 122 GLU A O   1 
ATOM   885  C CB  . GLU A 1 122 ? 3.672   2.720   -13.247 1.00 17.93 ? 122 GLU A CB  1 
ATOM   886  C CG  . GLU A 1 122 ? 4.930   1.885   -13.171 1.00 18.97 ? 122 GLU A CG  1 
ATOM   887  C CD  . GLU A 1 122 ? 5.438   1.432   -14.540 1.00 20.32 ? 122 GLU A CD  1 
ATOM   888  O OE1 . GLU A 1 122 ? 6.385   0.621   -14.567 1.00 21.97 ? 122 GLU A OE1 1 
ATOM   889  O OE2 . GLU A 1 122 ? 4.892   1.886   -15.578 1.00 22.51 ? 122 GLU A OE2 1 
ATOM   890  N N   . LEU A 1 123 ? 1.238   1.680   -11.338 1.00 16.49 ? 123 LEU A N   1 
ATOM   891  C CA  . LEU A 1 123 ? 0.766   0.923   -10.182 1.00 16.76 ? 123 LEU A CA  1 
ATOM   892  C C   . LEU A 1 123 ? -0.029  -0.296  -10.681 1.00 16.24 ? 123 LEU A C   1 
ATOM   893  O O   . LEU A 1 123 ? 0.183   -1.431  -10.216 1.00 16.18 ? 123 LEU A O   1 
ATOM   894  C CB  . LEU A 1 123 ? -0.082  1.829   -9.290  1.00 18.11 ? 123 LEU A CB  1 
ATOM   895  C CG  . LEU A 1 123 ? -0.706  1.186   -8.054  1.00 19.50 ? 123 LEU A CG  1 
ATOM   896  C CD1 . LEU A 1 123 ? 0.356   0.719   -7.105  1.00 21.44 ? 123 LEU A CD1 1 
ATOM   897  C CD2 . LEU A 1 123 ? -1.648  2.192   -7.399  1.00 19.98 ? 123 LEU A CD2 1 
ATOM   898  N N   . HIS A 1 124 ? -0.908  -0.058  -11.657 1.00 16.06 ? 124 HIS A N   1 
ATOM   899  C CA  . HIS A 1 124 ? -1.689  -1.140  -12.240 1.00 16.79 ? 124 HIS A CA  1 
ATOM   900  C C   . HIS A 1 124 ? -0.789  -2.207  -12.879 1.00 15.92 ? 124 HIS A C   1 
ATOM   901  O O   . HIS A 1 124 ? -0.961  -3.411  -12.655 1.00 16.39 ? 124 HIS A O   1 
ATOM   902  C CB  . HIS A 1 124 ? -2.686  -0.586  -13.236 1.00 16.38 ? 124 HIS A CB  1 
ATOM   903  C CG  . HIS A 1 124 ? -3.723  -1.583  -13.648 1.00 18.02 ? 124 HIS A CG  1 
ATOM   904  N ND1 . HIS A 1 124 ? -4.544  -1.396  -14.735 1.00 22.09 ? 124 HIS A ND1 1 
ATOM   905  C CD2 . HIS A 1 124 ? -4.050  -2.790  -13.130 1.00 19.12 ? 124 HIS A CD2 1 
ATOM   906  C CE1 . HIS A 1 124 ? -5.342  -2.442  -14.864 1.00 22.23 ? 124 HIS A CE1 1 
ATOM   907  N NE2 . HIS A 1 124 ? -5.067  -3.298  -13.899 1.00 20.05 ? 124 HIS A NE2 1 
ATOM   908  N N   . LYS A 1 125 ? 0.196   -1.767  -13.662 1.00 16.14 ? 125 LYS A N   1 
ATOM   909  C CA  . LYS A 1 125 ? 1.116   -2.693  -14.307 1.00 16.57 ? 125 LYS A CA  1 
ATOM   910  C C   . LYS A 1 125 ? 1.882   -3.540  -13.296 1.00 16.03 ? 125 LYS A C   1 
ATOM   911  O O   . LYS A 1 125 ? 2.105   -4.725  -13.514 1.00 16.75 ? 125 LYS A O   1 
ATOM   912  C CB  . LYS A 1 125 ? 2.099   -1.914  -15.190 1.00 17.02 ? 125 LYS A CB  1 
ATOM   913  C CG  . LYS A 1 125 ? 1.474   -1.376  -16.465 1.00 21.00 ? 125 LYS A CG  1 
ATOM   914  C CD  . LYS A 1 125 ? 2.565   -0.826  -17.400 1.00 27.40 ? 125 LYS A CD  1 
ATOM   915  C CE  . LYS A 1 125 ? 1.976   -0.439  -18.755 1.00 31.25 ? 125 LYS A CE  1 
ATOM   916  N NZ  . LYS A 1 125 ? 1.313   0.891   -18.692 1.00 34.47 ? 125 LYS A NZ  1 
ATOM   917  N N   . LYS A 1 126 ? 2.310   -2.920  -12.196 1.00 15.18 ? 126 LYS A N   1 
ATOM   918  C CA  . LYS A 1 126 ? 3.046   -3.649  -11.169 1.00 15.25 ? 126 LYS A CA  1 
ATOM   919  C C   . LYS A 1 126 ? 2.180   -4.685  -10.466 1.00 15.22 ? 126 LYS A C   1 
ATOM   920  O O   . LYS A 1 126 ? 2.667   -5.749  -10.117 1.00 15.73 ? 126 LYS A O   1 
ATOM   921  C CB  . LYS A 1 126 ? 3.646   -2.680  -10.144 1.00 14.94 ? 126 LYS A CB  1 
ATOM   922  C CG  . LYS A 1 126 ? 4.783   -1.823  -10.692 1.00 15.38 ? 126 LYS A CG  1 
ATOM   923  C CD  . LYS A 1 126 ? 5.340   -0.945  -9.568  1.00 15.16 ? 126 LYS A CD  1 
ATOM   924  C CE  . LYS A 1 126 ? 6.451   -0.014  -10.089 1.00 16.54 ? 126 LYS A CE  1 
ATOM   925  N NZ  . LYS A 1 126 ? 7.699   -0.752  -10.421 1.00 15.87 ? 126 LYS A NZ  1 
ATOM   926  N N   . ILE A 1 127 ? 0.907   -4.363  -10.264 1.00 15.51 ? 127 ILE A N   1 
ATOM   927  C CA  . ILE A 1 127 ? -0.031  -5.294  -9.655  1.00 15.98 ? 127 ILE A CA  1 
ATOM   928  C C   . ILE A 1 127 ? -0.212  -6.527  -10.543 1.00 16.30 ? 127 ILE A C   1 
ATOM   929  O O   . ILE A 1 127 ? -0.092  -7.659  -10.078 1.00 15.71 ? 127 ILE A O   1 
ATOM   930  C CB  . ILE A 1 127 ? -1.384  -4.606  -9.385  1.00 15.64 ? 127 ILE A CB  1 
ATOM   931  C CG1 . ILE A 1 127 ? -1.252  -3.610  -8.221  1.00 15.70 ? 127 ILE A CG1 1 
ATOM   932  C CG2 . ILE A 1 127 ? -2.488  -5.666  -9.116  1.00 15.60 ? 127 ILE A CG2 1 
ATOM   933  C CD1 . ILE A 1 127 ? -2.438  -2.644  -8.036  1.00 16.45 ? 127 ILE A CD1 1 
ATOM   934  N N   . THR A 1 128 ? -0.469  -6.313  -11.832 1.00 15.94 ? 128 THR A N   1 
ATOM   935  C CA  . THR A 1 128 ? -0.643  -7.465  -12.723 1.00 17.71 ? 128 THR A CA  1 
ATOM   936  C C   . THR A 1 128 ? 0.649   -8.298  -12.847 1.00 17.41 ? 128 THR A C   1 
ATOM   937  O O   . THR A 1 128 ? 0.612   -9.542  -12.835 1.00 18.12 ? 128 THR A O   1 
ATOM   938  C CB  . THR A 1 128 ? -1.197  -7.047  -14.105 1.00 18.31 ? 128 THR A CB  1 
ATOM   939  O OG1 . THR A 1 128 ? -0.246  -6.226  -14.779 1.00 21.01 ? 128 THR A OG1 1 
ATOM   940  C CG2 . THR A 1 128 ? -2.472  -6.223  -13.949 1.00 19.21 ? 128 THR A CG2 1 
ATOM   941  N N   . ALA A 1 129 ? 1.796   -7.629  -12.942 1.00 17.03 ? 129 ALA A N   1 
ATOM   942  C CA  . ALA A 1 129 ? 3.065   -8.347  -13.068 1.00 17.60 ? 129 ALA A CA  1 
ATOM   943  C C   . ALA A 1 129 ? 3.344   -9.203  -11.824 1.00 18.12 ? 129 ALA A C   1 
ATOM   944  O O   . ALA A 1 129 ? 3.764   -10.351 -11.936 1.00 17.37 ? 129 ALA A O   1 
ATOM   945  C CB  . ALA A 1 129 ? 4.225   -7.361  -13.325 1.00 17.47 ? 129 ALA A CB  1 
ATOM   946  N N   . ILE A 1 130 ? 3.110   -8.638  -10.643 1.00 18.29 ? 130 ILE A N   1 
ATOM   947  C CA  . ILE A 1 130 ? 3.422   -9.372  -9.409  1.00 19.69 ? 130 ILE A CA  1 
ATOM   948  C C   . ILE A 1 130 ? 2.516   -10.589 -9.202  1.00 20.07 ? 130 ILE A C   1 
ATOM   949  O O   . ILE A 1 130 ? 2.954   -11.621 -8.705  1.00 20.89 ? 130 ILE A O   1 
ATOM   950  C CB  . ILE A 1 130 ? 3.445   -8.445  -8.147  1.00 19.91 ? 130 ILE A CB  1 
ATOM   951  C CG1 . ILE A 1 130 ? 4.464   -8.961  -7.136  1.00 21.94 ? 130 ILE A CG1 1 
ATOM   952  C CG2 . ILE A 1 130 ? 2.066   -8.291  -7.517  1.00 20.98 ? 130 ILE A CG2 1 
ATOM   953  C CD1 . ILE A 1 130 ? 5.902   -8.729  -7.570  1.00 24.73 ? 130 ILE A CD1 1 
ATOM   954  N N   . LEU A 1 131 ? 1.255   -10.471 -9.594  1.00 19.84 ? 131 LEU A N   1 
ATOM   955  C CA  . LEU A 1 131 ? 0.341   -11.604 -9.465  1.00 20.45 ? 131 LEU A CA  1 
ATOM   956  C C   . LEU A 1 131 ? 0.652   -12.658 -10.524 1.00 21.37 ? 131 LEU A C   1 
ATOM   957  O O   . LEU A 1 131 ? 0.486   -13.852 -10.288 1.00 22.40 ? 131 LEU A O   1 
ATOM   958  C CB  . LEU A 1 131 ? -1.117  -11.151 -9.550  1.00 19.91 ? 131 LEU A CB  1 
ATOM   959  C CG  . LEU A 1 131 ? -1.595  -10.290 -8.375  1.00 19.77 ? 131 LEU A CG  1 
ATOM   960  C CD1 . LEU A 1 131 ? -2.948  -9.640  -8.695  1.00 21.18 ? 131 LEU A CD1 1 
ATOM   961  C CD2 . LEU A 1 131 ? -1.680  -11.102 -7.081  1.00 22.07 ? 131 LEU A CD2 1 
ATOM   962  N N   . ASP A 1 132 ? 1.137   -12.226 -11.681 1.00 21.90 ? 132 ASP A N   1 
ATOM   963  C CA  . ASP A 1 132 ? 1.486   -13.164 -12.750 1.00 23.28 ? 132 ASP A CA  1 
ATOM   964  C C   . ASP A 1 132 ? 2.678   -14.045 -12.365 1.00 24.96 ? 132 ASP A C   1 
ATOM   965  O O   . ASP A 1 132 ? 2.757   -15.208 -12.766 1.00 25.63 ? 132 ASP A O   1 
ATOM   966  C CB  . ASP A 1 132 ? 1.781   -12.414 -14.047 1.00 22.77 ? 132 ASP A CB  1 
ATOM   967  C CG  . ASP A 1 132 ? 2.259   -13.332 -15.163 1.00 23.52 ? 132 ASP A CG  1 
ATOM   968  O OD1 . ASP A 1 132 ? 1.422   -13.964 -15.830 1.00 21.82 ? 132 ASP A OD1 1 
ATOM   969  O OD2 . ASP A 1 132 ? 3.484   -13.396 -15.413 1.00 25.88 ? 132 ASP A OD2 1 
ATOM   970  N N   . SER A 1 133 ? 3.601   -13.487 -11.589 1.00 26.49 ? 133 SER A N   1 
ATOM   971  C CA  . SER A 1 133 ? 4.839   -14.193 -11.247 1.00 28.81 ? 133 SER A CA  1 
ATOM   972  C C   . SER A 1 133 ? 4.717   -15.050 -9.976  1.00 29.65 ? 133 SER A C   1 
ATOM   973  O O   . SER A 1 133 ? 5.715   -15.617 -9.513  1.00 30.33 ? 133 SER A O   1 
ATOM   974  C CB  . SER A 1 133 ? 6.005   -13.205 -11.137 1.00 29.27 ? 133 SER A CB  1 
ATOM   975  O OG  . SER A 1 133 ? 5.885   -12.456 -9.950  1.00 32.69 ? 133 SER A OG  1 
ATOM   976  N N   . LEU A 1 134 ? 3.512   -15.153 -9.410  1.00 30.33 ? 134 LEU A N   1 
ATOM   977  C CA  . LEU A 1 134 ? 3.275   -16.069 -8.285  1.00 31.23 ? 134 LEU A CA  1 
ATOM   978  C C   . LEU A 1 134 ? 3.529   -17.510 -8.733  1.00 32.09 ? 134 LEU A C   1 
ATOM   979  O O   . LEU A 1 134 ? 3.223   -17.865 -9.878  1.00 32.34 ? 134 LEU A O   1 
ATOM   980  C CB  . LEU A 1 134 ? 1.842   -15.946 -7.762  1.00 31.03 ? 134 LEU A CB  1 
ATOM   981  C CG  . LEU A 1 134 ? 1.410   -14.717 -6.959  1.00 31.28 ? 134 LEU A CG  1 
ATOM   982  C CD1 . LEU A 1 134 ? -0.118  -14.635 -6.942  1.00 31.09 ? 134 LEU A CD1 1 
ATOM   983  C CD2 . LEU A 1 134 ? 1.964   -14.760 -5.546  1.00 31.10 ? 134 LEU A CD2 1 
ATOM   984  N N   . PRO A 1 135 ? 4.101   -18.348 -7.842  1.00 32.48 ? 135 PRO A N   1 
ATOM   985  C CA  . PRO A 1 135 ? 4.267   -19.759 -8.198  1.00 32.89 ? 135 PRO A CA  1 
ATOM   986  C C   . PRO A 1 135 ? 2.902   -20.455 -8.289  1.00 32.85 ? 135 PRO A C   1 
ATOM   987  O O   . PRO A 1 135 ? 1.939   -19.990 -7.660  1.00 32.59 ? 135 PRO A O   1 
ATOM   988  C CB  . PRO A 1 135 ? 5.082   -20.319 -7.025  1.00 32.87 ? 135 PRO A CB  1 
ATOM   989  C CG  . PRO A 1 135 ? 4.749   -19.434 -5.885  1.00 33.05 ? 135 PRO A CG  1 
ATOM   990  C CD  . PRO A 1 135 ? 4.605   -18.065 -6.485  1.00 32.63 ? 135 PRO A CD  1 
ATOM   991  N N   . PRO A 1 136 ? 2.812   -21.555 -9.073  1.00 33.14 ? 136 PRO A N   1 
ATOM   992  C CA  . PRO A 1 136 ? 1.540   -22.284 -9.212  1.00 33.33 ? 136 PRO A CA  1 
ATOM   993  C C   . PRO A 1 136 ? 0.896   -22.630 -7.864  1.00 33.26 ? 136 PRO A C   1 
ATOM   994  O O   . PRO A 1 136 ? -0.329  -22.668 -7.765  1.00 33.32 ? 136 PRO A O   1 
ATOM   995  C CB  . PRO A 1 136 ? 1.930   -23.564 -9.976  1.00 33.18 ? 136 PRO A CB  1 
ATOM   996  C CG  . PRO A 1 136 ? 3.439   -23.579 -10.030 1.00 33.81 ? 136 PRO A CG  1 
ATOM   997  C CD  . PRO A 1 136 ? 3.883   -22.160 -9.888  1.00 33.23 ? 136 PRO A CD  1 
ATOM   998  N N   . SER A 1 137 ? 1.715   -22.845 -6.832  1.00 33.39 ? 137 SER A N   1 
ATOM   999  C CA  . SER A 1 137 ? 1.206   -23.148 -5.488  1.00 33.40 ? 137 SER A CA  1 
ATOM   1000 C C   . SER A 1 137 ? 0.492   -21.969 -4.828  1.00 33.48 ? 137 SER A C   1 
ATOM   1001 O O   . SER A 1 137 ? -0.329  -22.154 -3.920  1.00 33.23 ? 137 SER A O   1 
ATOM   1002 C CB  . SER A 1 137 ? 2.339   -23.642 -4.581  1.00 33.61 ? 137 SER A CB  1 
ATOM   1003 O OG  . SER A 1 137 ? 3.366   -22.664 -4.466  1.00 33.65 ? 137 SER A OG  1 
ATOM   1004 N N   . ASP A 1 138 ? 0.794   -20.758 -5.286  1.00 33.68 ? 138 ASP A N   1 
ATOM   1005 C CA  . ASP A 1 138 ? 0.226   -19.553 -4.681  1.00 34.30 ? 138 ASP A CA  1 
ATOM   1006 C C   . ASP A 1 138 ? -0.855  -18.873 -5.509  1.00 34.30 ? 138 ASP A C   1 
ATOM   1007 O O   . ASP A 1 138 ? -1.515  -17.948 -5.028  1.00 34.54 ? 138 ASP A O   1 
ATOM   1008 C CB  . ASP A 1 138 ? 1.331   -18.550 -4.338  1.00 34.40 ? 138 ASP A CB  1 
ATOM   1009 C CG  . ASP A 1 138 ? 2.052   -18.910 -3.058  1.00 35.28 ? 138 ASP A CG  1 
ATOM   1010 O OD1 . ASP A 1 138 ? 1.380   -19.364 -2.104  1.00 37.21 ? 138 ASP A OD1 1 
ATOM   1011 O OD2 . ASP A 1 138 ? 3.288   -18.739 -3.009  1.00 36.63 ? 138 ASP A OD2 1 
ATOM   1012 N N   . LYS A 1 139 ? -1.030  -19.329 -6.745  1.00 34.18 ? 139 LYS A N   1 
ATOM   1013 C CA  . LYS A 1 139 ? -2.065  -18.789 -7.623  1.00 34.20 ? 139 LYS A CA  1 
ATOM   1014 C C   . LYS A 1 139 ? -3.421  -19.396 -7.275  1.00 34.79 ? 139 LYS A C   1 
ATOM   1015 O O   . LYS A 1 139 ? -3.496  -20.487 -6.692  1.00 35.22 ? 139 LYS A O   1 
ATOM   1016 C CB  . LYS A 1 139 ? -1.706  -19.012 -9.100  1.00 34.11 ? 139 LYS A CB  1 
ATOM   1017 C CG  . LYS A 1 139 ? -0.666  -18.031 -9.619  1.00 33.63 ? 139 LYS A CG  1 
ATOM   1018 C CD  . LYS A 1 139 ? -0.397  -18.194 -11.105 1.00 32.96 ? 139 LYS A CD  1 
ATOM   1019 C CE  . LYS A 1 139 ? 0.489   -17.067 -11.637 1.00 29.42 ? 139 LYS A CE  1 
ATOM   1020 N NZ  . LYS A 1 139 ? 0.550   -17.020 -13.136 1.00 26.28 ? 139 LYS A NZ  1 
ATOM   1021 O OXT . LYS A 1 139 ? -4.468  -18.794 -7.545  1.00 34.91 ? 139 LYS A OXT 1 
HETATM 1022 P P   . PO4 B 2 .   ? -10.284 -3.825  8.950   1.00 27.80 ? 140 PO4 A P   1 
HETATM 1023 O O1  . PO4 B 2 .   ? -9.447  -4.699  9.861   1.00 28.27 ? 140 PO4 A O1  1 
HETATM 1024 O O2  . PO4 B 2 .   ? -9.420  -3.192  7.900   1.00 25.90 ? 140 PO4 A O2  1 
HETATM 1025 O O3  . PO4 B 2 .   ? -11.331 -4.735  8.332   1.00 28.63 ? 140 PO4 A O3  1 
HETATM 1026 O O4  . PO4 B 2 .   ? -10.976 -2.719  9.716   1.00 28.39 ? 140 PO4 A O4  1 
HETATM 1027 O O   . HOH C 3 .   ? -9.246  12.592  6.424   1.00 27.66 ? 141 HOH A O   1 
HETATM 1028 O O   . HOH C 3 .   ? 4.774   4.666   15.080  1.00 35.70 ? 142 HOH A O   1 
HETATM 1029 O O   . HOH C 3 .   ? 3.935   -18.869 4.096   1.00 33.38 ? 143 HOH A O   1 
HETATM 1030 O O   . HOH C 3 .   ? -3.604  13.473  15.000  1.00 49.02 ? 144 HOH A O   1 
HETATM 1031 O O   . HOH C 3 .   ? 2.043   10.219  18.512  1.00 59.98 ? 145 HOH A O   1 
HETATM 1032 O O   . HOH C 3 .   ? 15.337  13.029  11.870  1.00 59.38 ? 146 HOH A O   1 
HETATM 1033 O O   . HOH C 3 .   ? -14.042 5.195   -1.178  1.00 27.35 ? 147 HOH A O   1 
HETATM 1034 O O   . HOH C 3 .   ? 1.729   18.101  14.592  1.00 63.37 ? 148 HOH A O   1 
HETATM 1035 O O   . HOH C 3 .   ? -5.716  5.231   -0.818  1.00 24.56 ? 149 HOH A O   1 
HETATM 1036 O O   . HOH C 3 .   ? 7.036   -6.292  14.537  1.00 31.70 ? 150 HOH A O   1 
HETATM 1037 O O   . HOH C 3 .   ? -1.405  10.299  18.621  1.00 45.50 ? 151 HOH A O   1 
HETATM 1038 O O   . HOH C 3 .   ? -5.816  7.948   9.325   1.00 25.83 ? 152 HOH A O   1 
HETATM 1039 O O   . HOH C 3 .   ? -0.132  -1.739  18.566  1.00 21.06 ? 153 HOH A O   1 
HETATM 1040 O O   . HOH C 3 .   ? 1.455   20.462  5.407   1.00 51.98 ? 154 HOH A O   1 
HETATM 1041 O O   . HOH C 3 .   ? 2.562   3.391   17.872  1.00 37.34 ? 155 HOH A O   1 
HETATM 1042 O O   . HOH C 3 .   ? -17.364 4.996   0.274   1.00 34.23 ? 156 HOH A O   1 
HETATM 1043 O O   . HOH C 3 .   ? 5.339   11.665  9.565   1.00 37.62 ? 157 HOH A O   1 
HETATM 1044 O O   . HOH C 3 .   ? 9.281   -5.932  7.245   1.00 31.83 ? 158 HOH A O   1 
HETATM 1045 O O   . HOH C 3 .   ? -3.717  12.112  9.970   1.00 24.41 ? 159 HOH A O   1 
HETATM 1046 O O   . HOH C 3 .   ? 0.882   10.316  15.971  1.00 38.44 ? 160 HOH A O   1 
HETATM 1047 O O   . HOH C 3 .   ? -5.512  -2.146  16.258  1.00 23.50 ? 161 HOH A O   1 
HETATM 1048 O O   . HOH C 3 .   ? 2.022   8.057   -17.250 1.00 31.15 ? 162 HOH A O   1 
HETATM 1049 O O   . HOH C 3 .   ? 10.956  4.396   0.777   1.00 30.82 ? 163 HOH A O   1 
HETATM 1050 O O   . HOH C 3 .   ? -1.743  5.311   9.958   1.00 41.16 ? 164 HOH A O   1 
HETATM 1051 O O   . HOH C 3 .   ? 4.718   7.276   15.780  1.00 42.09 ? 165 HOH A O   1 
HETATM 1052 O O   . HOH C 3 .   ? 3.300   -11.024 4.705   1.00 15.04 ? 166 HOH A O   1 
HETATM 1053 O O   . HOH C 3 .   ? -4.819  14.660  13.204  1.00 40.25 ? 167 HOH A O   1 
HETATM 1054 O O   . HOH C 3 .   ? -1.204  13.021  14.023  1.00 34.43 ? 168 HOH A O   1 
HETATM 1055 O O   . HOH C 3 .   ? -13.109 0.108   5.801   1.00 28.79 ? 169 HOH A O   1 
HETATM 1056 O O   . HOH C 3 .   ? 3.035   12.120  14.230  1.00 39.00 ? 170 HOH A O   1 
HETATM 1057 O O   . HOH C 3 .   ? 6.882   -5.219  12.323  1.00 35.86 ? 171 HOH A O   1 
HETATM 1058 O O   . HOH C 3 .   ? -5.793  -13.023 3.639   1.00 33.99 ? 172 HOH A O   1 
HETATM 1059 O O   . HOH C 3 .   ? -5.835  11.163  14.470  1.00 31.36 ? 173 HOH A O   1 
HETATM 1060 O O   . HOH C 3 .   ? -10.503 -9.144  5.096   1.00 42.63 ? 174 HOH A O   1 
HETATM 1061 O O   . HOH C 3 .   ? -20.856 5.761   -1.532  1.00 39.20 ? 175 HOH A O   1 
HETATM 1062 O O   . HOH C 3 .   ? -11.947 -0.567  3.446   1.00 7.80  ? 176 HOH A O   1 
HETATM 1063 O O   . HOH C 3 .   ? 6.252   -17.594 4.618   1.00 16.09 ? 177 HOH A O   1 
HETATM 1064 O O   . HOH C 3 .   ? 9.847   6.986   -0.042  1.00 22.92 ? 178 HOH A O   1 
HETATM 1065 O O   . HOH C 3 .   ? -2.284  11.481  16.048  1.00 34.92 ? 179 HOH A O   1 
HETATM 1066 O O   . HOH C 3 .   ? -4.781  7.082   14.185  1.00 25.69 ? 180 HOH A O   1 
HETATM 1067 O O   . HOH C 3 .   ? -8.546  12.385  8.938   1.00 26.22 ? 181 HOH A O   1 
HETATM 1068 O O   . HOH C 3 .   ? -5.544  1.462   12.602  1.00 25.55 ? 182 HOH A O   1 
HETATM 1069 O O   . HOH C 3 .   ? -10.957 1.932   8.508   1.00 26.77 ? 183 HOH A O   1 
HETATM 1070 O O   . HOH C 3 .   ? -9.553  -0.215  7.624   1.00 20.35 ? 184 HOH A O   1 
HETATM 1071 O O   . HOH C 3 .   ? -8.379  11.990  -6.193  1.00 21.29 ? 185 HOH A O   1 
HETATM 1072 O O   . HOH C 3 .   ? 3.878   -15.488 2.148   1.00 21.78 ? 186 HOH A O   1 
HETATM 1073 O O   . HOH C 3 .   ? 4.162   -8.909  3.197   1.00 15.98 ? 187 HOH A O   1 
HETATM 1074 O O   . HOH C 3 .   ? 3.211   -12.620 2.377   1.00 15.54 ? 188 HOH A O   1 
HETATM 1075 O O   . HOH C 3 .   ? -1.729  12.392  7.064   1.00 20.44 ? 189 HOH A O   1 
HETATM 1076 O O   . HOH C 3 .   ? -14.011 1.908   -6.023  1.00 33.79 ? 190 HOH A O   1 
HETATM 1077 O O   . HOH C 3 .   ? -9.065  22.474  12.026  1.00 41.61 ? 191 HOH A O   1 
HETATM 1078 O O   . HOH C 3 .   ? -8.255  11.436  -9.102  1.00 44.00 ? 192 HOH A O   1 
HETATM 1079 O O   . HOH C 3 .   ? 5.890   -9.161  -16.053 1.00 35.38 ? 193 HOH A O   1 
HETATM 1080 O O   . HOH C 3 .   ? 7.161   -1.412  -13.153 1.00 21.99 ? 194 HOH A O   1 
HETATM 1081 O O   . HOH C 3 .   ? 13.492  0.446   -0.807  1.00 26.05 ? 195 HOH A O   1 
HETATM 1082 O O   . HOH C 3 .   ? 14.162  -0.116  -4.817  1.00 25.76 ? 196 HOH A O   1 
HETATM 1083 O O   . HOH C 3 .   ? 12.030  -3.249  -6.283  1.00 35.31 ? 197 HOH A O   1 
HETATM 1084 O O   . HOH C 3 .   ? -15.670 -1.876  -7.889  1.00 26.96 ? 198 HOH A O   1 
HETATM 1085 O O   . HOH C 3 .   ? -20.871 -5.935  -6.985  1.00 24.63 ? 199 HOH A O   1 
HETATM 1086 O O   . HOH C 3 .   ? 14.119  0.400   2.177   1.00 50.63 ? 200 HOH A O   1 
HETATM 1087 O O   . HOH C 3 .   ? -7.861  -6.368  -2.142  1.00 17.05 ? 201 HOH A O   1 
HETATM 1088 O O   . HOH C 3 .   ? 6.502   8.227   -10.035 1.00 21.43 ? 202 HOH A O   1 
HETATM 1089 O O   . HOH C 3 .   ? -7.165  -5.706  0.504   1.00 16.68 ? 203 HOH A O   1 
HETATM 1090 O O   . HOH C 3 .   ? -1.295  -12.220 -3.490  1.00 18.71 ? 204 HOH A O   1 
HETATM 1091 O O   . HOH C 3 .   ? -7.195  -8.123  2.275   1.00 33.73 ? 205 HOH A O   1 
HETATM 1092 O O   . HOH C 3 .   ? -13.653 -11.517 -0.180  1.00 37.10 ? 206 HOH A O   1 
HETATM 1093 O O   . HOH C 3 .   ? -9.827  -8.043  -0.227  1.00 29.31 ? 207 HOH A O   1 
HETATM 1094 O O   . HOH C 3 .   ? -3.143  -23.337 -7.837  1.00 26.29 ? 208 HOH A O   1 
HETATM 1095 O O   . HOH C 3 .   ? -0.054  11.709  -11.491 1.00 23.56 ? 209 HOH A O   1 
HETATM 1096 O O   . HOH C 3 .   ? -5.501  11.479  -12.755 1.00 55.49 ? 210 HOH A O   1 
HETATM 1097 O O   . HOH C 3 .   ? -1.451  0.458   -17.057 1.00 35.28 ? 211 HOH A O   1 
HETATM 1098 O O   . HOH C 3 .   ? -9.146  7.731   -10.825 1.00 45.54 ? 212 HOH A O   1 
HETATM 1099 O O   . HOH C 3 .   ? 3.178   5.144   -16.287 1.00 32.20 ? 213 HOH A O   1 
HETATM 1100 O O   . HOH C 3 .   ? 4.514   -16.233 -14.732 1.00 34.50 ? 214 HOH A O   1 
HETATM 1101 O O   . HOH C 3 .   ? -3.560  7.156   -1.235  1.00 22.72 ? 215 HOH A O   1 
HETATM 1102 O O   . HOH C 3 .   ? -6.125  -5.917  -16.046 1.00 31.98 ? 216 HOH A O   1 
HETATM 1103 O O   . HOH C 3 .   ? -22.008 -3.725  -6.142  1.00 34.25 ? 217 HOH A O   1 
HETATM 1104 O O   . HOH C 3 .   ? -18.526 -1.431  -8.542  1.00 35.89 ? 218 HOH A O   1 
HETATM 1105 O O   . HOH C 3 .   ? -17.511 -4.814  -1.594  1.00 41.01 ? 219 HOH A O   1 
HETATM 1106 O O   . HOH C 3 .   ? -17.512 -3.328  -6.111  1.00 39.80 ? 220 HOH A O   1 
HETATM 1107 O O   . HOH C 3 .   ? -20.017 -1.377  -6.188  1.00 44.49 ? 221 HOH A O   1 
HETATM 1108 O O   . HOH C 3 .   ? -14.241 -6.573  1.725   1.00 34.57 ? 222 HOH A O   1 
HETATM 1109 O O   . HOH C 3 .   ? -15.898 1.947   0.232   1.00 34.86 ? 223 HOH A O   1 
HETATM 1110 O O   . HOH C 3 .   ? -14.357 -4.144  2.182   1.00 28.61 ? 224 HOH A O   1 
HETATM 1111 O O   . HOH C 3 .   ? -1.578  -14.973 -3.609  1.00 36.87 ? 225 HOH A O   1 
HETATM 1112 O O   . HOH C 3 .   ? 0.122   18.746  -1.656  1.00 27.38 ? 226 HOH A O   1 
HETATM 1113 O O   . HOH C 3 .   ? 9.605   -3.117  10.247  1.00 37.47 ? 227 HOH A O   1 
HETATM 1114 O O   . HOH C 3 .   ? 6.396   -0.984  -16.813 1.00 32.03 ? 228 HOH A O   1 
HETATM 1115 O O   . HOH C 3 .   ? 5.374   6.371   -17.324 1.00 20.16 ? 229 HOH A O   1 
HETATM 1116 O O   . HOH C 3 .   ? -1.303  8.729   -13.055 1.00 29.23 ? 230 HOH A O   1 
HETATM 1117 O O   . HOH C 3 .   ? -12.711 -8.350  0.627   1.00 34.90 ? 231 HOH A O   1 
HETATM 1118 O O   . HOH C 3 .   ? -12.112 -5.581  3.045   1.00 40.53 ? 232 HOH A O   1 
HETATM 1119 O O   . HOH C 3 .   ? -13.293 -8.316  8.232   1.00 50.35 ? 233 HOH A O   1 
HETATM 1120 O O   . HOH C 3 .   ? -11.297 -3.250  3.986   1.00 30.00 ? 234 HOH A O   1 
HETATM 1121 O O   . HOH C 3 .   ? 2.757   10.382  -12.559 1.00 36.97 ? 235 HOH A O   1 
HETATM 1122 O O   . HOH C 3 .   ? -18.277 4.185   -1.866  1.00 30.66 ? 236 HOH A O   1 
HETATM 1123 O O   . HOH C 3 .   ? -15.246 -3.377  -0.523  1.00 28.27 ? 237 HOH A O   1 
HETATM 1124 O O   . HOH C 3 .   ? -14.466 0.473   3.170   1.00 33.60 ? 238 HOH A O   1 
HETATM 1125 O O   . HOH C 3 .   ? -15.784 -1.926  1.717   1.00 32.41 ? 239 HOH A O   1 
HETATM 1126 O O   . HOH C 3 .   ? -12.067 -10.272 2.445   1.00 43.58 ? 240 HOH A O   1 
HETATM 1127 O O   . HOH C 3 .   ? -7.661  -8.477  -0.323  1.00 26.38 ? 241 HOH A O   1 
HETATM 1128 O O   . HOH C 3 .   ? -10.030 -7.147  2.273   1.00 30.74 ? 242 HOH A O   1 
HETATM 1129 O O   . HOH C 3 .   ? 0.625   1.711   17.487  1.00 24.05 ? 243 HOH A O   1 
HETATM 1130 O O   . HOH C 3 .   ? 6.067   -4.119  15.920  1.00 34.56 ? 244 HOH A O   1 
HETATM 1131 O O   . HOH C 3 .   ? 7.799   -4.813  9.249   1.00 31.58 ? 245 HOH A O   1 
HETATM 1132 O O   . HOH C 3 .   ? -7.906  -9.278  4.460   1.00 33.51 ? 246 HOH A O   1 
HETATM 1133 O O   . HOH C 3 .   ? 2.965   -19.129 1.448   1.00 37.23 ? 247 HOH A O   1 
HETATM 1134 O O   . HOH C 3 .   ? -12.867 4.487   -6.223  1.00 28.29 ? 248 HOH A O   1 
HETATM 1135 O O   . HOH C 3 .   ? -13.876 -3.721  -8.421  1.00 28.74 ? 249 HOH A O   1 
HETATM 1136 O O   . HOH C 3 .   ? -8.579  -3.038  -13.372 1.00 36.97 ? 250 HOH A O   1 
HETATM 1137 O O   . HOH C 3 .   ? 2.131   -5.919  -16.113 1.00 26.25 ? 251 HOH A O   1 
HETATM 1138 O O   . HOH C 3 .   ? 5.237   -12.570 -7.621  1.00 42.49 ? 252 HOH A O   1 
HETATM 1139 O O   . HOH C 3 .   ? 5.217   -11.383 -14.397 1.00 29.26 ? 253 HOH A O   1 
HETATM 1140 O O   . HOH C 3 .   ? -2.783  19.740  -1.345  1.00 34.42 ? 254 HOH A O   1 
HETATM 1141 O O   . HOH C 3 .   ? -18.900 -5.587  -3.652  1.00 32.66 ? 255 HOH A O   1 
# 
